data_5JZ7
#
_entry.id   5JZ7
#
_cell.length_a   182.085
_cell.length_b   182.085
_cell.length_c   109.832
_cell.angle_alpha   90.00
_cell.angle_beta   90.00
_cell.angle_gamma   90.00
#
_symmetry.space_group_name_H-M   'I 4'
#
loop_
_entity.id
_entity.type
_entity.pdbx_description
1 polymer 'Beta-nerve growth factor'
2 polymer 'MEDI578 scFv, heavy chain'
3 polymer 'MEDI578 scFv, light chain'
#
loop_
_entity_poly.entity_id
_entity_poly.type
_entity_poly.pdbx_seq_one_letter_code
_entity_poly.pdbx_strand_id
1 'polypeptide(L)'
;FHRGEFSVCDSVSVWVGDKTTATDIKGKEVMVLGEVNINNSVFKQYFFETKCRDPNPVDSGCRGIDSKHWNSYCTTTHTF
VKALTMDGKQAAWRFIRIDTACVCVLSRKA
;
A,B,E,F
2 'polypeptide(L)'
;MAQVQLVQSGAEVKKPGSSVKVSCKASGGTFSTYGISWVRQAPGQGLEWMGGIIPIFDTGNSAQSFQGRVTITADESTST
AYMELSSLRSEDTAVYYCARSSRIYDLNPSLTAYYDMDVWGQGTMVTVSS
;
C,G,H,J
3 'polypeptide(L)'
;SAQSVLTQPPSVSAAPGQKVTISCSGSSSNIGNNYVSWYQQLPGTAPKLLIYDNNKRPSGIPDRFSGSKSGTSATLGITG
LQTGDEADYYCGTWDSSLSAWVFGGGTKLTVLGAAAENLYFQ
;
D,I,K,L
#
# COMPACT_ATOMS: atom_id res chain seq x y z
N PHE A 1 -39.43 -1.83 -18.38
CA PHE A 1 -39.95 -1.68 -17.03
C PHE A 1 -39.12 -0.70 -16.20
N HIS A 2 -39.71 -0.13 -15.13
CA HIS A 2 -39.04 0.77 -14.20
C HIS A 2 -39.06 0.21 -12.78
N ARG A 3 -40.27 0.00 -12.21
CA ARG A 3 -40.45 -0.54 -10.87
C ARG A 3 -40.13 -2.03 -10.82
N GLY A 4 -39.06 -2.37 -10.10
CA GLY A 4 -38.62 -3.75 -9.93
C GLY A 4 -39.16 -4.36 -8.67
N GLU A 5 -39.16 -5.71 -8.61
CA GLU A 5 -39.64 -6.47 -7.46
C GLU A 5 -38.68 -6.34 -6.28
N PHE A 6 -37.37 -6.53 -6.55
CA PHE A 6 -36.27 -6.46 -5.58
C PHE A 6 -34.94 -6.28 -6.30
N SER A 7 -33.92 -5.78 -5.59
CA SER A 7 -32.57 -5.61 -6.12
C SER A 7 -31.78 -6.90 -5.94
N VAL A 8 -30.61 -7.01 -6.59
CA VAL A 8 -29.70 -8.17 -6.49
C VAL A 8 -29.18 -8.33 -5.05
N CYS A 9 -29.09 -7.21 -4.32
CA CYS A 9 -28.65 -7.11 -2.93
C CYS A 9 -29.61 -6.21 -2.17
N ASP A 10 -30.00 -6.64 -0.95
CA ASP A 10 -30.93 -5.92 -0.10
C ASP A 10 -30.23 -4.87 0.76
N SER A 11 -30.71 -3.61 0.67
CA SER A 11 -30.16 -2.46 1.39
C SER A 11 -30.97 -2.10 2.65
N VAL A 12 -30.34 -1.35 3.57
CA VAL A 12 -30.95 -0.89 4.82
C VAL A 12 -30.43 0.53 5.16
N SER A 13 -31.29 1.55 4.96
CA SER A 13 -30.99 2.96 5.19
C SER A 13 -31.37 3.39 6.61
N VAL A 14 -30.41 3.97 7.36
CA VAL A 14 -30.61 4.43 8.74
C VAL A 14 -30.04 5.85 8.91
N TRP A 15 -30.85 6.78 9.46
CA TRP A 15 -30.43 8.14 9.75
C TRP A 15 -29.64 8.09 11.07
N VAL A 16 -28.32 8.35 10.99
CA VAL A 16 -27.43 8.30 12.16
C VAL A 16 -27.10 9.69 12.69
N GLY A 17 -27.43 9.92 13.96
CA GLY A 17 -27.16 11.16 14.67
C GLY A 17 -26.28 10.96 15.89
N ASP A 18 -25.98 9.69 16.20
CA ASP A 18 -25.17 9.27 17.34
C ASP A 18 -23.73 8.85 16.93
N LYS A 19 -23.14 9.57 15.95
CA LYS A 19 -21.80 9.29 15.46
C LYS A 19 -20.74 9.92 16.36
N THR A 20 -19.80 9.10 16.84
CA THR A 20 -18.71 9.52 17.73
C THR A 20 -17.33 9.40 17.08
N THR A 21 -17.12 8.32 16.30
CA THR A 21 -15.86 8.03 15.60
C THR A 21 -16.11 7.57 14.17
N ALA A 22 -15.20 7.96 13.25
CA ALA A 22 -15.26 7.60 11.84
C ALA A 22 -13.87 7.62 11.20
N THR A 23 -13.71 6.86 10.10
CA THR A 23 -12.47 6.78 9.33
C THR A 23 -12.49 7.93 8.32
N ASP A 24 -11.45 8.79 8.34
CA ASP A 24 -11.35 9.93 7.42
C ASP A 24 -10.98 9.48 6.00
N ILE A 25 -11.00 10.43 5.04
CA ILE A 25 -10.72 10.24 3.62
C ILE A 25 -9.41 9.45 3.35
N LYS A 26 -8.37 9.65 4.18
CA LYS A 26 -7.07 8.99 4.04
C LYS A 26 -7.01 7.61 4.69
N GLY A 27 -7.58 7.48 5.89
CA GLY A 27 -7.60 6.24 6.65
C GLY A 27 -7.51 6.43 8.15
N LYS A 28 -7.14 7.66 8.57
CA LYS A 28 -6.99 8.06 9.98
C LYS A 28 -8.34 8.04 10.71
N GLU A 29 -8.38 7.44 11.90
CA GLU A 29 -9.59 7.37 12.73
C GLU A 29 -9.74 8.72 13.42
N VAL A 30 -10.82 9.45 13.09
CA VAL A 30 -11.08 10.78 13.64
C VAL A 30 -12.33 10.82 14.53
N MET A 31 -12.31 11.74 15.50
CA MET A 31 -13.36 11.99 16.49
C MET A 31 -14.42 12.90 15.87
N VAL A 32 -15.68 12.44 15.80
CA VAL A 32 -16.80 13.19 15.20
C VAL A 32 -17.58 13.95 16.28
N LEU A 33 -17.77 15.25 16.05
CA LEU A 33 -18.53 16.13 16.96
C LEU A 33 -20.02 16.02 16.64
N GLY A 34 -20.84 15.92 17.69
CA GLY A 34 -22.28 15.76 17.58
C GLY A 34 -23.03 16.94 17.00
N GLU A 35 -22.51 18.17 17.18
CA GLU A 35 -23.15 19.39 16.70
C GLU A 35 -22.27 20.21 15.77
N VAL A 36 -22.92 20.97 14.85
CA VAL A 36 -22.28 21.86 13.90
C VAL A 36 -23.04 23.20 13.84
N ASN A 37 -22.34 24.31 14.15
CA ASN A 37 -22.93 25.64 14.16
C ASN A 37 -22.66 26.38 12.85
N ILE A 38 -23.73 26.91 12.24
CA ILE A 38 -23.69 27.66 10.99
C ILE A 38 -23.95 29.14 11.31
N ASN A 39 -22.94 29.78 11.96
CA ASN A 39 -22.88 31.18 12.41
C ASN A 39 -23.98 31.51 13.45
N ASN A 40 -25.24 31.64 12.99
CA ASN A 40 -26.40 31.99 13.82
C ASN A 40 -27.12 30.78 14.44
N SER A 41 -27.34 29.70 13.65
CA SER A 41 -28.07 28.51 14.12
C SER A 41 -27.19 27.27 14.24
N VAL A 42 -27.53 26.39 15.21
CA VAL A 42 -26.85 25.12 15.46
C VAL A 42 -27.65 23.94 14.86
N PHE A 43 -26.93 22.91 14.37
CA PHE A 43 -27.52 21.71 13.78
C PHE A 43 -26.87 20.46 14.32
N LYS A 44 -27.67 19.42 14.58
CA LYS A 44 -27.18 18.12 15.05
C LYS A 44 -26.64 17.38 13.83
N GLN A 45 -25.36 16.94 13.89
CA GLN A 45 -24.67 16.24 12.80
C GLN A 45 -25.35 14.91 12.47
N TYR A 46 -26.13 14.91 11.38
CA TYR A 46 -26.86 13.74 10.91
C TYR A 46 -26.26 13.21 9.62
N PHE A 47 -26.14 11.88 9.52
CA PHE A 47 -25.56 11.19 8.37
C PHE A 47 -26.48 10.09 7.87
N PHE A 48 -26.71 10.06 6.54
CA PHE A 48 -27.55 9.06 5.89
C PHE A 48 -26.71 7.86 5.48
N GLU A 49 -26.80 6.77 6.26
CA GLU A 49 -26.03 5.54 6.04
C GLU A 49 -26.87 4.39 5.54
N THR A 50 -26.47 3.81 4.40
CA THR A 50 -27.13 2.67 3.77
C THR A 50 -26.12 1.53 3.66
N LYS A 51 -26.42 0.38 4.29
CA LYS A 51 -25.54 -0.78 4.29
C LYS A 51 -26.23 -2.06 3.82
N CYS A 52 -25.49 -3.18 3.80
CA CYS A 52 -26.00 -4.49 3.39
C CYS A 52 -26.79 -5.15 4.50
N ARG A 53 -28.00 -5.63 4.17
CA ARG A 53 -28.90 -6.30 5.09
C ARG A 53 -28.33 -7.69 5.47
N ASP A 54 -27.75 -8.39 4.47
CA ASP A 54 -27.12 -9.70 4.58
C ASP A 54 -26.16 -9.92 3.40
N PRO A 55 -24.95 -10.50 3.62
CA PRO A 55 -24.02 -10.71 2.49
C PRO A 55 -24.50 -11.71 1.44
N ASN A 56 -25.27 -12.73 1.87
CA ASN A 56 -25.82 -13.75 0.99
C ASN A 56 -27.35 -13.86 1.11
N PRO A 57 -28.14 -12.99 0.41
CA PRO A 57 -29.61 -13.08 0.47
C PRO A 57 -30.16 -14.41 -0.08
N VAL A 58 -29.37 -15.04 -0.97
CA VAL A 58 -29.63 -16.33 -1.61
C VAL A 58 -28.40 -17.21 -1.26
N ASP A 59 -28.61 -18.53 -1.09
CA ASP A 59 -27.56 -19.51 -0.75
C ASP A 59 -26.32 -19.41 -1.66
N SER A 60 -26.55 -19.15 -2.97
CA SER A 60 -25.51 -18.99 -3.98
C SER A 60 -24.78 -17.63 -3.88
N GLY A 61 -25.43 -16.65 -3.27
CA GLY A 61 -24.89 -15.30 -3.11
C GLY A 61 -25.93 -14.23 -3.34
N CYS A 62 -25.78 -13.42 -4.40
CA CYS A 62 -26.75 -12.37 -4.71
C CYS A 62 -27.97 -12.96 -5.41
N ARG A 63 -29.08 -12.22 -5.41
CA ARG A 63 -30.33 -12.64 -6.03
C ARG A 63 -30.28 -12.51 -7.56
N GLY A 64 -30.85 -13.50 -8.24
CA GLY A 64 -30.94 -13.56 -9.69
C GLY A 64 -29.62 -13.61 -10.45
N ILE A 65 -28.62 -14.31 -9.89
CA ILE A 65 -27.28 -14.46 -10.48
C ILE A 65 -27.16 -15.83 -11.12
N ASP A 66 -26.42 -15.94 -12.25
CA ASP A 66 -26.16 -17.21 -12.93
C ASP A 66 -25.16 -18.01 -12.07
N SER A 67 -25.71 -18.67 -11.02
CA SER A 67 -25.03 -19.47 -10.00
C SER A 67 -24.03 -20.50 -10.53
N LYS A 68 -24.37 -21.13 -11.67
CA LYS A 68 -23.53 -22.16 -12.29
C LYS A 68 -22.25 -21.61 -12.93
N HIS A 69 -22.19 -20.28 -13.18
CA HIS A 69 -21.05 -19.62 -13.81
C HIS A 69 -20.39 -18.52 -12.96
N TRP A 70 -21.11 -17.95 -11.98
CA TRP A 70 -20.59 -16.84 -11.16
C TRP A 70 -20.59 -17.03 -9.65
N ASN A 71 -19.47 -16.67 -9.01
CA ASN A 71 -19.27 -16.66 -7.57
C ASN A 71 -19.62 -15.23 -7.16
N SER A 72 -20.67 -15.06 -6.35
CA SER A 72 -21.10 -13.73 -5.96
C SER A 72 -21.47 -13.57 -4.48
N TYR A 73 -21.39 -12.32 -3.99
CA TYR A 73 -21.74 -11.89 -2.63
C TYR A 73 -22.04 -10.38 -2.60
N CYS A 74 -22.78 -9.94 -1.57
CA CYS A 74 -23.16 -8.54 -1.41
C CYS A 74 -22.19 -7.75 -0.54
N THR A 75 -21.62 -6.69 -1.11
CA THR A 75 -20.65 -5.82 -0.43
C THR A 75 -21.18 -4.38 -0.28
N THR A 76 -20.72 -3.68 0.76
CA THR A 76 -21.15 -2.32 1.07
C THR A 76 -20.17 -1.28 0.49
N THR A 77 -20.68 -0.40 -0.40
CA THR A 77 -19.90 0.69 -1.00
C THR A 77 -19.87 1.91 -0.08
N HIS A 78 -18.88 2.80 -0.28
CA HIS A 78 -18.72 3.98 0.56
C HIS A 78 -18.83 5.32 -0.17
N THR A 79 -19.20 6.36 0.59
CA THR A 79 -19.26 7.75 0.13
C THR A 79 -18.45 8.62 1.10
N PHE A 80 -18.00 9.79 0.63
CA PHE A 80 -17.21 10.70 1.43
C PHE A 80 -17.92 12.02 1.64
N VAL A 81 -18.24 12.32 2.90
CA VAL A 81 -18.98 13.53 3.28
C VAL A 81 -18.23 14.37 4.31
N LYS A 82 -18.31 15.72 4.19
CA LYS A 82 -17.65 16.64 5.12
C LYS A 82 -18.37 16.59 6.46
N ALA A 83 -17.59 16.48 7.55
CA ALA A 83 -18.12 16.42 8.91
C ALA A 83 -17.23 17.18 9.87
N LEU A 84 -17.83 17.82 10.89
CA LEU A 84 -17.08 18.57 11.89
C LEU A 84 -16.37 17.60 12.82
N THR A 85 -15.08 17.34 12.53
CA THR A 85 -14.24 16.41 13.28
C THR A 85 -13.28 17.12 14.21
N MET A 86 -13.14 16.61 15.43
CA MET A 86 -12.27 17.14 16.47
C MET A 86 -10.90 16.44 16.44
N ASP A 87 -9.83 17.22 16.15
CA ASP A 87 -8.46 16.70 16.14
C ASP A 87 -7.69 17.28 17.33
N GLY A 88 -7.67 16.53 18.42
CA GLY A 88 -7.02 16.93 19.66
C GLY A 88 -7.82 17.97 20.42
N LYS A 89 -7.49 19.26 20.19
CA LYS A 89 -8.14 20.40 20.85
C LYS A 89 -8.85 21.34 19.86
N GLN A 90 -8.46 21.29 18.56
CA GLN A 90 -9.02 22.13 17.50
C GLN A 90 -10.03 21.40 16.62
N ALA A 91 -11.10 22.11 16.20
CA ALA A 91 -12.16 21.59 15.35
C ALA A 91 -11.82 21.76 13.87
N ALA A 92 -11.95 20.67 13.09
CA ALA A 92 -11.67 20.61 11.65
C ALA A 92 -12.90 20.21 10.84
N TRP A 93 -12.92 20.60 9.56
CA TRP A 93 -14.01 20.33 8.62
C TRP A 93 -13.46 19.50 7.45
N ARG A 94 -13.41 18.16 7.62
CA ARG A 94 -12.87 17.26 6.59
C ARG A 94 -13.78 16.04 6.30
N PHE A 95 -13.65 15.49 5.07
CA PHE A 95 -14.41 14.35 4.57
C PHE A 95 -14.17 13.06 5.36
N ILE A 96 -15.23 12.26 5.55
CA ILE A 96 -15.21 10.98 6.27
C ILE A 96 -15.91 9.86 5.49
N ARG A 97 -15.40 8.62 5.60
CA ARG A 97 -15.93 7.42 4.94
C ARG A 97 -17.25 7.00 5.60
N ILE A 98 -18.31 6.81 4.79
CA ILE A 98 -19.64 6.41 5.25
C ILE A 98 -20.28 5.40 4.30
N ASP A 99 -20.96 4.37 4.86
CA ASP A 99 -21.68 3.32 4.13
C ASP A 99 -22.80 3.98 3.32
N THR A 100 -22.92 3.67 2.02
CA THR A 100 -23.91 4.35 1.20
C THR A 100 -24.81 3.45 0.34
N ALA A 101 -24.39 2.19 0.05
CA ALA A 101 -25.17 1.26 -0.76
C ALA A 101 -24.72 -0.19 -0.60
N CYS A 102 -25.54 -1.13 -1.12
CA CYS A 102 -25.27 -2.55 -1.11
C CYS A 102 -25.27 -3.07 -2.54
N VAL A 103 -24.08 -3.41 -3.05
CA VAL A 103 -23.87 -3.89 -4.42
C VAL A 103 -23.39 -5.34 -4.48
N CYS A 104 -23.53 -5.99 -5.65
CA CYS A 104 -23.09 -7.35 -5.87
C CYS A 104 -21.79 -7.38 -6.66
N VAL A 105 -20.85 -8.22 -6.23
CA VAL A 105 -19.55 -8.39 -6.89
C VAL A 105 -19.42 -9.79 -7.47
N LEU A 106 -18.95 -9.88 -8.72
CA LEU A 106 -18.82 -11.15 -9.45
C LEU A 106 -17.38 -11.69 -9.51
N SER A 107 -17.26 -13.01 -9.71
CA SER A 107 -16.01 -13.76 -9.83
C SER A 107 -16.28 -15.04 -10.63
N ARG A 108 -15.43 -15.32 -11.63
CA ARG A 108 -15.56 -16.50 -12.49
C ARG A 108 -15.38 -17.82 -11.74
N LYS A 109 -16.15 -18.85 -12.15
CA LYS A 109 -16.09 -20.19 -11.57
C LYS A 109 -15.11 -21.09 -12.33
N ALA A 110 -14.41 -21.99 -11.62
CA ALA A 110 -13.44 -22.92 -12.18
C ALA A 110 -14.13 -24.04 -12.95
N PHE B 1 -14.29 -15.89 -1.46
CA PHE B 1 -13.51 -14.80 -2.06
C PHE B 1 -13.94 -13.43 -1.56
N HIS B 2 -13.05 -12.42 -1.69
CA HIS B 2 -13.32 -11.04 -1.30
C HIS B 2 -13.16 -10.11 -2.51
N ARG B 3 -11.96 -10.05 -3.10
CA ARG B 3 -11.67 -9.21 -4.26
C ARG B 3 -12.31 -9.78 -5.52
N GLY B 4 -13.26 -9.03 -6.06
CA GLY B 4 -13.99 -9.42 -7.26
C GLY B 4 -13.41 -8.83 -8.53
N GLU B 5 -13.74 -9.45 -9.66
CA GLU B 5 -13.30 -9.01 -10.99
C GLU B 5 -14.00 -7.71 -11.40
N PHE B 6 -15.34 -7.68 -11.23
CA PHE B 6 -16.22 -6.56 -11.56
C PHE B 6 -17.57 -6.70 -10.83
N SER B 7 -18.29 -5.59 -10.68
CA SER B 7 -19.62 -5.59 -10.06
C SER B 7 -20.68 -5.88 -11.13
N VAL B 8 -21.93 -6.15 -10.71
CA VAL B 8 -23.08 -6.42 -11.59
C VAL B 8 -23.41 -5.18 -12.45
N CYS B 9 -23.09 -3.99 -11.90
CA CYS B 9 -23.29 -2.68 -12.52
C CYS B 9 -22.03 -1.84 -12.34
N ASP B 10 -21.58 -1.17 -13.41
CA ASP B 10 -20.38 -0.34 -13.40
C ASP B 10 -20.66 1.08 -12.92
N SER B 11 -19.89 1.52 -11.91
CA SER B 11 -20.00 2.84 -11.28
C SER B 11 -18.96 3.84 -11.78
N VAL B 12 -19.23 5.14 -11.59
CA VAL B 12 -18.35 6.25 -11.99
C VAL B 12 -18.43 7.38 -10.93
N SER B 13 -17.37 7.50 -10.12
CA SER B 13 -17.26 8.49 -9.04
C SER B 13 -16.56 9.77 -9.52
N VAL B 14 -17.22 10.93 -9.31
CA VAL B 14 -16.71 12.25 -9.71
C VAL B 14 -16.86 13.26 -8.55
N TRP B 15 -15.76 13.95 -8.20
CA TRP B 15 -15.76 14.99 -7.17
C TRP B 15 -16.33 16.25 -7.81
N VAL B 16 -17.52 16.68 -7.35
CA VAL B 16 -18.22 17.85 -7.91
C VAL B 16 -18.09 19.07 -6.99
N GLY B 17 -17.53 20.15 -7.55
CA GLY B 17 -17.35 21.42 -6.88
C GLY B 17 -18.07 22.56 -7.58
N ASP B 18 -18.65 22.26 -8.76
CA ASP B 18 -19.38 23.22 -9.58
C ASP B 18 -20.91 23.04 -9.48
N LYS B 19 -21.40 22.75 -8.27
CA LYS B 19 -22.84 22.57 -8.01
C LYS B 19 -23.54 23.91 -7.81
N THR B 20 -24.58 24.17 -8.62
CA THR B 20 -25.37 25.40 -8.59
C THR B 20 -26.82 25.14 -8.16
N THR B 21 -27.41 24.02 -8.61
CA THR B 21 -28.80 23.62 -8.30
C THR B 21 -28.88 22.15 -7.95
N ALA B 22 -29.77 21.81 -7.01
CA ALA B 22 -30.01 20.43 -6.54
C ALA B 22 -31.41 20.26 -5.98
N THR B 23 -31.88 19.00 -5.98
CA THR B 23 -33.18 18.60 -5.44
C THR B 23 -33.00 18.44 -3.93
N ASP B 24 -33.92 18.99 -3.13
CA ASP B 24 -33.85 18.88 -1.67
C ASP B 24 -34.42 17.52 -1.20
N ILE B 25 -34.45 17.30 0.12
CA ILE B 25 -34.95 16.09 0.76
C ILE B 25 -36.43 15.77 0.38
N LYS B 26 -37.26 16.81 0.19
CA LYS B 26 -38.68 16.65 -0.15
C LYS B 26 -38.92 16.50 -1.66
N GLY B 27 -38.22 17.30 -2.46
CA GLY B 27 -38.33 17.30 -3.91
C GLY B 27 -38.14 18.67 -4.54
N LYS B 28 -38.21 19.73 -3.71
CA LYS B 28 -38.06 21.13 -4.09
C LYS B 28 -36.67 21.40 -4.65
N GLU B 29 -36.61 22.11 -5.80
CA GLU B 29 -35.35 22.48 -6.45
C GLU B 29 -34.77 23.70 -5.72
N VAL B 30 -33.57 23.53 -5.12
CA VAL B 30 -32.93 24.59 -4.34
C VAL B 30 -31.62 25.07 -4.97
N MET B 31 -31.25 26.33 -4.69
CA MET B 31 -30.04 27.00 -5.16
C MET B 31 -28.90 26.66 -4.20
N VAL B 32 -27.85 25.97 -4.70
CA VAL B 32 -26.68 25.54 -3.90
C VAL B 32 -25.55 26.58 -3.97
N LEU B 33 -25.12 27.06 -2.79
CA LEU B 33 -24.05 28.04 -2.64
C LEU B 33 -22.68 27.38 -2.83
N GLY B 34 -21.83 28.03 -3.61
CA GLY B 34 -20.49 27.55 -3.97
C GLY B 34 -19.47 27.48 -2.86
N GLU B 35 -19.64 28.28 -1.79
CA GLU B 35 -18.73 28.34 -0.64
C GLU B 35 -19.46 28.24 0.71
N VAL B 36 -18.76 27.71 1.72
CA VAL B 36 -19.25 27.58 3.10
C VAL B 36 -18.15 28.02 4.09
N ASN B 37 -18.46 29.00 4.95
CA ASN B 37 -17.51 29.55 5.91
C ASN B 37 -17.77 29.06 7.34
N ILE B 38 -16.69 28.70 8.05
CA ILE B 38 -16.73 28.22 9.45
C ILE B 38 -16.31 29.40 10.37
N ASN B 39 -17.12 30.50 10.32
CA ASN B 39 -16.98 31.77 11.05
C ASN B 39 -15.72 32.59 10.69
N ASN B 40 -14.63 31.92 10.27
CA ASN B 40 -13.36 32.54 9.87
C ASN B 40 -12.80 31.94 8.57
N SER B 41 -12.54 30.61 8.57
CA SER B 41 -12.01 29.87 7.43
C SER B 41 -13.11 29.50 6.43
N VAL B 42 -12.80 29.58 5.12
CA VAL B 42 -13.76 29.28 4.06
C VAL B 42 -13.43 27.95 3.35
N PHE B 43 -14.47 27.23 2.91
CA PHE B 43 -14.35 25.95 2.21
C PHE B 43 -15.25 25.92 0.98
N LYS B 44 -14.73 25.39 -0.14
CA LYS B 44 -15.49 25.25 -1.38
C LYS B 44 -16.37 24.02 -1.23
N GLN B 45 -17.69 24.18 -1.46
CA GLN B 45 -18.67 23.08 -1.32
C GLN B 45 -18.43 21.96 -2.33
N TYR B 46 -17.83 20.86 -1.84
CA TYR B 46 -17.52 19.69 -2.65
C TYR B 46 -18.41 18.51 -2.29
N PHE B 47 -18.89 17.79 -3.33
CA PHE B 47 -19.78 16.66 -3.19
C PHE B 47 -19.28 15.44 -3.96
N PHE B 48 -19.27 14.28 -3.30
CA PHE B 48 -18.82 13.01 -3.89
C PHE B 48 -20.01 12.29 -4.54
N GLU B 49 -20.10 12.38 -5.88
CA GLU B 49 -21.19 11.79 -6.66
C GLU B 49 -20.75 10.56 -7.46
N THR B 50 -21.47 9.44 -7.26
CA THR B 50 -21.22 8.17 -7.95
C THR B 50 -22.50 7.78 -8.69
N LYS B 51 -22.42 7.65 -10.02
CA LYS B 51 -23.57 7.30 -10.86
C LYS B 51 -23.31 6.06 -11.75
N CYS B 52 -24.31 5.68 -12.56
CA CYS B 52 -24.21 4.54 -13.48
C CYS B 52 -23.46 4.92 -14.74
N ARG B 53 -22.48 4.08 -15.12
CA ARG B 53 -21.65 4.26 -16.31
C ARG B 53 -22.48 4.01 -17.57
N ASP B 54 -23.38 2.99 -17.51
CA ASP B 54 -24.29 2.58 -18.59
C ASP B 54 -25.45 1.75 -17.98
N PRO B 55 -26.73 1.97 -18.41
CA PRO B 55 -27.84 1.19 -17.82
C PRO B 55 -27.79 -0.31 -18.14
N ASN B 56 -27.24 -0.68 -19.31
CA ASN B 56 -27.12 -2.08 -19.75
C ASN B 56 -25.66 -2.44 -20.12
N PRO B 57 -24.80 -2.77 -19.12
CA PRO B 57 -23.40 -3.15 -19.44
C PRO B 57 -23.29 -4.42 -20.30
N VAL B 58 -24.33 -5.26 -20.23
CA VAL B 58 -24.52 -6.51 -20.98
C VAL B 58 -25.86 -6.34 -21.73
N ASP B 59 -25.98 -6.92 -22.94
CA ASP B 59 -27.18 -6.86 -23.78
C ASP B 59 -28.46 -7.25 -23.05
N SER B 60 -28.39 -8.27 -22.18
CA SER B 60 -29.50 -8.77 -21.37
C SER B 60 -29.89 -7.76 -20.27
N GLY B 61 -28.89 -7.08 -19.70
CA GLY B 61 -29.05 -6.09 -18.65
C GLY B 61 -27.81 -5.95 -17.80
N CYS B 62 -27.89 -6.33 -16.52
CA CYS B 62 -26.72 -6.28 -15.62
C CYS B 62 -25.82 -7.49 -15.90
N ARG B 63 -24.56 -7.41 -15.44
CA ARG B 63 -23.56 -8.45 -15.61
C ARG B 63 -23.82 -9.64 -14.67
N GLY B 64 -23.63 -10.84 -15.20
CA GLY B 64 -23.78 -12.11 -14.48
C GLY B 64 -25.16 -12.40 -13.93
N ILE B 65 -26.21 -12.02 -14.67
CA ILE B 65 -27.61 -12.22 -14.27
C ILE B 65 -28.19 -13.41 -15.04
N ASP B 66 -29.07 -14.20 -14.39
CA ASP B 66 -29.75 -15.33 -15.01
C ASP B 66 -30.82 -14.77 -15.98
N SER B 67 -30.34 -14.38 -17.18
CA SER B 67 -31.09 -13.76 -18.28
C SER B 67 -32.38 -14.48 -18.67
N LYS B 68 -32.38 -15.82 -18.62
CA LYS B 68 -33.52 -16.66 -18.99
C LYS B 68 -34.68 -16.59 -17.98
N HIS B 69 -34.41 -16.11 -16.75
CA HIS B 69 -35.40 -16.01 -15.68
C HIS B 69 -35.64 -14.59 -15.16
N TRP B 70 -34.70 -13.64 -15.40
CA TRP B 70 -34.82 -12.28 -14.89
C TRP B 70 -34.64 -11.16 -15.92
N ASN B 71 -35.45 -10.09 -15.77
CA ASN B 71 -35.38 -8.87 -16.56
C ASN B 71 -34.66 -7.87 -15.66
N SER B 72 -33.47 -7.41 -16.07
CA SER B 72 -32.66 -6.53 -15.25
C SER B 72 -32.05 -5.33 -15.99
N TYR B 73 -31.73 -4.27 -15.23
CA TYR B 73 -31.09 -3.03 -15.66
C TYR B 73 -30.41 -2.32 -14.49
N CYS B 74 -29.43 -1.45 -14.79
CA CYS B 74 -28.67 -0.70 -13.78
C CYS B 74 -29.29 0.67 -13.49
N THR B 75 -29.64 0.90 -12.21
CA THR B 75 -30.24 2.15 -11.74
C THR B 75 -29.33 2.85 -10.72
N THR B 76 -29.44 4.19 -10.65
CA THR B 76 -28.64 5.02 -9.76
C THR B 76 -29.37 5.33 -8.45
N THR B 77 -28.80 4.91 -7.31
CA THR B 77 -29.34 5.17 -5.97
C THR B 77 -28.92 6.54 -5.47
N HIS B 78 -29.65 7.08 -4.48
CA HIS B 78 -29.37 8.41 -3.94
C HIS B 78 -29.03 8.43 -2.46
N THR B 79 -28.30 9.48 -2.04
CA THR B 79 -27.93 9.77 -0.65
C THR B 79 -28.34 11.20 -0.34
N PHE B 80 -28.53 11.50 0.95
CA PHE B 80 -28.95 12.83 1.39
C PHE B 80 -27.89 13.46 2.28
N VAL B 81 -27.31 14.57 1.79
CA VAL B 81 -26.22 15.28 2.47
C VAL B 81 -26.56 16.74 2.74
N LYS B 82 -26.13 17.25 3.90
CA LYS B 82 -26.34 18.63 4.30
C LYS B 82 -25.45 19.54 3.45
N ALA B 83 -26.07 20.55 2.82
CA ALA B 83 -25.38 21.52 1.97
C ALA B 83 -25.87 22.93 2.24
N LEU B 84 -24.97 23.92 2.11
CA LEU B 84 -25.31 25.31 2.30
C LEU B 84 -26.06 25.80 1.07
N THR B 85 -27.37 26.00 1.23
CA THR B 85 -28.28 26.43 0.17
C THR B 85 -28.91 27.80 0.47
N MET B 86 -29.71 28.32 -0.47
CA MET B 86 -30.39 29.59 -0.36
C MET B 86 -31.67 29.54 -1.20
N ASP B 87 -32.84 29.66 -0.55
CA ASP B 87 -34.15 29.64 -1.21
C ASP B 87 -34.58 31.05 -1.68
N GLY B 88 -33.66 31.73 -2.36
CA GLY B 88 -33.86 33.07 -2.90
C GLY B 88 -33.57 34.20 -1.93
N LYS B 89 -33.81 33.97 -0.61
CA LYS B 89 -33.62 34.98 0.42
C LYS B 89 -32.26 34.85 1.14
N GLN B 90 -32.09 33.82 2.00
CA GLN B 90 -30.85 33.65 2.78
C GLN B 90 -30.43 32.18 2.97
N ALA B 91 -29.33 31.98 3.73
CA ALA B 91 -28.70 30.69 4.08
C ALA B 91 -29.69 29.65 4.61
N ALA B 92 -29.48 28.40 4.19
CA ALA B 92 -30.27 27.24 4.59
C ALA B 92 -29.37 26.00 4.57
N TRP B 93 -29.09 25.44 5.75
CA TRP B 93 -28.26 24.24 5.87
C TRP B 93 -29.19 23.03 5.95
N ARG B 94 -29.66 22.57 4.78
CA ARG B 94 -30.59 21.43 4.69
C ARG B 94 -30.13 20.36 3.69
N PHE B 95 -30.60 19.11 3.90
CA PHE B 95 -30.29 17.92 3.10
C PHE B 95 -30.70 18.02 1.64
N ILE B 96 -29.83 17.53 0.74
CA ILE B 96 -30.06 17.51 -0.71
C ILE B 96 -29.78 16.12 -1.31
N ARG B 97 -30.58 15.73 -2.33
CA ARG B 97 -30.47 14.46 -3.05
C ARG B 97 -29.23 14.46 -3.95
N ILE B 98 -28.40 13.41 -3.82
CA ILE B 98 -27.15 13.25 -4.58
C ILE B 98 -26.95 11.79 -5.00
N ASP B 99 -26.49 11.56 -6.26
CA ASP B 99 -26.19 10.25 -6.84
C ASP B 99 -25.07 9.61 -6.01
N THR B 100 -25.24 8.34 -5.57
CA THR B 100 -24.22 7.75 -4.70
C THR B 100 -23.73 6.35 -5.11
N ALA B 101 -24.51 5.60 -5.93
CA ALA B 101 -24.13 4.25 -6.36
C ALA B 101 -24.92 3.77 -7.59
N CYS B 102 -24.46 2.65 -8.17
CA CYS B 102 -25.08 2.01 -9.33
C CYS B 102 -25.42 0.58 -8.96
N VAL B 103 -26.72 0.30 -8.78
CA VAL B 103 -27.24 -1.01 -8.39
C VAL B 103 -28.09 -1.66 -9.49
N CYS B 104 -28.29 -2.99 -9.39
CA CYS B 104 -29.10 -3.75 -10.34
C CYS B 104 -30.46 -4.07 -9.75
N VAL B 105 -31.52 -3.90 -10.54
CA VAL B 105 -32.89 -4.18 -10.13
C VAL B 105 -33.47 -5.35 -10.95
N LEU B 106 -34.11 -6.31 -10.27
CA LEU B 106 -34.66 -7.51 -10.89
C LEU B 106 -36.18 -7.47 -11.08
N SER B 107 -36.68 -8.29 -12.03
CA SER B 107 -38.08 -8.45 -12.38
C SER B 107 -38.29 -9.85 -13.00
N ARG B 108 -39.31 -10.59 -12.53
CA ARG B 108 -39.61 -11.95 -13.00
C ARG B 108 -40.06 -11.97 -14.46
N LYS B 109 -39.66 -13.03 -15.19
CA LYS B 109 -40.02 -13.24 -16.59
C LYS B 109 -41.28 -14.08 -16.73
N ALA B 110 -42.11 -13.78 -17.74
CA ALA B 110 -43.37 -14.47 -18.02
C ALA B 110 -43.14 -15.89 -18.55
N GLN C 3 -37.27 5.25 25.59
CA GLN C 3 -37.53 6.68 25.75
C GLN C 3 -38.55 7.19 24.73
N VAL C 4 -38.33 6.94 23.41
CA VAL C 4 -39.27 7.39 22.39
C VAL C 4 -40.45 6.44 22.33
N GLN C 5 -41.65 6.98 22.59
CA GLN C 5 -42.92 6.26 22.61
C GLN C 5 -43.93 6.86 21.64
N LEU C 6 -44.71 5.98 21.00
CA LEU C 6 -45.73 6.37 20.03
C LEU C 6 -47.10 6.45 20.71
N VAL C 7 -47.60 7.68 20.90
CA VAL C 7 -48.87 7.99 21.54
C VAL C 7 -49.97 8.12 20.47
N GLN C 8 -50.98 7.24 20.55
CA GLN C 8 -52.10 7.20 19.60
C GLN C 8 -53.31 8.00 20.06
N SER C 9 -54.32 8.14 19.19
CA SER C 9 -55.57 8.84 19.50
C SER C 9 -56.47 7.91 20.33
N GLY C 10 -57.49 8.49 20.96
CA GLY C 10 -58.44 7.75 21.78
C GLY C 10 -59.36 6.85 20.98
N ALA C 11 -59.83 5.76 21.62
CA ALA C 11 -60.73 4.76 21.04
C ALA C 11 -62.06 5.39 20.68
N GLU C 12 -62.60 5.07 19.50
CA GLU C 12 -63.86 5.62 18.99
C GLU C 12 -64.85 4.56 18.55
N VAL C 13 -66.16 4.91 18.60
CA VAL C 13 -67.26 4.06 18.15
C VAL C 13 -67.95 4.86 17.03
N LYS C 14 -67.87 4.35 15.79
CA LYS C 14 -68.45 5.05 14.63
C LYS C 14 -69.44 4.21 13.83
N LYS C 15 -70.37 4.90 13.17
CA LYS C 15 -71.45 4.37 12.34
C LYS C 15 -70.95 3.90 10.96
N PRO C 16 -71.58 2.89 10.31
CA PRO C 16 -71.10 2.45 8.99
C PRO C 16 -71.24 3.51 7.91
N GLY C 17 -70.19 3.67 7.10
CA GLY C 17 -70.14 4.64 6.02
C GLY C 17 -69.32 5.87 6.36
N SER C 18 -69.01 6.06 7.66
CA SER C 18 -68.21 7.18 8.17
C SER C 18 -66.70 6.99 7.91
N SER C 19 -65.89 8.00 8.28
CA SER C 19 -64.44 7.97 8.13
C SER C 19 -63.76 8.31 9.46
N VAL C 20 -62.92 7.39 9.95
CA VAL C 20 -62.21 7.57 11.23
C VAL C 20 -60.74 7.92 10.98
N LYS C 21 -60.28 9.01 11.63
CA LYS C 21 -58.89 9.48 11.52
C LYS C 21 -58.16 9.22 12.84
N VAL C 22 -57.26 8.23 12.82
CA VAL C 22 -56.48 7.79 13.98
C VAL C 22 -55.10 8.48 13.96
N SER C 23 -54.75 9.16 15.07
CA SER C 23 -53.48 9.87 15.21
C SER C 23 -52.37 8.96 15.78
N CYS C 24 -51.10 9.36 15.58
CA CYS C 24 -49.92 8.65 16.05
C CYS C 24 -48.75 9.65 16.20
N LYS C 25 -48.61 10.20 17.43
CA LYS C 25 -47.58 11.19 17.76
C LYS C 25 -46.37 10.52 18.41
N ALA C 26 -45.17 10.87 17.93
CA ALA C 26 -43.91 10.34 18.47
C ALA C 26 -43.39 11.23 19.60
N SER C 27 -43.61 10.79 20.85
CA SER C 27 -43.19 11.52 22.05
C SER C 27 -41.68 11.44 22.23
N GLY C 28 -41.04 12.60 22.10
CA GLY C 28 -39.60 12.76 22.21
C GLY C 28 -39.06 13.59 21.07
N GLY C 29 -38.45 12.92 20.10
CA GLY C 29 -37.89 13.58 18.92
C GLY C 29 -37.51 12.63 17.81
N THR C 30 -36.91 13.19 16.73
CA THR C 30 -36.42 12.50 15.52
C THR C 30 -37.56 11.72 14.83
N PHE C 31 -38.76 12.32 14.73
CA PHE C 31 -39.94 11.75 14.09
C PHE C 31 -39.74 11.46 12.60
N SER C 32 -39.02 12.37 11.90
CA SER C 32 -38.72 12.27 10.46
C SER C 32 -37.80 11.08 10.14
N THR C 33 -36.95 10.67 11.11
CA THR C 33 -35.99 9.55 11.03
C THR C 33 -36.70 8.22 10.75
N TYR C 34 -37.79 7.93 11.49
CA TYR C 34 -38.56 6.69 11.39
C TYR C 34 -39.50 6.62 10.19
N GLY C 35 -39.95 5.40 9.88
CA GLY C 35 -40.91 5.10 8.83
C GLY C 35 -42.15 4.54 9.48
N ILE C 36 -43.12 5.43 9.78
CA ILE C 36 -44.37 5.09 10.47
C ILE C 36 -45.23 4.10 9.67
N SER C 37 -45.54 2.95 10.29
CA SER C 37 -46.34 1.86 9.73
C SER C 37 -47.72 1.83 10.40
N TRP C 38 -48.69 1.12 9.78
CA TRP C 38 -50.06 0.96 10.29
C TRP C 38 -50.54 -0.48 10.12
N VAL C 39 -50.82 -1.16 11.23
CA VAL C 39 -51.29 -2.55 11.27
C VAL C 39 -52.54 -2.64 12.15
N ARG C 40 -53.62 -3.25 11.62
CA ARG C 40 -54.88 -3.44 12.35
C ARG C 40 -55.07 -4.89 12.82
N GLN C 41 -55.83 -5.10 13.90
CA GLN C 41 -56.09 -6.43 14.46
C GLN C 41 -57.52 -6.54 15.01
N ALA C 42 -58.36 -7.33 14.33
CA ALA C 42 -59.76 -7.59 14.73
C ALA C 42 -59.77 -8.39 16.05
N PRO C 43 -60.78 -8.19 16.95
CA PRO C 43 -60.78 -8.94 18.21
C PRO C 43 -60.72 -10.46 18.05
N GLY C 44 -59.70 -11.06 18.62
CA GLY C 44 -59.44 -12.50 18.57
C GLY C 44 -59.05 -13.01 17.19
N GLN C 45 -58.42 -12.13 16.38
CA GLN C 45 -57.97 -12.43 15.02
C GLN C 45 -56.50 -12.05 14.81
N GLY C 46 -55.97 -12.36 13.62
CA GLY C 46 -54.59 -12.07 13.25
C GLY C 46 -54.33 -10.61 12.89
N LEU C 47 -53.06 -10.31 12.59
CA LEU C 47 -52.62 -8.95 12.23
C LEU C 47 -52.76 -8.70 10.72
N GLU C 48 -53.28 -7.52 10.35
CA GLU C 48 -53.46 -7.11 8.96
C GLU C 48 -52.74 -5.79 8.70
N TRP C 49 -51.76 -5.82 7.80
CA TRP C 49 -50.96 -4.65 7.40
C TRP C 49 -51.81 -3.73 6.52
N MET C 50 -51.81 -2.43 6.83
CA MET C 50 -52.58 -1.43 6.09
C MET C 50 -51.69 -0.60 5.17
N GLY C 51 -50.61 -0.07 5.71
CA GLY C 51 -49.65 0.75 4.97
C GLY C 51 -48.64 1.47 5.83
N GLY C 52 -48.08 2.54 5.29
CA GLY C 52 -47.07 3.35 5.97
C GLY C 52 -46.64 4.60 5.23
N ILE C 53 -45.90 5.48 5.93
CA ILE C 53 -45.36 6.73 5.38
C ILE C 53 -44.04 7.14 6.08
N ILE C 54 -43.12 7.73 5.30
CA ILE C 54 -41.85 8.26 5.82
C ILE C 54 -42.05 9.79 5.84
N PRO C 55 -42.09 10.43 7.03
CA PRO C 55 -42.35 11.88 7.08
C PRO C 55 -41.31 12.77 6.40
N ILE C 56 -40.02 12.36 6.42
CA ILE C 56 -38.92 13.13 5.83
C ILE C 56 -39.02 13.20 4.29
N PHE C 57 -39.54 12.14 3.63
CA PHE C 57 -39.68 12.11 2.17
C PHE C 57 -41.13 12.34 1.71
N ASP C 58 -42.11 12.20 2.64
CA ASP C 58 -43.55 12.29 2.41
C ASP C 58 -44.05 11.22 1.41
N THR C 59 -43.26 10.13 1.28
CA THR C 59 -43.53 9.00 0.40
C THR C 59 -44.30 7.94 1.18
N GLY C 60 -45.48 7.59 0.66
CA GLY C 60 -46.36 6.61 1.27
C GLY C 60 -46.59 5.37 0.44
N ASN C 61 -47.08 4.32 1.12
CA ASN C 61 -47.40 3.01 0.54
C ASN C 61 -48.61 2.44 1.26
N SER C 62 -49.58 1.90 0.51
CA SER C 62 -50.81 1.32 1.05
C SER C 62 -51.09 -0.06 0.45
N ALA C 63 -51.84 -0.90 1.18
CA ALA C 63 -52.21 -2.25 0.73
C ALA C 63 -53.31 -2.18 -0.34
N GLN C 64 -53.17 -3.01 -1.40
CA GLN C 64 -54.11 -3.08 -2.52
C GLN C 64 -55.48 -3.64 -2.12
N SER C 65 -55.52 -4.46 -1.05
CA SER C 65 -56.73 -5.09 -0.50
C SER C 65 -57.76 -4.08 0.02
N PHE C 66 -57.30 -2.90 0.46
CA PHE C 66 -58.16 -1.86 1.01
C PHE C 66 -58.90 -1.02 -0.06
N GLN C 67 -58.53 -1.18 -1.35
CA GLN C 67 -59.13 -0.50 -2.52
C GLN C 67 -59.06 1.04 -2.46
N GLY C 68 -58.04 1.56 -1.78
CA GLY C 68 -57.81 2.99 -1.64
C GLY C 68 -58.68 3.71 -0.63
N ARG C 69 -59.12 3.00 0.43
CA ARG C 69 -59.94 3.57 1.50
C ARG C 69 -59.05 4.25 2.53
N VAL C 70 -57.83 3.70 2.73
CA VAL C 70 -56.82 4.20 3.68
C VAL C 70 -56.09 5.40 3.07
N THR C 71 -55.96 6.47 3.87
CA THR C 71 -55.25 7.69 3.49
C THR C 71 -54.27 8.07 4.61
N ILE C 72 -53.03 7.54 4.51
CA ILE C 72 -51.98 7.79 5.50
C ILE C 72 -51.28 9.13 5.21
N THR C 73 -51.37 10.05 6.17
CA THR C 73 -50.79 11.40 6.11
C THR C 73 -49.83 11.62 7.27
N ALA C 74 -48.95 12.63 7.18
CA ALA C 74 -47.97 12.95 8.22
C ALA C 74 -47.64 14.45 8.28
N ASP C 75 -47.41 14.96 9.50
CA ASP C 75 -47.03 16.35 9.74
C ASP C 75 -45.87 16.40 10.73
N GLU C 76 -44.68 16.80 10.23
CA GLU C 76 -43.43 16.88 10.98
C GLU C 76 -43.45 17.91 12.10
N SER C 77 -44.08 19.08 11.86
CA SER C 77 -44.21 20.18 12.82
C SER C 77 -44.90 19.73 14.11
N THR C 78 -46.03 19.01 13.98
CA THR C 78 -46.80 18.48 15.10
C THR C 78 -46.28 17.11 15.55
N SER C 79 -45.39 16.48 14.74
CA SER C 79 -44.76 15.17 14.96
C SER C 79 -45.82 14.05 15.08
N THR C 80 -46.91 14.18 14.30
CA THR C 80 -48.02 13.23 14.31
C THR C 80 -48.31 12.66 12.92
N ALA C 81 -48.52 11.34 12.85
CA ALA C 81 -48.86 10.61 11.62
C ALA C 81 -50.32 10.17 11.74
N TYR C 82 -51.13 10.43 10.70
CA TYR C 82 -52.56 10.12 10.72
C TYR C 82 -52.97 9.04 9.72
N MET C 83 -53.98 8.24 10.10
CA MET C 83 -54.56 7.16 9.30
C MET C 83 -56.05 7.40 9.18
N GLU C 84 -56.54 7.65 7.96
CA GLU C 84 -57.96 7.88 7.71
C GLU C 84 -58.58 6.76 6.87
N LEU C 85 -59.50 5.99 7.46
CA LEU C 85 -60.19 4.89 6.79
C LEU C 85 -61.63 5.30 6.45
N SER C 86 -61.88 5.69 5.19
CA SER C 86 -63.18 6.13 4.70
C SER C 86 -64.12 4.95 4.39
N SER C 87 -65.45 5.19 4.43
CA SER C 87 -66.52 4.21 4.19
C SER C 87 -66.39 2.98 5.10
N LEU C 88 -66.61 3.18 6.41
CA LEU C 88 -66.49 2.14 7.43
C LEU C 88 -67.51 1.01 7.30
N ARG C 89 -67.02 -0.23 7.42
CA ARG C 89 -67.81 -1.47 7.33
C ARG C 89 -67.81 -2.18 8.70
N SER C 90 -68.75 -3.12 8.91
CA SER C 90 -68.85 -3.89 10.16
C SER C 90 -67.59 -4.74 10.43
N GLU C 91 -66.96 -5.22 9.35
CA GLU C 91 -65.73 -6.02 9.39
C GLU C 91 -64.49 -5.19 9.77
N ASP C 92 -64.56 -3.86 9.61
CA ASP C 92 -63.46 -2.93 9.96
C ASP C 92 -63.28 -2.74 11.47
N THR C 93 -64.15 -3.35 12.30
CA THR C 93 -64.08 -3.30 13.76
C THR C 93 -62.80 -4.00 14.22
N ALA C 94 -61.75 -3.21 14.51
CA ALA C 94 -60.43 -3.71 14.89
C ALA C 94 -59.66 -2.76 15.83
N VAL C 95 -58.53 -3.24 16.36
CA VAL C 95 -57.60 -2.48 17.21
C VAL C 95 -56.55 -1.97 16.24
N TYR C 96 -56.49 -0.64 16.06
CA TYR C 96 -55.59 0.00 15.11
C TYR C 96 -54.29 0.44 15.77
N TYR C 97 -53.17 -0.15 15.32
CA TYR C 97 -51.83 0.11 15.83
C TYR C 97 -50.97 0.86 14.82
N CYS C 98 -50.07 1.71 15.33
CA CYS C 98 -49.08 2.44 14.53
C CYS C 98 -47.71 2.03 15.04
N ALA C 99 -46.74 1.87 14.14
CA ALA C 99 -45.39 1.47 14.55
C ALA C 99 -44.30 2.27 13.87
N ARG C 100 -43.08 2.20 14.40
CA ARG C 100 -41.92 2.92 13.87
C ARG C 100 -40.75 1.99 13.60
N SER C 101 -39.83 2.43 12.73
CA SER C 101 -38.62 1.69 12.38
C SER C 101 -37.56 2.68 11.90
N SER C 102 -36.37 2.63 12.53
CA SER C 102 -35.23 3.47 12.18
C SER C 102 -34.56 2.97 10.89
N ARG C 103 -34.83 1.69 10.53
CA ARG C 103 -34.32 0.97 9.36
C ARG C 103 -35.30 1.07 8.18
N ILE C 104 -34.85 1.64 7.05
CA ILE C 104 -35.64 1.76 5.83
C ILE C 104 -35.01 0.91 4.71
N TYR C 105 -35.66 -0.21 4.39
CA TYR C 105 -35.18 -1.16 3.36
C TYR C 105 -35.62 -0.78 1.95
N ASP C 106 -34.78 -1.14 0.96
CA ASP C 106 -34.96 -0.94 -0.49
C ASP C 106 -35.26 0.51 -0.90
N LEU C 107 -34.51 1.49 -0.34
CA LEU C 107 -34.68 2.90 -0.71
C LEU C 107 -33.92 3.12 -2.02
N ASN C 108 -34.67 2.97 -3.12
CA ASN C 108 -34.20 3.05 -4.49
C ASN C 108 -35.32 3.69 -5.33
N PRO C 109 -35.02 4.59 -6.30
CA PRO C 109 -36.10 5.18 -7.11
C PRO C 109 -36.85 4.15 -7.98
N SER C 110 -36.22 2.98 -8.24
CA SER C 110 -36.78 1.89 -9.03
C SER C 110 -37.36 0.75 -8.17
N LEU C 111 -37.43 0.93 -6.84
CA LEU C 111 -37.99 -0.05 -5.92
C LEU C 111 -38.96 0.56 -4.92
N THR C 112 -39.93 -0.24 -4.44
CA THR C 112 -40.90 0.20 -3.43
C THR C 112 -40.22 0.05 -2.06
N ALA C 113 -39.92 1.20 -1.42
CA ALA C 113 -39.27 1.24 -0.11
C ALA C 113 -40.20 0.74 0.99
N TYR C 114 -39.66 -0.12 1.87
CA TYR C 114 -40.41 -0.73 2.97
C TYR C 114 -39.64 -0.71 4.30
N TYR C 115 -40.34 -1.03 5.39
CA TYR C 115 -39.80 -1.03 6.76
C TYR C 115 -40.57 -1.99 7.66
N ASP C 116 -39.86 -2.54 8.64
CA ASP C 116 -40.40 -3.45 9.65
C ASP C 116 -41.19 -2.66 10.72
N MET C 117 -41.67 -3.35 11.76
CA MET C 117 -42.40 -2.72 12.85
C MET C 117 -41.62 -2.95 14.16
N ASP C 118 -40.61 -2.10 14.40
CA ASP C 118 -39.74 -2.17 15.58
C ASP C 118 -40.47 -1.83 16.89
N VAL C 119 -40.90 -0.57 17.05
CA VAL C 119 -41.60 -0.10 18.25
C VAL C 119 -43.08 0.17 17.89
N TRP C 120 -44.00 -0.52 18.57
CA TRP C 120 -45.44 -0.41 18.36
C TRP C 120 -46.13 0.57 19.34
N GLY C 121 -47.24 1.14 18.88
CA GLY C 121 -48.06 2.05 19.66
C GLY C 121 -49.03 1.28 20.55
N GLN C 122 -49.64 1.96 21.54
CA GLN C 122 -50.59 1.36 22.49
C GLN C 122 -51.84 0.76 21.84
N GLY C 123 -52.28 1.32 20.72
CA GLY C 123 -53.45 0.86 19.98
C GLY C 123 -54.67 1.75 20.15
N THR C 124 -55.56 1.74 19.14
CA THR C 124 -56.80 2.52 19.12
C THR C 124 -57.96 1.62 18.68
N MET C 125 -58.87 1.32 19.60
CA MET C 125 -60.03 0.47 19.32
C MET C 125 -61.11 1.23 18.56
N VAL C 126 -61.36 0.79 17.31
CA VAL C 126 -62.40 1.39 16.45
C VAL C 126 -63.54 0.37 16.33
N THR C 127 -64.74 0.75 16.81
CA THR C 127 -65.92 -0.10 16.81
C THR C 127 -66.96 0.41 15.81
N VAL C 128 -67.43 -0.49 14.92
CA VAL C 128 -68.43 -0.17 13.90
C VAL C 128 -69.74 -0.90 14.26
N SER C 129 -70.68 -0.17 14.90
CA SER C 129 -71.98 -0.70 15.34
C SER C 129 -72.97 -0.82 14.19
N SER C 130 -73.65 -1.98 14.11
CA SER C 130 -74.64 -2.30 13.07
C SER C 130 -75.95 -2.76 13.70
N GLN D 3 -58.11 -15.09 4.61
CA GLN D 3 -57.09 -16.05 5.02
C GLN D 3 -55.69 -15.45 4.87
N SER D 4 -54.81 -15.69 5.88
CA SER D 4 -53.43 -15.22 5.91
C SER D 4 -52.55 -15.85 4.83
N VAL D 5 -51.58 -15.07 4.30
CA VAL D 5 -50.64 -15.48 3.26
C VAL D 5 -49.63 -16.48 3.84
N LEU D 6 -49.04 -16.15 5.01
CA LEU D 6 -48.06 -16.99 5.70
C LEU D 6 -48.77 -17.99 6.61
N THR D 7 -48.45 -19.29 6.44
CA THR D 7 -49.03 -20.41 7.18
C THR D 7 -48.28 -20.69 8.49
N GLN D 8 -48.99 -20.52 9.62
CA GLN D 8 -48.48 -20.73 10.98
C GLN D 8 -49.38 -21.73 11.73
N PRO D 9 -48.84 -22.58 12.65
CA PRO D 9 -49.72 -23.50 13.40
C PRO D 9 -50.69 -22.75 14.32
N PRO D 10 -51.94 -23.23 14.52
CA PRO D 10 -52.90 -22.49 15.36
C PRO D 10 -52.50 -22.41 16.83
N SER D 11 -52.03 -23.53 17.42
CA SER D 11 -51.62 -23.59 18.82
C SER D 11 -50.42 -24.51 19.03
N VAL D 12 -49.57 -24.16 20.02
CA VAL D 12 -48.36 -24.90 20.40
C VAL D 12 -48.29 -24.97 21.94
N SER D 13 -48.09 -26.19 22.48
CA SER D 13 -47.99 -26.46 23.92
C SER D 13 -46.65 -27.07 24.30
N ALA D 14 -46.07 -26.60 25.43
CA ALA D 14 -44.78 -27.07 25.96
C ALA D 14 -44.65 -26.92 27.48
N ALA D 15 -43.79 -27.74 28.10
CA ALA D 15 -43.51 -27.74 29.54
C ALA D 15 -42.46 -26.66 29.89
N PRO D 16 -42.48 -26.06 31.11
CA PRO D 16 -41.48 -25.03 31.45
C PRO D 16 -40.03 -25.52 31.42
N GLY D 17 -39.14 -24.63 30.98
CA GLY D 17 -37.71 -24.90 30.86
C GLY D 17 -37.37 -25.86 29.73
N GLN D 18 -38.08 -25.75 28.60
CA GLN D 18 -37.88 -26.60 27.42
C GLN D 18 -37.85 -25.81 26.12
N LYS D 19 -37.07 -26.29 25.13
CA LYS D 19 -36.95 -25.69 23.80
C LYS D 19 -38.22 -26.00 23.01
N VAL D 20 -38.80 -24.96 22.38
CA VAL D 20 -40.00 -25.08 21.57
C VAL D 20 -39.84 -24.37 20.21
N THR D 21 -40.46 -24.91 19.16
CA THR D 21 -40.37 -24.35 17.80
C THR D 21 -41.72 -24.01 17.17
N ILE D 22 -41.77 -22.85 16.50
CA ILE D 22 -42.93 -22.34 15.77
C ILE D 22 -42.52 -22.19 14.30
N SER D 23 -43.24 -22.89 13.40
CA SER D 23 -42.96 -22.89 11.96
C SER D 23 -43.67 -21.77 11.19
N CYS D 24 -43.16 -21.46 9.99
CA CYS D 24 -43.71 -20.47 9.07
C CYS D 24 -43.57 -20.98 7.63
N SER D 25 -44.63 -20.85 6.81
CA SER D 25 -44.61 -21.31 5.42
C SER D 25 -45.00 -20.20 4.43
N GLY D 26 -44.34 -20.20 3.28
CA GLY D 26 -44.58 -19.23 2.22
C GLY D 26 -44.16 -19.68 0.84
N SER D 27 -43.93 -18.71 -0.06
CA SER D 27 -43.54 -18.97 -1.45
C SER D 27 -42.37 -18.06 -1.89
N SER D 28 -41.98 -18.11 -3.18
CA SER D 28 -40.91 -17.31 -3.78
C SER D 28 -41.18 -15.81 -3.70
N SER D 29 -42.48 -15.42 -3.70
CA SER D 29 -42.96 -14.04 -3.63
C SER D 29 -42.66 -13.37 -2.29
N ASN D 30 -42.56 -14.14 -1.19
CA ASN D 30 -42.29 -13.60 0.14
C ASN D 30 -40.99 -14.16 0.76
N ILE D 31 -41.09 -15.17 1.68
CA ILE D 31 -39.97 -15.79 2.42
C ILE D 31 -38.81 -16.22 1.50
N GLY D 32 -39.13 -16.79 0.34
CA GLY D 32 -38.17 -17.25 -0.66
C GLY D 32 -37.17 -16.22 -1.13
N ASN D 33 -37.58 -14.94 -1.22
CA ASN D 33 -36.73 -13.84 -1.65
C ASN D 33 -36.76 -12.62 -0.71
N ASN D 34 -36.98 -12.84 0.60
CA ASN D 34 -37.00 -11.78 1.61
C ASN D 34 -36.48 -12.22 2.98
N TYR D 35 -36.80 -11.47 4.05
CA TYR D 35 -36.34 -11.72 5.42
C TYR D 35 -37.51 -11.81 6.39
N VAL D 36 -37.51 -12.84 7.23
CA VAL D 36 -38.58 -13.14 8.21
C VAL D 36 -38.33 -12.45 9.55
N SER D 37 -39.42 -11.89 10.12
CA SER D 37 -39.45 -11.20 11.40
C SER D 37 -40.53 -11.81 12.29
N TRP D 38 -40.23 -11.97 13.58
CA TRP D 38 -41.12 -12.56 14.57
C TRP D 38 -41.62 -11.54 15.58
N TYR D 39 -42.91 -11.64 15.96
CA TYR D 39 -43.55 -10.72 16.89
C TYR D 39 -44.22 -11.43 18.06
N GLN D 40 -44.05 -10.89 19.29
CA GLN D 40 -44.63 -11.42 20.52
C GLN D 40 -45.80 -10.53 20.95
N GLN D 41 -47.02 -11.11 21.05
CA GLN D 41 -48.20 -10.37 21.46
C GLN D 41 -48.83 -10.97 22.71
N LEU D 42 -48.56 -10.34 23.87
CA LEU D 42 -49.09 -10.76 25.17
C LEU D 42 -50.59 -10.41 25.28
N PRO D 43 -51.42 -11.15 26.07
CA PRO D 43 -52.85 -10.82 26.15
C PRO D 43 -53.12 -9.41 26.65
N GLY D 44 -53.86 -8.64 25.83
CA GLY D 44 -54.20 -7.26 26.11
C GLY D 44 -53.02 -6.31 25.98
N THR D 45 -52.03 -6.70 25.16
CA THR D 45 -50.80 -5.93 24.92
C THR D 45 -50.53 -5.82 23.41
N ALA D 46 -49.81 -4.76 23.01
CA ALA D 46 -49.40 -4.49 21.63
C ALA D 46 -48.26 -5.45 21.22
N PRO D 47 -48.13 -5.83 19.92
CA PRO D 47 -47.02 -6.73 19.53
C PRO D 47 -45.64 -6.13 19.78
N LYS D 48 -44.63 -7.00 19.99
CA LYS D 48 -43.25 -6.62 20.27
C LYS D 48 -42.31 -7.33 19.31
N LEU D 49 -41.37 -6.58 18.68
CA LEU D 49 -40.39 -7.14 17.75
C LEU D 49 -39.42 -8.06 18.50
N LEU D 50 -39.45 -9.35 18.14
CA LEU D 50 -38.65 -10.40 18.75
C LEU D 50 -37.42 -10.73 17.90
N ILE D 51 -37.63 -11.04 16.61
CA ILE D 51 -36.58 -11.38 15.64
C ILE D 51 -36.77 -10.54 14.36
N TYR D 52 -35.66 -10.19 13.69
CA TYR D 52 -35.62 -9.45 12.42
C TYR D 52 -34.47 -9.96 11.57
N ASP D 53 -34.58 -9.87 10.22
CA ASP D 53 -33.58 -10.34 9.25
C ASP D 53 -33.22 -11.83 9.47
N ASN D 54 -34.26 -12.68 9.64
CA ASN D 54 -34.22 -14.13 9.85
C ASN D 54 -33.64 -14.58 11.20
N ASN D 55 -32.44 -14.11 11.57
CA ASN D 55 -31.75 -14.54 12.80
C ASN D 55 -31.53 -13.46 13.86
N LYS D 56 -31.27 -12.20 13.45
CA LYS D 56 -30.97 -11.08 14.35
C LYS D 56 -32.10 -10.73 15.33
N ARG D 57 -31.73 -10.29 16.54
CA ARG D 57 -32.68 -9.90 17.59
C ARG D 57 -32.33 -8.51 18.16
N PRO D 58 -33.32 -7.61 18.38
CA PRO D 58 -33.00 -6.26 18.90
C PRO D 58 -32.63 -6.26 20.38
N SER D 59 -32.13 -5.10 20.88
CA SER D 59 -31.73 -4.89 22.27
C SER D 59 -32.92 -5.08 23.22
N GLY D 60 -32.67 -5.74 24.34
CA GLY D 60 -33.69 -6.04 25.35
C GLY D 60 -34.19 -7.47 25.26
N ILE D 61 -34.21 -8.03 24.04
CA ILE D 61 -34.64 -9.41 23.76
C ILE D 61 -33.53 -10.37 24.23
N PRO D 62 -33.85 -11.36 25.11
CA PRO D 62 -32.80 -12.28 25.60
C PRO D 62 -32.30 -13.28 24.55
N ASP D 63 -31.15 -13.93 24.84
CA ASP D 63 -30.51 -14.93 23.98
C ASP D 63 -31.35 -16.20 23.82
N ARG D 64 -32.37 -16.37 24.69
CA ARG D 64 -33.32 -17.49 24.73
C ARG D 64 -34.13 -17.62 23.43
N PHE D 65 -34.40 -16.47 22.76
CA PHE D 65 -35.14 -16.44 21.50
C PHE D 65 -34.21 -16.55 20.29
N SER D 66 -34.50 -17.52 19.41
CA SER D 66 -33.73 -17.85 18.21
C SER D 66 -34.59 -17.82 16.95
N GLY D 67 -33.93 -17.60 15.80
CA GLY D 67 -34.56 -17.55 14.49
C GLY D 67 -33.70 -18.15 13.40
N SER D 68 -34.33 -18.89 12.48
CA SER D 68 -33.65 -19.55 11.36
C SER D 68 -34.56 -19.63 10.12
N LYS D 69 -33.98 -19.45 8.92
CA LYS D 69 -34.72 -19.52 7.65
C LYS D 69 -34.09 -20.54 6.69
N SER D 70 -34.95 -21.31 6.01
CA SER D 70 -34.55 -22.32 5.03
C SER D 70 -35.55 -22.35 3.87
N GLY D 71 -35.14 -21.78 2.74
CA GLY D 71 -35.94 -21.69 1.53
C GLY D 71 -37.18 -20.84 1.68
N THR D 72 -38.36 -21.46 1.51
CA THR D 72 -39.66 -20.80 1.63
C THR D 72 -40.27 -20.96 3.04
N SER D 73 -39.47 -21.50 3.98
CA SER D 73 -39.87 -21.74 5.37
C SER D 73 -38.92 -21.12 6.40
N ALA D 74 -39.48 -20.75 7.57
CA ALA D 74 -38.75 -20.15 8.69
C ALA D 74 -39.20 -20.72 10.03
N THR D 75 -38.31 -20.75 11.04
CA THR D 75 -38.61 -21.29 12.36
C THR D 75 -38.12 -20.38 13.51
N LEU D 76 -38.91 -20.32 14.59
CA LEU D 76 -38.63 -19.56 15.82
C LEU D 76 -38.33 -20.56 16.95
N GLY D 77 -37.30 -20.28 17.75
CA GLY D 77 -36.89 -21.15 18.84
C GLY D 77 -36.87 -20.48 20.20
N ILE D 78 -37.70 -20.96 21.14
CA ILE D 78 -37.79 -20.42 22.50
C ILE D 78 -37.21 -21.44 23.50
N THR D 79 -35.96 -21.19 23.96
CA THR D 79 -35.26 -22.05 24.93
C THR D 79 -35.47 -21.52 26.36
N GLY D 80 -35.46 -22.43 27.34
CA GLY D 80 -35.65 -22.13 28.75
C GLY D 80 -36.98 -21.47 29.03
N LEU D 81 -38.07 -22.14 28.63
CA LEU D 81 -39.45 -21.69 28.74
C LEU D 81 -39.89 -21.29 30.16
N GLN D 82 -40.76 -20.26 30.25
CA GLN D 82 -41.31 -19.73 31.50
C GLN D 82 -42.77 -19.28 31.34
N THR D 83 -43.44 -18.97 32.47
CA THR D 83 -44.86 -18.54 32.52
C THR D 83 -45.11 -17.25 31.72
N GLY D 84 -44.13 -16.33 31.75
CA GLY D 84 -44.19 -15.04 31.06
C GLY D 84 -44.20 -15.14 29.54
N ASP D 85 -43.67 -16.25 28.98
CA ASP D 85 -43.61 -16.50 27.54
C ASP D 85 -44.99 -16.77 26.91
N GLU D 86 -45.99 -17.18 27.72
CA GLU D 86 -47.36 -17.49 27.31
C GLU D 86 -48.00 -16.29 26.58
N ALA D 87 -47.91 -16.29 25.23
CA ALA D 87 -48.40 -15.23 24.34
C ALA D 87 -48.62 -15.75 22.90
N ASP D 88 -49.26 -14.91 22.06
CA ASP D 88 -49.50 -15.22 20.65
C ASP D 88 -48.31 -14.76 19.82
N TYR D 89 -47.75 -15.66 18.99
CA TYR D 89 -46.58 -15.38 18.15
C TYR D 89 -46.95 -15.28 16.67
N TYR D 90 -46.54 -14.17 16.04
CA TYR D 90 -46.85 -13.87 14.64
C TYR D 90 -45.62 -13.83 13.73
N CYS D 91 -45.87 -14.09 12.43
CA CYS D 91 -44.90 -14.07 11.34
C CYS D 91 -44.98 -12.74 10.59
N GLY D 92 -43.90 -12.37 9.91
CA GLY D 92 -43.86 -11.12 9.15
C GLY D 92 -42.73 -11.03 8.17
N THR D 93 -43.06 -10.77 6.89
CA THR D 93 -42.11 -10.60 5.79
C THR D 93 -42.71 -9.75 4.65
N TRP D 94 -41.85 -9.13 3.85
CA TRP D 94 -42.24 -8.29 2.73
C TRP D 94 -42.51 -9.16 1.50
N ASP D 95 -43.66 -8.92 0.83
CA ASP D 95 -44.02 -9.65 -0.39
C ASP D 95 -43.79 -8.72 -1.57
N SER D 96 -42.82 -9.08 -2.44
CA SER D 96 -42.42 -8.30 -3.61
C SER D 96 -43.51 -8.18 -4.68
N SER D 97 -44.24 -9.29 -4.96
CA SER D 97 -45.31 -9.31 -5.96
C SER D 97 -46.55 -8.54 -5.52
N LEU D 98 -46.93 -8.67 -4.23
CA LEU D 98 -48.09 -7.99 -3.66
C LEU D 98 -47.77 -6.54 -3.27
N SER D 99 -46.45 -6.20 -3.16
CA SER D 99 -45.93 -4.88 -2.76
C SER D 99 -46.53 -4.44 -1.42
N ALA D 100 -46.62 -5.41 -0.48
CA ALA D 100 -47.19 -5.25 0.86
C ALA D 100 -46.53 -6.21 1.86
N TRP D 101 -46.51 -5.81 3.14
CA TRP D 101 -45.97 -6.62 4.23
C TRP D 101 -47.02 -7.67 4.60
N VAL D 102 -46.65 -8.96 4.54
CA VAL D 102 -47.59 -10.04 4.83
C VAL D 102 -47.31 -10.68 6.20
N PHE D 103 -48.38 -10.93 6.96
CA PHE D 103 -48.36 -11.52 8.30
C PHE D 103 -48.86 -12.97 8.31
N GLY D 104 -48.50 -13.69 9.37
CA GLY D 104 -48.92 -15.06 9.59
C GLY D 104 -50.23 -15.14 10.35
N GLY D 105 -50.76 -16.36 10.47
CA GLY D 105 -52.01 -16.64 11.16
C GLY D 105 -52.00 -16.36 12.64
N GLY D 106 -50.92 -16.78 13.30
CA GLY D 106 -50.72 -16.62 14.73
C GLY D 106 -50.64 -17.94 15.45
N THR D 107 -49.69 -18.07 16.39
CA THR D 107 -49.47 -19.30 17.15
C THR D 107 -49.63 -19.06 18.65
N LYS D 108 -50.65 -19.70 19.26
CA LYS D 108 -50.96 -19.59 20.69
C LYS D 108 -50.00 -20.50 21.48
N LEU D 109 -49.06 -19.89 22.23
CA LEU D 109 -48.12 -20.64 23.07
C LEU D 109 -48.74 -20.81 24.45
N THR D 110 -48.96 -22.07 24.88
CA THR D 110 -49.57 -22.41 26.17
C THR D 110 -48.59 -23.20 27.06
N VAL D 111 -48.41 -22.71 28.30
CA VAL D 111 -47.50 -23.30 29.30
C VAL D 111 -48.30 -23.75 30.54
N LEU D 112 -48.02 -24.96 31.06
CA LEU D 112 -48.68 -25.51 32.24
C LEU D 112 -47.98 -25.04 33.52
N PHE E 1 14.03 -10.91 -12.03
CA PHE E 1 13.28 -10.75 -10.77
C PHE E 1 13.74 -9.52 -9.99
N HIS E 2 12.87 -9.01 -9.09
CA HIS E 2 13.17 -7.88 -8.22
C HIS E 2 13.04 -8.29 -6.75
N ARG E 3 11.84 -8.72 -6.32
CA ARG E 3 11.58 -9.14 -4.95
C ARG E 3 12.22 -10.49 -4.65
N GLY E 4 13.21 -10.48 -3.76
CA GLY E 4 13.95 -11.66 -3.34
C GLY E 4 13.36 -12.32 -2.11
N GLU E 5 13.68 -13.62 -1.92
CA GLU E 5 13.21 -14.42 -0.79
C GLU E 5 13.92 -14.00 0.51
N PHE E 6 15.25 -13.87 0.45
CA PHE E 6 16.13 -13.48 1.56
C PHE E 6 17.48 -13.01 1.04
N SER E 7 18.23 -12.26 1.87
CA SER E 7 19.57 -11.79 1.52
C SER E 7 20.60 -12.85 1.90
N VAL E 8 21.86 -12.69 1.42
CA VAL E 8 22.98 -13.60 1.72
C VAL E 8 23.33 -13.56 3.22
N CYS E 9 23.05 -12.42 3.86
CA CYS E 9 23.26 -12.14 5.28
C CYS E 9 22.02 -11.47 5.87
N ASP E 10 21.59 -11.93 7.06
CA ASP E 10 20.41 -11.42 7.74
C ASP E 10 20.72 -10.18 8.60
N SER E 11 19.96 -9.09 8.37
CA SER E 11 20.11 -7.81 9.05
C SER E 11 19.08 -7.60 10.17
N VAL E 12 19.39 -6.67 11.10
CA VAL E 12 18.53 -6.30 12.23
C VAL E 12 18.64 -4.78 12.51
N SER E 13 17.58 -4.04 12.14
CA SER E 13 17.50 -2.58 12.26
C SER E 13 16.83 -2.17 13.59
N VAL E 14 17.51 -1.31 14.37
CA VAL E 14 17.03 -0.83 15.68
C VAL E 14 17.20 0.70 15.77
N TRP E 15 16.12 1.41 16.12
CA TRP E 15 16.14 2.86 16.33
C TRP E 15 16.74 3.13 17.71
N VAL E 16 17.94 3.74 17.75
CA VAL E 16 18.66 4.00 19.00
C VAL E 16 18.55 5.47 19.41
N GLY E 17 18.01 5.69 20.61
CA GLY E 17 17.85 7.01 21.21
C GLY E 17 18.60 7.14 22.53
N ASP E 18 19.18 6.03 23.01
CA ASP E 18 19.93 5.95 24.26
C ASP E 18 21.46 5.91 24.03
N LYS E 19 21.95 6.68 23.04
CA LYS E 19 23.37 6.76 22.73
C LYS E 19 24.09 7.76 23.63
N THR E 20 25.16 7.29 24.32
CA THR E 20 25.96 8.08 25.25
C THR E 20 27.39 8.29 24.75
N THR E 21 27.98 7.25 24.13
CA THR E 21 29.36 7.29 23.60
C THR E 21 29.42 6.65 22.22
N ALA E 22 30.27 7.19 21.34
CA ALA E 22 30.47 6.70 19.96
C ALA E 22 31.90 6.95 19.45
N THR E 23 32.29 6.20 18.41
CA THR E 23 33.60 6.30 17.76
C THR E 23 33.58 7.45 16.74
N ASP E 24 34.60 8.32 16.80
CA ASP E 24 34.79 9.45 15.89
C ASP E 24 35.30 8.93 14.54
N ILE E 25 35.23 9.78 13.49
CA ILE E 25 35.68 9.49 12.12
C ILE E 25 37.14 8.98 12.08
N LYS E 26 38.00 9.49 12.98
CA LYS E 26 39.41 9.08 13.11
C LYS E 26 39.53 7.80 13.95
N GLY E 27 38.76 7.71 15.04
CA GLY E 27 38.75 6.58 15.95
C GLY E 27 38.66 6.94 17.41
N LYS E 28 38.70 8.24 17.72
CA LYS E 28 38.62 8.83 19.07
C LYS E 28 37.24 8.55 19.72
N GLU E 29 37.22 8.15 21.00
CA GLU E 29 35.96 7.91 21.70
C GLU E 29 35.40 9.27 22.15
N VAL E 30 34.24 9.66 21.58
CA VAL E 30 33.61 10.95 21.86
C VAL E 30 32.26 10.82 22.56
N MET E 31 31.93 11.82 23.38
CA MET E 31 30.68 11.90 24.15
C MET E 31 29.53 12.30 23.22
N VAL E 32 28.38 11.62 23.36
CA VAL E 32 27.19 11.87 22.55
C VAL E 32 26.09 12.48 23.43
N LEU E 33 25.58 13.65 23.03
CA LEU E 33 24.52 14.35 23.76
C LEU E 33 23.16 13.77 23.38
N GLY E 34 22.27 13.65 24.38
CA GLY E 34 20.93 13.09 24.21
C GLY E 34 19.94 13.97 23.48
N GLU E 35 20.05 15.31 23.61
CA GLU E 35 19.14 16.27 22.99
C GLU E 35 19.83 17.32 22.13
N VAL E 36 19.05 17.95 21.21
CA VAL E 36 19.51 19.01 20.31
C VAL E 36 18.42 20.08 20.15
N ASN E 37 18.78 21.35 20.44
CA ASN E 37 17.88 22.50 20.35
C ASN E 37 17.97 23.12 18.94
N ILE E 38 16.96 22.85 18.11
CA ILE E 38 16.88 23.33 16.71
C ILE E 38 16.26 24.75 16.63
N ASN E 39 16.16 25.30 15.40
CA ASN E 39 15.62 26.62 15.04
C ASN E 39 14.30 27.01 15.72
N ASN E 40 13.41 26.03 16.03
CA ASN E 40 12.13 26.30 16.66
C ASN E 40 11.77 25.40 17.86
N SER E 41 12.30 24.15 17.92
CA SER E 41 11.99 23.19 19.00
C SER E 41 13.24 22.42 19.52
N VAL E 42 13.02 21.45 20.44
CA VAL E 42 14.05 20.56 21.01
C VAL E 42 13.76 19.11 20.54
N PHE E 43 14.81 18.43 20.01
CA PHE E 43 14.76 17.09 19.42
C PHE E 43 15.70 16.09 20.12
N LYS E 44 15.23 14.84 20.30
CA LYS E 44 16.00 13.75 20.91
C LYS E 44 16.88 13.10 19.83
N GLN E 45 18.20 13.04 20.05
CA GLN E 45 19.15 12.48 19.09
C GLN E 45 18.94 10.98 18.85
N TYR E 46 18.31 10.67 17.71
CA TYR E 46 17.99 9.31 17.27
C TYR E 46 18.86 8.85 16.11
N PHE E 47 19.32 7.59 16.17
CA PHE E 47 20.19 7.00 15.15
C PHE E 47 19.67 5.65 14.67
N PHE E 48 19.63 5.47 13.35
CA PHE E 48 19.16 4.23 12.72
C PHE E 48 20.33 3.27 12.52
N GLU E 49 20.42 2.25 13.40
CA GLU E 49 21.49 1.25 13.39
C GLU E 49 21.04 -0.12 12.91
N THR E 50 21.72 -0.65 11.89
CA THR E 50 21.45 -1.96 11.30
C THR E 50 22.73 -2.81 11.40
N LYS E 51 22.63 -3.95 12.11
CA LYS E 51 23.77 -4.85 12.30
C LYS E 51 23.48 -6.31 11.86
N CYS E 52 24.47 -7.20 12.02
CA CYS E 52 24.35 -8.61 11.66
C CYS E 52 23.60 -9.39 12.73
N ARG E 53 22.60 -10.17 12.29
CA ARG E 53 21.77 -11.01 13.16
C ARG E 53 22.61 -12.18 13.70
N ASP E 54 23.47 -12.76 12.83
CA ASP E 54 24.37 -13.88 13.13
C ASP E 54 25.51 -13.92 12.09
N PRO E 55 26.78 -14.17 12.49
CA PRO E 55 27.88 -14.19 11.50
C PRO E 55 27.78 -15.33 10.48
N ASN E 56 27.22 -16.49 10.89
CA ASN E 56 27.05 -17.66 10.03
C ASN E 56 25.58 -18.14 10.00
N PRO E 57 24.69 -17.53 9.18
CA PRO E 57 23.28 -17.99 9.14
C PRO E 57 23.12 -19.41 8.58
N VAL E 58 23.98 -19.77 7.60
CA VAL E 58 24.03 -21.09 6.96
C VAL E 58 25.43 -21.67 7.20
N ASP E 59 25.47 -22.85 7.88
CA ASP E 59 26.64 -23.65 8.28
C ASP E 59 28.00 -23.25 7.66
N SER E 60 28.11 -23.29 6.31
CA SER E 60 29.32 -22.97 5.54
C SER E 60 29.84 -21.53 5.74
N GLY E 61 28.92 -20.57 5.68
CA GLY E 61 29.23 -19.15 5.84
C GLY E 61 27.98 -18.30 5.68
N CYS E 62 27.79 -17.72 4.48
CA CYS E 62 26.62 -16.92 4.15
C CYS E 62 25.63 -17.80 3.38
N ARG E 63 24.39 -17.32 3.19
CA ARG E 63 23.36 -18.05 2.46
C ARG E 63 23.61 -18.01 0.94
N GLY E 64 23.39 -19.16 0.29
CA GLY E 64 23.54 -19.34 -1.15
C GLY E 64 24.91 -19.08 -1.73
N ILE E 65 25.96 -19.49 -1.00
CA ILE E 65 27.36 -19.31 -1.40
C ILE E 65 27.91 -20.64 -1.93
N ASP E 66 28.78 -20.57 -2.97
CA ASP E 66 29.46 -21.72 -3.55
C ASP E 66 30.54 -22.20 -2.56
N SER E 67 30.07 -22.95 -1.53
CA SER E 67 30.84 -23.50 -0.40
C SER E 67 32.11 -24.24 -0.79
N LYS E 68 32.07 -24.99 -1.92
CA LYS E 68 33.19 -25.78 -2.40
C LYS E 68 34.35 -24.94 -2.96
N HIS E 69 34.09 -23.66 -3.28
CA HIS E 69 35.09 -22.75 -3.84
C HIS E 69 35.38 -21.51 -2.99
N TRP E 70 34.49 -21.18 -2.03
CA TRP E 70 34.64 -19.98 -1.20
C TRP E 70 34.51 -20.18 0.30
N ASN E 71 35.29 -19.39 1.05
CA ASN E 71 35.26 -19.31 2.52
C ASN E 71 34.57 -17.98 2.83
N SER E 72 33.41 -18.02 3.49
CA SER E 72 32.65 -16.79 3.76
C SER E 72 32.09 -16.66 5.17
N TYR E 73 31.67 -15.42 5.52
CA TYR E 73 31.05 -15.02 6.79
C TYR E 73 30.39 -13.64 6.67
N CYS E 74 29.42 -13.34 7.56
CA CYS E 74 28.69 -12.07 7.57
C CYS E 74 29.34 -11.04 8.48
N THR E 75 29.70 -9.88 7.90
CA THR E 75 30.33 -8.76 8.60
C THR E 75 29.44 -7.50 8.57
N THR E 76 29.58 -6.65 9.60
CA THR E 76 28.80 -5.41 9.74
C THR E 76 29.54 -4.19 9.18
N THR E 77 28.95 -3.52 8.17
CA THR E 77 29.51 -2.30 7.56
C THR E 77 29.11 -1.07 8.37
N HIS E 78 29.86 0.03 8.19
CA HIS E 78 29.61 1.27 8.92
C HIS E 78 29.27 2.47 8.04
N THR E 79 28.56 3.44 8.64
CA THR E 79 28.20 4.72 8.03
C THR E 79 28.63 5.84 8.97
N PHE E 80 28.82 7.05 8.43
CA PHE E 80 29.26 8.20 9.22
C PHE E 80 28.22 9.30 9.19
N VAL E 81 27.65 9.60 10.37
CA VAL E 81 26.58 10.58 10.52
C VAL E 81 26.95 11.71 11.50
N LYS E 82 26.51 12.95 11.18
CA LYS E 82 26.75 14.14 11.99
C LYS E 82 25.89 14.08 13.26
N ALA E 83 26.53 14.24 14.42
CA ALA E 83 25.86 14.21 15.72
C ALA E 83 26.40 15.30 16.64
N LEU E 84 25.55 15.79 17.56
CA LEU E 84 25.91 16.83 18.52
C LEU E 84 26.80 16.23 19.60
N THR E 85 28.13 16.39 19.43
CA THR E 85 29.15 15.86 20.33
C THR E 85 29.70 16.92 21.28
N MET E 86 30.35 16.47 22.38
CA MET E 86 30.94 17.34 23.40
C MET E 86 32.32 16.82 23.82
N ASP E 87 33.38 17.57 23.45
CA ASP E 87 34.76 17.23 23.83
C ASP E 87 35.24 18.13 24.97
N GLY E 88 34.94 17.68 26.19
CA GLY E 88 35.25 18.38 27.42
C GLY E 88 34.11 19.28 27.84
N LYS E 89 34.00 20.45 27.19
CA LYS E 89 32.97 21.47 27.42
C LYS E 89 32.70 22.28 26.13
N GLN E 90 33.39 21.93 25.03
CA GLN E 90 33.25 22.58 23.73
C GLN E 90 32.17 21.91 22.88
N ALA E 91 31.17 22.71 22.45
CA ALA E 91 30.05 22.25 21.61
C ALA E 91 30.56 21.87 20.22
N ALA E 92 30.23 20.65 19.77
CA ALA E 92 30.69 20.14 18.47
C ALA E 92 29.60 19.43 17.68
N TRP E 93 29.74 19.46 16.34
CA TRP E 93 28.85 18.82 15.38
C TRP E 93 29.75 18.10 14.35
N ARG E 94 30.21 16.89 14.72
CA ARG E 94 31.10 16.09 13.87
C ARG E 94 30.61 14.64 13.67
N PHE E 95 31.06 14.01 12.56
CA PHE E 95 30.71 12.65 12.14
C PHE E 95 31.12 11.56 13.12
N ILE E 96 30.25 10.54 13.28
CA ILE E 96 30.46 9.37 14.16
C ILE E 96 30.15 8.04 13.46
N ARG E 97 30.95 6.99 13.76
CA ARG E 97 30.83 5.64 13.19
C ARG E 97 29.59 4.93 13.74
N ILE E 98 28.74 4.41 12.84
CA ILE E 98 27.50 3.71 13.20
C ILE E 98 27.26 2.49 12.29
N ASP E 99 26.79 1.36 12.88
CA ASP E 99 26.46 0.11 12.18
C ASP E 99 25.33 0.41 11.20
N THR E 100 25.47 -0.01 9.93
CA THR E 100 24.45 0.34 8.93
C THR E 100 23.93 -0.84 8.08
N ALA E 101 24.69 -1.94 7.96
CA ALA E 101 24.27 -3.11 7.16
C ALA E 101 25.05 -4.37 7.50
N CYS E 102 24.57 -5.51 6.96
CA CYS E 102 25.18 -6.82 7.13
C CYS E 102 25.49 -7.39 5.75
N VAL E 103 26.79 -7.44 5.41
CA VAL E 103 27.28 -7.92 4.11
C VAL E 103 28.11 -9.21 4.24
N CYS E 104 28.28 -9.92 3.12
CA CYS E 104 29.07 -11.15 3.05
C CYS E 104 30.43 -10.88 2.43
N VAL E 105 31.48 -11.44 3.04
CA VAL E 105 32.86 -11.31 2.54
C VAL E 105 33.41 -12.67 2.09
N LEU E 106 34.03 -12.70 0.90
CA LEU E 106 34.56 -13.93 0.30
C LEU E 106 36.08 -14.08 0.42
N SER E 107 36.56 -15.32 0.31
CA SER E 107 37.97 -15.73 0.35
C SER E 107 38.13 -17.04 -0.42
N ARG E 108 39.14 -17.10 -1.32
CA ARG E 108 39.42 -18.28 -2.16
C ARG E 108 39.85 -19.49 -1.34
N LYS E 109 39.43 -20.69 -1.78
CA LYS E 109 39.77 -21.96 -1.15
C LYS E 109 41.01 -22.58 -1.79
N ALA E 110 41.86 -23.25 -0.97
CA ALA E 110 43.09 -23.90 -1.42
C ALA E 110 42.80 -25.17 -2.23
N PHE F 1 39.77 -17.00 8.93
CA PHE F 1 40.32 -15.81 8.26
C PHE F 1 39.61 -14.53 8.71
N HIS F 2 40.28 -13.37 8.52
CA HIS F 2 39.72 -12.05 8.85
C HIS F 2 39.66 -11.17 7.59
N ARG F 3 40.82 -10.89 6.98
CA ARG F 3 40.90 -10.05 5.77
C ARG F 3 40.41 -10.81 4.55
N GLY F 4 39.31 -10.34 3.97
CA GLY F 4 38.69 -10.91 2.78
C GLY F 4 39.19 -10.28 1.50
N GLU F 5 39.15 -11.05 0.39
CA GLU F 5 39.61 -10.59 -0.93
C GLU F 5 38.65 -9.56 -1.51
N PHE F 6 37.34 -9.87 -1.47
CA PHE F 6 36.24 -9.05 -1.98
C PHE F 6 34.89 -9.51 -1.39
N SER F 7 33.89 -8.61 -1.42
CA SER F 7 32.54 -8.92 -0.94
C SER F 7 31.73 -9.52 -2.10
N VAL F 8 30.54 -10.09 -1.80
CA VAL F 8 29.62 -10.66 -2.78
C VAL F 8 29.12 -9.59 -3.76
N CYS F 9 29.06 -8.34 -3.29
CA CYS F 9 28.65 -7.16 -4.03
C CYS F 9 29.63 -6.01 -3.77
N ASP F 10 30.03 -5.30 -4.83
CA ASP F 10 30.99 -4.21 -4.76
C ASP F 10 30.32 -2.89 -4.43
N SER F 11 30.78 -2.24 -3.34
CA SER F 11 30.24 -0.97 -2.84
C SER F 11 31.13 0.24 -3.17
N VAL F 12 30.49 1.42 -3.29
CA VAL F 12 31.16 2.69 -3.59
C VAL F 12 30.67 3.81 -2.64
N SER F 13 31.54 4.24 -1.73
CA SER F 13 31.26 5.30 -0.75
C SER F 13 31.67 6.66 -1.28
N VAL F 14 30.73 7.63 -1.29
CA VAL F 14 30.94 9.00 -1.78
C VAL F 14 30.39 10.01 -0.76
N TRP F 15 31.23 11.00 -0.37
CA TRP F 15 30.82 12.08 0.53
C TRP F 15 30.05 13.10 -0.32
N VAL F 16 28.73 13.22 -0.07
CA VAL F 16 27.86 14.11 -0.83
C VAL F 16 27.54 15.40 -0.06
N GLY F 17 27.88 16.53 -0.67
CA GLY F 17 27.64 17.87 -0.14
C GLY F 17 26.76 18.70 -1.06
N ASP F 18 26.46 18.16 -2.25
CA ASP F 18 25.64 18.80 -3.29
C ASP F 18 24.20 18.25 -3.35
N LYS F 19 23.63 17.94 -2.18
CA LYS F 19 22.27 17.39 -2.08
C LYS F 19 21.22 18.51 -2.15
N THR F 20 20.27 18.41 -3.09
CA THR F 20 19.21 19.39 -3.31
C THR F 20 17.82 18.82 -2.99
N THR F 21 17.58 17.54 -3.35
CA THR F 21 16.30 16.85 -3.14
C THR F 21 16.53 15.44 -2.62
N ALA F 22 15.62 14.96 -1.74
CA ALA F 22 15.64 13.62 -1.15
C ALA F 22 14.25 13.16 -0.72
N THR F 23 14.05 11.84 -0.63
CA THR F 23 12.79 11.23 -0.20
C THR F 23 12.87 11.09 1.33
N ASP F 24 11.86 11.59 2.05
CA ASP F 24 11.86 11.51 3.52
C ASP F 24 11.44 10.11 4.01
N ILE F 25 11.42 9.93 5.35
CA ILE F 25 11.09 8.68 6.05
C ILE F 25 9.71 8.07 5.64
N LYS F 26 8.76 8.90 5.20
CA LYS F 26 7.42 8.47 4.79
C LYS F 26 7.31 8.15 3.30
N GLY F 27 7.92 8.98 2.46
CA GLY F 27 7.91 8.81 1.01
C GLY F 27 7.79 10.12 0.24
N LYS F 28 7.54 11.23 0.95
CA LYS F 28 7.39 12.58 0.39
C LYS F 28 8.75 13.12 -0.07
N GLU F 29 8.79 13.69 -1.29
CA GLU F 29 10.00 14.29 -1.86
C GLU F 29 10.17 15.67 -1.23
N VAL F 30 11.26 15.84 -0.46
CA VAL F 30 11.54 17.09 0.26
C VAL F 30 12.80 17.79 -0.26
N MET F 31 12.79 19.13 -0.15
CA MET F 31 13.86 20.05 -0.56
C MET F 31 14.93 20.07 0.54
N VAL F 32 16.17 19.71 0.19
CA VAL F 32 17.32 19.66 1.11
C VAL F 32 18.12 20.97 1.06
N LEU F 33 18.31 21.59 2.24
CA LEU F 33 19.07 22.83 2.38
C LEU F 33 20.57 22.52 2.46
N GLY F 34 21.36 23.29 1.72
CA GLY F 34 22.81 23.13 1.63
C GLY F 34 23.59 23.39 2.90
N GLU F 35 23.07 24.28 3.78
CA GLU F 35 23.73 24.64 5.03
C GLU F 35 22.87 24.42 6.27
N VAL F 36 23.53 24.15 7.42
CA VAL F 36 22.89 23.94 8.71
C VAL F 36 23.67 24.71 9.81
N ASN F 37 22.97 25.59 10.55
CA ASN F 37 23.57 26.41 11.60
C ASN F 37 23.26 25.90 13.00
N ILE F 38 24.28 25.88 13.88
CA ILE F 38 24.18 25.43 15.27
C ILE F 38 24.11 26.70 16.17
N ASN F 39 23.04 27.52 15.95
CA ASN F 39 22.71 28.78 16.63
C ASN F 39 23.73 29.92 16.37
N ASN F 40 25.01 29.59 16.14
CA ASN F 40 26.09 30.55 15.88
C ASN F 40 26.99 30.10 14.71
N SER F 41 27.61 28.91 14.82
CA SER F 41 28.49 28.33 13.79
C SER F 41 27.69 27.64 12.69
N VAL F 42 28.15 27.75 11.43
CA VAL F 42 27.48 27.16 10.28
C VAL F 42 28.28 25.96 9.71
N PHE F 43 27.56 24.95 9.19
CA PHE F 43 28.14 23.74 8.61
C PHE F 43 27.46 23.39 7.29
N LYS F 44 28.25 22.94 6.31
CA LYS F 44 27.74 22.50 5.01
C LYS F 44 27.17 21.10 5.19
N GLN F 45 25.90 20.89 4.79
CA GLN F 45 25.21 19.60 4.92
C GLN F 45 25.88 18.50 4.12
N TYR F 46 26.62 17.64 4.82
CA TYR F 46 27.33 16.50 4.22
C TYR F 46 26.73 15.17 4.61
N PHE F 47 26.58 14.28 3.61
CA PHE F 47 25.99 12.96 3.80
C PHE F 47 26.87 11.87 3.23
N PHE F 48 27.09 10.80 4.02
CA PHE F 48 27.90 9.65 3.63
C PHE F 48 27.04 8.59 2.94
N GLU F 49 27.12 8.55 1.60
CA GLU F 49 26.33 7.64 0.76
C GLU F 49 27.17 6.52 0.16
N THR F 50 26.74 5.28 0.38
CA THR F 50 27.38 4.07 -0.14
C THR F 50 26.35 3.32 -0.99
N LYS F 51 26.65 3.15 -2.29
CA LYS F 51 25.75 2.47 -3.23
C LYS F 51 26.42 1.31 -3.98
N CYS F 52 25.65 0.65 -4.86
CA CYS F 52 26.14 -0.46 -5.67
C CYS F 52 26.92 0.04 -6.86
N ARG F 53 28.12 -0.55 -7.06
CA ARG F 53 29.02 -0.22 -8.16
C ARG F 53 28.44 -0.74 -9.48
N ASP F 54 27.82 -1.93 -9.46
CA ASP F 54 27.17 -2.61 -10.58
C ASP F 54 26.19 -3.67 -10.06
N PRO F 55 24.97 -3.80 -10.64
CA PRO F 55 24.02 -4.81 -10.13
C PRO F 55 24.48 -6.26 -10.32
N ASN F 56 25.24 -6.53 -11.39
CA ASN F 56 25.75 -7.87 -11.70
C ASN F 56 27.29 -7.87 -11.86
N PRO F 57 28.07 -7.93 -10.75
CA PRO F 57 29.55 -7.96 -10.87
C PRO F 57 30.07 -9.19 -11.61
N VAL F 58 29.26 -10.28 -11.59
CA VAL F 58 29.49 -11.56 -12.25
C VAL F 58 28.26 -11.77 -13.17
N ASP F 59 28.45 -12.43 -14.34
CA ASP F 59 27.40 -12.72 -15.32
C ASP F 59 26.15 -13.37 -14.70
N SER F 60 26.36 -14.30 -13.75
CA SER F 60 25.29 -15.01 -13.04
C SER F 60 24.52 -14.08 -12.08
N GLY F 61 25.26 -13.16 -11.45
CA GLY F 61 24.72 -12.20 -10.49
C GLY F 61 25.77 -11.70 -9.54
N CYS F 62 25.62 -12.02 -8.25
CA CYS F 62 26.60 -11.64 -7.22
C CYS F 62 27.80 -12.59 -7.28
N ARG F 63 28.92 -12.17 -6.69
CA ARG F 63 30.16 -12.95 -6.66
C ARG F 63 30.07 -14.12 -5.67
N GLY F 64 30.62 -15.26 -6.07
CA GLY F 64 30.67 -16.48 -5.28
C GLY F 64 29.34 -17.08 -4.86
N ILE F 65 28.34 -17.01 -5.76
CA ILE F 65 26.99 -17.53 -5.53
C ILE F 65 26.83 -18.86 -6.27
N ASP F 66 26.07 -19.81 -5.66
CA ASP F 66 25.77 -21.11 -6.27
C ASP F 66 24.74 -20.87 -7.40
N SER F 67 25.27 -20.43 -8.56
CA SER F 67 24.54 -20.07 -9.79
C SER F 67 23.53 -21.11 -10.28
N LYS F 68 23.85 -22.41 -10.12
CA LYS F 68 23.00 -23.51 -10.56
C LYS F 68 21.74 -23.68 -9.71
N HIS F 69 21.72 -23.09 -8.50
CA HIS F 69 20.59 -23.19 -7.56
C HIS F 69 19.95 -21.85 -7.18
N TRP F 70 20.65 -20.72 -7.39
CA TRP F 70 20.15 -19.40 -7.01
C TRP F 70 20.20 -18.32 -8.09
N ASN F 71 19.15 -17.49 -8.14
CA ASN F 71 19.02 -16.31 -9.00
C ASN F 71 19.35 -15.13 -8.10
N SER F 72 20.45 -14.43 -8.39
CA SER F 72 20.91 -13.32 -7.55
C SER F 72 21.30 -12.05 -8.30
N TYR F 73 21.25 -10.91 -7.58
CA TYR F 73 21.63 -9.58 -8.04
C TYR F 73 21.97 -8.67 -6.85
N CYS F 74 22.73 -7.59 -7.10
CA CYS F 74 23.15 -6.65 -6.06
C CYS F 74 22.20 -5.46 -5.95
N THR F 75 21.63 -5.27 -4.75
CA THR F 75 20.69 -4.19 -4.44
C THR F 75 21.26 -3.24 -3.38
N THR F 76 20.83 -1.98 -3.43
CA THR F 76 21.28 -0.93 -2.52
C THR F 76 20.33 -0.76 -1.33
N THR F 77 20.83 -0.96 -0.09
CA THR F 77 20.05 -0.78 1.14
C THR F 77 20.05 0.68 1.57
N HIS F 78 19.08 1.07 2.40
CA HIS F 78 18.94 2.46 2.84
C HIS F 78 19.06 2.68 4.34
N THR F 79 19.45 3.91 4.73
CA THR F 79 19.55 4.39 6.11
C THR F 79 18.75 5.69 6.22
N PHE F 80 18.32 6.03 7.44
CA PHE F 80 17.53 7.24 7.68
C PHE F 80 18.27 8.19 8.60
N VAL F 81 18.62 9.38 8.06
CA VAL F 81 19.39 10.40 8.78
C VAL F 81 18.65 11.74 8.84
N LYS F 82 18.78 12.45 9.98
CA LYS F 82 18.15 13.76 10.19
C LYS F 82 18.88 14.81 9.34
N ALA F 83 18.12 15.56 8.53
CA ALA F 83 18.66 16.59 7.64
C ALA F 83 17.79 17.83 7.65
N LEU F 84 18.42 19.01 7.46
CA LEU F 84 17.71 20.28 7.42
C LEU F 84 16.99 20.42 6.09
N THR F 85 15.70 20.03 6.10
CA THR F 85 14.81 20.06 4.95
C THR F 85 14.02 21.37 4.91
N MET F 86 13.26 21.60 3.83
CA MET F 86 12.44 22.79 3.69
C MET F 86 11.12 22.48 2.99
N ASP F 87 10.00 22.71 3.70
CA ASP F 87 8.65 22.52 3.18
C ASP F 87 7.92 23.86 3.19
N GLY F 88 7.47 24.28 2.01
CA GLY F 88 6.78 25.56 1.83
C GLY F 88 7.74 26.73 1.85
N LYS F 89 7.70 27.53 2.94
CA LYS F 89 8.53 28.72 3.11
C LYS F 89 9.38 28.73 4.40
N GLN F 90 9.41 27.59 5.13
CA GLN F 90 10.18 27.47 6.38
C GLN F 90 10.97 26.16 6.47
N ALA F 91 12.07 26.17 7.25
CA ALA F 91 12.95 25.03 7.46
C ALA F 91 12.34 23.96 8.38
N ALA F 92 12.85 22.71 8.26
CA ALA F 92 12.44 21.54 9.03
C ALA F 92 13.65 20.63 9.31
N TRP F 93 13.53 19.74 10.32
CA TRP F 93 14.59 18.83 10.72
C TRP F 93 14.00 17.42 10.86
N ARG F 94 13.87 16.71 9.73
CA ARG F 94 13.30 15.36 9.69
C ARG F 94 14.17 14.35 8.93
N PHE F 95 14.00 13.05 9.24
CA PHE F 95 14.74 11.93 8.64
C PHE F 95 14.52 11.78 7.14
N ILE F 96 15.60 11.47 6.41
CA ILE F 96 15.57 11.26 4.96
C ILE F 96 16.25 9.96 4.57
N ARG F 97 15.75 9.32 3.51
CA ARG F 97 16.25 8.07 2.95
C ARG F 97 17.57 8.32 2.21
N ILE F 98 18.61 7.54 2.55
CA ILE F 98 19.95 7.65 1.95
C ILE F 98 20.57 6.27 1.71
N ASP F 99 21.24 6.08 0.55
CA ASP F 99 21.94 4.85 0.15
C ASP F 99 23.05 4.59 1.17
N THR F 100 23.15 3.36 1.70
CA THR F 100 24.14 3.09 2.74
C THR F 100 25.02 1.84 2.53
N ALA F 101 24.58 0.87 1.70
CA ALA F 101 25.33 -0.36 1.42
C ALA F 101 24.87 -1.08 0.17
N CYS F 102 25.66 -2.08 -0.28
CA CYS F 102 25.37 -2.91 -1.44
C CYS F 102 25.34 -4.37 -1.00
N VAL F 103 24.13 -4.96 -0.97
CA VAL F 103 23.90 -6.34 -0.53
C VAL F 103 23.39 -7.23 -1.67
N CYS F 104 23.49 -8.56 -1.50
CA CYS F 104 23.02 -9.54 -2.47
C CYS F 104 21.71 -10.16 -2.01
N VAL F 105 20.76 -10.28 -2.95
CA VAL F 105 19.44 -10.88 -2.69
C VAL F 105 19.28 -12.18 -3.48
N LEU F 106 18.79 -13.23 -2.80
CA LEU F 106 18.62 -14.57 -3.40
C LEU F 106 17.18 -14.90 -3.79
N SER F 107 17.02 -15.87 -4.72
CA SER F 107 15.75 -16.38 -5.23
C SER F 107 15.98 -17.81 -5.74
N ARG F 108 15.11 -18.76 -5.34
CA ARG F 108 15.20 -20.17 -5.76
C ARG F 108 14.98 -20.38 -7.25
N LYS F 109 15.71 -21.34 -7.84
CA LYS F 109 15.61 -21.69 -9.25
C LYS F 109 14.62 -22.83 -9.47
N ALA F 110 13.89 -22.79 -10.60
CA ALA F 110 12.90 -23.80 -10.95
C ALA F 110 13.57 -25.08 -11.46
N GLN G 3 37.41 22.23 -11.06
CA GLN G 3 37.86 23.44 -10.37
C GLN G 3 38.97 23.15 -9.37
N VAL G 4 38.87 22.02 -8.64
CA VAL G 4 39.88 21.60 -7.66
C VAL G 4 41.07 21.01 -8.42
N GLN G 5 42.27 21.57 -8.15
CA GLN G 5 43.54 21.19 -8.78
C GLN G 5 44.54 20.68 -7.74
N LEU G 6 45.28 19.61 -8.09
CA LEU G 6 46.29 19.04 -7.21
C LEU G 6 47.67 19.59 -7.60
N VAL G 7 48.22 20.49 -6.76
CA VAL G 7 49.51 21.14 -6.96
C VAL G 7 50.61 20.34 -6.24
N GLN G 8 51.59 19.84 -7.00
CA GLN G 8 52.69 19.03 -6.49
C GLN G 8 53.94 19.85 -6.16
N SER G 9 54.95 19.21 -5.55
CA SER G 9 56.23 19.83 -5.21
C SER G 9 57.09 19.93 -6.48
N GLY G 10 58.14 20.75 -6.41
CA GLY G 10 59.05 20.94 -7.53
C GLY G 10 59.94 19.75 -7.80
N ALA G 11 60.36 19.61 -9.08
CA ALA G 11 61.23 18.53 -9.56
C ALA G 11 62.59 18.59 -8.86
N GLU G 12 63.11 17.43 -8.43
CA GLU G 12 64.38 17.33 -7.71
C GLU G 12 65.34 16.31 -8.31
N VAL G 13 66.64 16.50 -8.08
CA VAL G 13 67.72 15.60 -8.49
C VAL G 13 68.41 15.13 -7.20
N LYS G 14 68.31 13.82 -6.91
CA LYS G 14 68.89 13.27 -5.68
C LYS G 14 69.95 12.19 -5.92
N LYS G 15 70.83 12.00 -4.93
CA LYS G 15 71.92 11.01 -4.94
C LYS G 15 71.39 9.64 -4.49
N PRO G 16 72.00 8.50 -4.92
CA PRO G 16 71.50 7.19 -4.47
C PRO G 16 71.69 6.96 -2.97
N GLY G 17 70.66 6.41 -2.33
CA GLY G 17 70.62 6.14 -0.90
C GLY G 17 69.79 7.15 -0.12
N SER G 18 69.57 8.34 -0.71
CA SER G 18 68.79 9.44 -0.13
C SER G 18 67.29 9.13 -0.08
N SER G 19 66.51 10.06 0.51
CA SER G 19 65.04 9.95 0.62
C SER G 19 64.39 11.23 0.11
N VAL G 20 63.52 11.12 -0.91
CA VAL G 20 62.82 12.25 -1.50
C VAL G 20 61.36 12.30 -1.01
N LYS G 21 60.93 13.48 -0.53
CA LYS G 21 59.57 13.71 -0.05
C LYS G 21 58.82 14.62 -1.03
N VAL G 22 57.86 14.02 -1.76
CA VAL G 22 57.04 14.68 -2.79
C VAL G 22 55.72 15.16 -2.17
N SER G 23 55.42 16.46 -2.30
CA SER G 23 54.19 17.05 -1.77
C SER G 23 53.05 17.01 -2.80
N CYS G 24 51.80 17.10 -2.30
CA CYS G 24 50.57 17.10 -3.11
C CYS G 24 49.48 17.90 -2.38
N LYS G 25 49.46 19.21 -2.64
CA LYS G 25 48.52 20.17 -2.06
C LYS G 25 47.26 20.23 -2.91
N ALA G 26 46.07 20.13 -2.28
CA ALA G 26 44.80 20.21 -2.98
C ALA G 26 44.29 21.67 -2.94
N SER G 27 44.36 22.36 -4.09
CA SER G 27 43.94 23.76 -4.25
C SER G 27 42.42 23.87 -4.38
N GLY G 28 41.80 24.45 -3.36
CA GLY G 28 40.36 24.65 -3.25
C GLY G 28 39.86 24.23 -1.89
N GLY G 29 39.26 23.05 -1.82
CA GLY G 29 38.73 22.49 -0.58
C GLY G 29 38.32 21.04 -0.67
N THR G 30 37.72 20.53 0.43
CA THR G 30 37.21 19.15 0.61
C THR G 30 38.32 18.10 0.40
N PHE G 31 39.53 18.38 0.92
CA PHE G 31 40.72 17.52 0.85
C PHE G 31 40.51 16.17 1.53
N SER G 32 39.83 16.15 2.68
CA SER G 32 39.53 14.96 3.48
C SER G 32 38.55 14.00 2.76
N THR G 33 37.66 14.56 1.93
CA THR G 33 36.66 13.84 1.12
C THR G 33 37.33 12.90 0.10
N TYR G 34 38.40 13.40 -0.58
CA TYR G 34 39.14 12.65 -1.61
C TYR G 34 40.01 11.53 -1.06
N GLY G 35 40.29 10.56 -1.93
CA GLY G 35 41.16 9.42 -1.67
C GLY G 35 42.43 9.59 -2.46
N ILE G 36 43.48 10.13 -1.81
CA ILE G 36 44.78 10.44 -2.41
C ILE G 36 45.54 9.18 -2.83
N SER G 37 46.01 9.16 -4.08
CA SER G 37 46.75 8.05 -4.70
C SER G 37 48.14 8.54 -5.14
N TRP G 38 49.07 7.59 -5.38
CA TRP G 38 50.43 7.86 -5.86
C TRP G 38 50.87 6.86 -6.91
N VAL G 39 51.12 7.35 -8.15
CA VAL G 39 51.53 6.53 -9.30
C VAL G 39 52.78 7.17 -9.92
N ARG G 40 53.83 6.36 -10.14
CA ARG G 40 55.08 6.80 -10.77
C ARG G 40 55.21 6.30 -12.22
N GLN G 41 55.96 7.04 -13.05
CA GLN G 41 56.18 6.69 -14.45
C GLN G 41 57.60 7.03 -14.92
N ALA G 42 58.43 5.99 -15.17
CA ALA G 42 59.80 6.13 -15.66
C ALA G 42 59.80 6.71 -17.08
N PRO G 43 60.79 7.53 -17.49
CA PRO G 43 60.76 8.13 -18.84
C PRO G 43 60.65 7.08 -19.96
N GLY G 44 59.59 7.20 -20.76
CA GLY G 44 59.29 6.31 -21.88
C GLY G 44 58.89 4.91 -21.45
N GLN G 45 58.30 4.78 -20.24
CA GLN G 45 57.86 3.52 -19.66
C GLN G 45 56.40 3.60 -19.18
N GLY G 46 55.86 2.48 -18.70
CA GLY G 46 54.49 2.38 -18.21
C GLY G 46 54.28 2.96 -16.83
N LEU G 47 53.01 2.94 -16.36
CA LEU G 47 52.62 3.47 -15.05
C LEU G 47 52.76 2.41 -13.97
N GLU G 48 53.32 2.80 -12.80
CA GLU G 48 53.52 1.92 -11.65
C GLU G 48 52.86 2.51 -10.41
N TRP G 49 51.87 1.79 -9.87
CA TRP G 49 51.12 2.19 -8.67
C TRP G 49 51.99 2.00 -7.44
N MET G 50 52.05 3.03 -6.57
CA MET G 50 52.86 3.02 -5.36
C MET G 50 52.00 2.77 -4.11
N GLY G 51 50.93 3.56 -3.98
CA GLY G 51 50.01 3.47 -2.85
C GLY G 51 49.02 4.61 -2.77
N GLY G 52 48.51 4.83 -1.56
CA GLY G 52 47.54 5.87 -1.29
C GLY G 52 47.14 6.02 0.18
N ILE G 53 46.44 7.12 0.50
CA ILE G 53 45.94 7.44 1.84
C ILE G 53 44.64 8.26 1.80
N ILE G 54 43.73 8.01 2.76
CA ILE G 54 42.50 8.77 2.92
C ILE G 54 42.76 9.69 4.12
N PRO G 55 42.83 11.03 3.94
CA PRO G 55 43.14 11.92 5.06
C PRO G 55 42.14 11.94 6.21
N ILE G 56 40.84 11.74 5.92
CA ILE G 56 39.77 11.75 6.92
C ILE G 56 39.87 10.55 7.90
N PHE G 57 40.35 9.38 7.42
CA PHE G 57 40.50 8.18 8.26
C PHE G 57 41.95 7.91 8.67
N ASP G 58 42.91 8.55 7.97
CA ASP G 58 44.37 8.40 8.14
C ASP G 58 44.81 6.95 7.86
N THR G 59 43.99 6.21 7.08
CA THR G 59 44.21 4.82 6.69
C THR G 59 44.95 4.80 5.35
N GLY G 60 46.10 4.15 5.35
CA GLY G 60 46.95 4.05 4.17
C GLY G 60 47.12 2.63 3.64
N ASN G 61 47.57 2.54 2.37
CA ASN G 61 47.84 1.29 1.66
C ASN G 61 49.03 1.51 0.74
N SER G 62 49.98 0.56 0.72
CA SER G 62 51.19 0.63 -0.11
C SER G 62 51.42 -0.68 -0.87
N ALA G 63 52.14 -0.62 -2.00
CA ALA G 63 52.46 -1.79 -2.83
C ALA G 63 53.56 -2.63 -2.17
N GLN G 64 53.38 -3.96 -2.20
CA GLN G 64 54.32 -4.94 -1.63
C GLN G 64 55.66 -4.97 -2.36
N SER G 65 55.67 -4.60 -3.66
CA SER G 65 56.85 -4.57 -4.53
C SER G 65 57.93 -3.57 -4.07
N PHE G 66 57.51 -2.51 -3.35
CA PHE G 66 58.41 -1.46 -2.87
C PHE G 66 59.19 -1.84 -1.59
N GLN G 67 58.82 -2.98 -0.94
CA GLN G 67 59.44 -3.53 0.27
C GLN G 67 59.44 -2.57 1.48
N GLY G 68 58.44 -1.69 1.54
CA GLY G 68 58.26 -0.72 2.62
C GLY G 68 59.16 0.51 2.55
N ARG G 69 59.57 0.92 1.34
CA ARG G 69 60.41 2.11 1.14
C ARG G 69 59.53 3.36 1.11
N VAL G 70 58.30 3.23 0.59
CA VAL G 70 57.31 4.30 0.46
C VAL G 70 56.63 4.56 1.81
N THR G 71 56.53 5.84 2.21
CA THR G 71 55.87 6.27 3.43
C THR G 71 54.91 7.41 3.09
N ILE G 72 53.65 7.05 2.76
CA ILE G 72 52.60 8.01 2.41
C ILE G 72 51.96 8.59 3.67
N THR G 73 52.09 9.92 3.83
CA THR G 73 51.56 10.68 4.96
C THR G 73 50.60 11.77 4.47
N ALA G 74 49.76 12.31 5.37
CA ALA G 74 48.80 13.36 5.04
C ALA G 74 48.53 14.30 6.21
N ASP G 75 48.33 15.60 5.91
CA ASP G 75 48.02 16.64 6.88
C ASP G 75 46.85 17.47 6.38
N GLU G 76 45.69 17.34 7.04
CA GLU G 76 44.43 18.02 6.71
C GLU G 76 44.50 19.53 6.87
N SER G 77 45.18 20.01 7.93
CA SER G 77 45.34 21.43 8.25
C SER G 77 46.01 22.19 7.10
N THR G 78 47.11 21.63 6.54
CA THR G 78 47.85 22.21 5.43
C THR G 78 47.27 21.78 4.07
N SER G 79 46.39 20.75 4.08
CA SER G 79 45.74 20.14 2.91
C SER G 79 46.77 19.63 1.88
N THR G 80 47.86 19.02 2.39
CA THR G 80 48.95 18.50 1.58
C THR G 80 49.25 17.05 1.95
N ALA G 81 49.29 16.17 0.92
CA ALA G 81 49.61 14.76 1.06
C ALA G 81 51.05 14.55 0.63
N TYR G 82 51.81 13.78 1.41
CA TYR G 82 53.23 13.55 1.15
C TYR G 82 53.57 12.10 0.80
N MET G 83 54.63 11.93 -0.02
CA MET G 83 55.15 10.63 -0.44
C MET G 83 56.66 10.65 -0.23
N GLU G 84 57.15 9.80 0.69
CA GLU G 84 58.58 9.71 0.98
C GLU G 84 59.16 8.35 0.57
N LEU G 85 60.05 8.36 -0.44
CA LEU G 85 60.70 7.15 -0.94
C LEU G 85 62.15 7.09 -0.46
N SER G 86 62.38 6.28 0.60
CA SER G 86 63.69 6.07 1.23
C SER G 86 64.57 5.14 0.41
N SER G 87 65.91 5.25 0.59
CA SER G 87 66.95 4.46 -0.09
C SER G 87 66.76 4.46 -1.62
N LEU G 88 67.01 5.63 -2.23
CA LEU G 88 66.85 5.84 -3.67
C LEU G 88 67.83 5.03 -4.52
N ARG G 89 67.32 4.47 -5.63
CA ARG G 89 68.07 3.66 -6.59
C ARG G 89 68.05 4.34 -7.96
N SER G 90 68.95 3.95 -8.88
CA SER G 90 69.04 4.50 -10.24
C SER G 90 67.76 4.24 -11.05
N GLU G 91 67.10 3.08 -10.78
CA GLU G 91 65.85 2.66 -11.41
C GLU G 91 64.64 3.48 -10.94
N ASP G 92 64.75 4.15 -9.77
CA ASP G 92 63.68 4.99 -9.20
C ASP G 92 63.50 6.33 -9.93
N THR G 93 64.35 6.62 -10.94
CA THR G 93 64.29 7.84 -11.77
C THR G 93 62.98 7.81 -12.57
N ALA G 94 61.95 8.53 -12.07
CA ALA G 94 60.62 8.57 -12.66
C ALA G 94 59.88 9.89 -12.43
N VAL G 95 58.73 10.06 -13.11
CA VAL G 95 57.83 11.21 -12.97
C VAL G 95 56.79 10.76 -11.94
N TYR G 96 56.79 11.40 -10.77
CA TYR G 96 55.91 11.04 -9.66
C TYR G 96 54.62 11.87 -9.67
N TYR G 97 53.48 11.17 -9.85
CA TYR G 97 52.14 11.77 -9.90
C TYR G 97 51.32 11.43 -8.67
N CYS G 98 50.46 12.37 -8.25
CA CYS G 98 49.51 12.18 -7.15
C CYS G 98 48.11 12.38 -7.73
N ALA G 99 47.13 11.60 -7.28
CA ALA G 99 45.77 11.71 -7.80
C ALA G 99 44.71 11.67 -6.71
N ARG G 100 43.47 12.03 -7.06
CA ARG G 100 42.34 12.04 -6.13
C ARG G 100 41.13 11.31 -6.71
N SER G 101 40.22 10.89 -5.82
CA SER G 101 38.97 10.21 -6.15
C SER G 101 37.98 10.41 -5.01
N SER G 102 36.79 10.97 -5.32
CA SER G 102 35.74 11.20 -4.34
C SER G 102 35.04 9.88 -3.96
N ARG G 103 35.19 8.86 -4.84
CA ARG G 103 34.64 7.51 -4.73
C ARG G 103 35.61 6.58 -3.99
N ILE G 104 35.17 5.99 -2.87
CA ILE G 104 35.97 5.06 -2.06
C ILE G 104 35.31 3.66 -2.07
N TYR G 105 35.93 2.72 -2.79
CA TYR G 105 35.44 1.35 -2.94
C TYR G 105 35.91 0.41 -1.84
N ASP G 106 35.04 -0.55 -1.47
CA ASP G 106 35.22 -1.60 -0.47
C ASP G 106 35.60 -1.09 0.93
N LEU G 107 34.88 -0.05 1.41
CA LEU G 107 35.12 0.47 2.77
C LEU G 107 34.40 -0.44 3.76
N ASN G 108 35.15 -1.43 4.26
CA ASN G 108 34.69 -2.47 5.18
C ASN G 108 35.85 -2.80 6.14
N PRO G 109 35.59 -3.05 7.45
CA PRO G 109 36.72 -3.40 8.35
C PRO G 109 37.42 -4.71 7.99
N SER G 110 36.73 -5.59 7.23
CA SER G 110 37.25 -6.89 6.79
C SER G 110 37.76 -6.89 5.34
N LEU G 111 37.83 -5.69 4.70
CA LEU G 111 38.30 -5.54 3.32
C LEU G 111 39.30 -4.40 3.19
N THR G 112 40.24 -4.51 2.23
CA THR G 112 41.22 -3.45 1.97
C THR G 112 40.54 -2.41 1.07
N ALA G 113 40.28 -1.22 1.62
CA ALA G 113 39.62 -0.11 0.91
C ALA G 113 40.53 0.46 -0.17
N TYR G 114 39.96 0.69 -1.36
CA TYR G 114 40.67 1.21 -2.52
C TYR G 114 39.88 2.28 -3.27
N TYR G 115 40.54 2.94 -4.24
CA TYR G 115 39.97 3.99 -5.08
C TYR G 115 40.69 4.11 -6.41
N ASP G 116 40.03 4.75 -7.39
CA ASP G 116 40.57 5.00 -8.72
C ASP G 116 41.40 6.29 -8.70
N MET G 117 41.85 6.73 -9.88
CA MET G 117 42.63 7.96 -10.03
C MET G 117 41.90 8.88 -11.01
N ASP G 118 40.85 9.56 -10.50
CA ASP G 118 39.97 10.46 -11.27
C ASP G 118 40.68 11.73 -11.76
N VAL G 119 41.21 12.55 -10.83
CA VAL G 119 41.93 13.79 -11.18
C VAL G 119 43.39 13.65 -10.77
N TRP G 120 44.30 13.75 -11.77
CA TRP G 120 45.74 13.63 -11.60
C TRP G 120 46.47 14.97 -11.43
N GLY G 121 47.60 14.94 -10.74
CA GLY G 121 48.46 16.08 -10.51
C GLY G 121 49.39 16.30 -11.68
N GLN G 122 50.02 17.50 -11.76
CA GLN G 122 50.92 17.87 -12.85
C GLN G 122 52.17 16.97 -12.98
N GLY G 123 52.64 16.40 -11.87
CA GLY G 123 53.80 15.52 -11.82
C GLY G 123 55.05 16.16 -11.26
N THR G 124 55.94 15.33 -10.69
CA THR G 124 57.21 15.75 -10.10
C THR G 124 58.34 14.82 -10.58
N MET G 125 59.25 15.36 -11.41
CA MET G 125 60.37 14.60 -11.96
C MET G 125 61.51 14.42 -10.95
N VAL G 126 61.70 13.16 -10.50
CA VAL G 126 62.76 12.80 -9.56
C VAL G 126 63.86 12.09 -10.34
N THR G 127 65.08 12.68 -10.36
CA THR G 127 66.22 12.15 -11.09
C THR G 127 67.32 11.63 -10.17
N VAL G 128 67.69 10.35 -10.32
CA VAL G 128 68.74 9.72 -9.51
C VAL G 128 70.01 9.56 -10.35
N SER G 129 71.02 10.42 -10.09
CA SER G 129 72.29 10.44 -10.80
C SER G 129 73.28 9.40 -10.23
N SER G 130 73.93 8.65 -11.14
CA SER G 130 74.89 7.60 -10.80
C SER G 130 76.21 7.82 -11.54
N GLN H 3 -8.70 24.77 -18.52
CA GLN H 3 -7.71 24.00 -19.27
C GLN H 3 -6.44 23.76 -18.44
N VAL H 4 -6.56 22.86 -17.46
CA VAL H 4 -5.50 22.43 -16.53
C VAL H 4 -4.47 21.59 -17.31
N GLN H 5 -3.16 21.79 -17.08
CA GLN H 5 -2.15 21.01 -17.76
C GLN H 5 -1.20 20.34 -16.77
N LEU H 6 -0.60 19.21 -17.18
CA LEU H 6 0.31 18.42 -16.35
C LEU H 6 1.77 18.61 -16.78
N VAL H 7 2.55 19.29 -15.94
CA VAL H 7 3.96 19.56 -16.19
C VAL H 7 4.82 18.49 -15.54
N GLN H 8 5.67 17.85 -16.35
CA GLN H 8 6.56 16.78 -15.90
C GLN H 8 8.00 17.26 -15.65
N SER H 9 8.82 16.38 -15.05
CA SER H 9 10.23 16.65 -14.75
C SER H 9 11.05 16.52 -16.04
N GLY H 10 12.28 17.04 -16.01
CA GLY H 10 13.20 17.01 -17.13
C GLY H 10 13.72 15.62 -17.45
N ALA H 11 14.06 15.40 -18.73
CA ALA H 11 14.59 14.14 -19.25
C ALA H 11 15.93 13.81 -18.60
N GLU H 12 16.12 12.53 -18.20
CA GLU H 12 17.33 12.07 -17.52
C GLU H 12 18.01 10.87 -18.18
N VAL H 13 19.33 10.75 -17.97
CA VAL H 13 20.17 9.66 -18.47
C VAL H 13 20.74 8.97 -17.23
N LYS H 14 20.34 7.71 -16.99
CA LYS H 14 20.77 6.95 -15.80
C LYS H 14 21.53 5.67 -16.12
N LYS H 15 22.29 5.18 -15.12
CA LYS H 15 23.09 3.94 -15.15
C LYS H 15 22.26 2.73 -14.68
N PRO H 16 22.54 1.48 -15.12
CA PRO H 16 21.73 0.33 -14.68
C PRO H 16 21.87 0.04 -13.19
N GLY H 17 20.74 -0.23 -12.55
CA GLY H 17 20.66 -0.51 -11.12
C GLY H 17 20.14 0.66 -10.31
N SER H 18 20.24 1.88 -10.87
CA SER H 18 19.79 3.13 -10.24
C SER H 18 18.25 3.24 -10.17
N SER H 19 17.76 4.32 -9.54
CA SER H 19 16.33 4.58 -9.39
C SER H 19 16.01 6.01 -9.84
N VAL H 20 15.12 6.15 -10.83
CA VAL H 20 14.72 7.44 -11.38
C VAL H 20 13.34 7.87 -10.85
N LYS H 21 13.24 9.11 -10.33
CA LYS H 21 12.00 9.66 -9.81
C LYS H 21 11.48 10.77 -10.74
N VAL H 22 10.37 10.50 -11.45
CA VAL H 22 9.76 11.44 -12.41
C VAL H 22 8.62 12.20 -11.74
N SER H 23 8.61 13.54 -11.85
CA SER H 23 7.55 14.40 -11.27
C SER H 23 6.39 14.63 -12.25
N CYS H 24 5.23 15.09 -11.73
CA CYS H 24 4.01 15.38 -12.48
C CYS H 24 3.16 16.42 -11.73
N LYS H 25 3.51 17.70 -11.94
CA LYS H 25 2.87 18.88 -11.34
C LYS H 25 1.63 19.29 -12.11
N ALA H 26 0.52 19.51 -11.39
CA ALA H 26 -0.75 19.94 -12.00
C ALA H 26 -0.82 21.47 -11.98
N SER H 27 -0.82 22.08 -13.18
CA SER H 27 -0.90 23.53 -13.35
C SER H 27 -2.36 23.96 -13.31
N GLY H 28 -2.72 24.66 -12.25
CA GLY H 28 -4.06 25.14 -12.02
C GLY H 28 -4.54 24.77 -10.63
N GLY H 29 -5.47 23.83 -10.58
CA GLY H 29 -6.04 23.33 -9.33
C GLY H 29 -6.83 22.05 -9.45
N THR H 30 -7.51 21.67 -8.35
CA THR H 30 -8.35 20.46 -8.18
C THR H 30 -7.53 19.17 -8.43
N PHE H 31 -6.27 19.14 -7.96
CA PHE H 31 -5.33 18.01 -8.10
C PHE H 31 -5.84 16.74 -7.42
N SER H 32 -6.45 16.88 -6.23
CA SER H 32 -6.99 15.77 -5.43
C SER H 32 -8.20 15.10 -6.10
N THR H 33 -8.99 15.89 -6.88
CA THR H 33 -10.17 15.46 -7.63
C THR H 33 -9.79 14.39 -8.68
N TYR H 34 -8.66 14.60 -9.37
CA TYR H 34 -8.14 13.72 -10.40
C TYR H 34 -7.53 12.43 -9.86
N GLY H 35 -7.36 11.47 -10.77
CA GLY H 35 -6.72 10.18 -10.55
C GLY H 35 -5.53 10.11 -11.48
N ILE H 36 -4.33 10.43 -10.95
CA ILE H 36 -3.08 10.49 -11.71
C ILE H 36 -2.59 9.09 -12.12
N SER H 37 -2.42 8.88 -13.43
CA SER H 37 -1.98 7.63 -14.07
C SER H 37 -0.53 7.75 -14.59
N TRP H 38 0.11 6.60 -14.88
CA TRP H 38 1.48 6.54 -15.40
C TRP H 38 1.61 5.49 -16.50
N VAL H 39 1.94 5.94 -17.72
CA VAL H 39 2.10 5.08 -18.90
C VAL H 39 3.44 5.38 -19.57
N ARG H 40 4.25 4.34 -19.84
CA ARG H 40 5.55 4.46 -20.50
C ARG H 40 5.50 3.99 -21.96
N GLN H 41 6.40 4.53 -22.81
CA GLN H 41 6.47 4.18 -24.23
C GLN H 41 7.92 4.16 -24.74
N ALA H 42 8.43 2.96 -25.04
CA ALA H 42 9.78 2.74 -25.58
C ALA H 42 9.88 3.35 -26.99
N PRO H 43 11.06 3.88 -27.41
CA PRO H 43 11.14 4.49 -28.75
C PRO H 43 10.73 3.55 -29.89
N GLY H 44 9.72 3.97 -30.64
CA GLY H 44 9.15 3.23 -31.77
C GLY H 44 8.40 1.98 -31.36
N GLN H 45 7.84 1.98 -30.14
CA GLN H 45 7.08 0.86 -29.57
C GLN H 45 5.71 1.31 -29.04
N GLY H 46 4.91 0.36 -28.57
CA GLY H 46 3.57 0.60 -28.03
C GLY H 46 3.57 1.18 -26.62
N LEU H 47 2.36 1.47 -26.11
CA LEU H 47 2.17 2.03 -24.76
C LEU H 47 2.06 0.94 -23.70
N GLU H 48 2.75 1.12 -22.56
CA GLU H 48 2.76 0.19 -21.45
C GLU H 48 2.30 0.90 -20.16
N TRP H 49 1.18 0.43 -19.60
CA TRP H 49 0.59 0.97 -18.37
C TRP H 49 1.43 0.53 -17.17
N MET H 50 1.78 1.47 -16.29
CA MET H 50 2.59 1.21 -15.11
C MET H 50 1.75 1.17 -13.84
N GLY H 51 0.92 2.19 -13.64
CA GLY H 51 0.05 2.31 -12.48
C GLY H 51 -0.60 3.66 -12.32
N GLY H 52 -1.01 3.95 -11.09
CA GLY H 52 -1.67 5.21 -10.75
C GLY H 52 -1.95 5.39 -9.27
N ILE H 53 -2.34 6.61 -8.88
CA ILE H 53 -2.68 6.99 -7.51
C ILE H 53 -3.75 8.10 -7.47
N ILE H 54 -4.64 8.04 -6.47
CA ILE H 54 -5.65 9.07 -6.24
C ILE H 54 -5.12 9.87 -5.03
N PRO H 55 -4.74 11.15 -5.20
CA PRO H 55 -4.16 11.91 -4.08
C PRO H 55 -5.08 12.13 -2.88
N ILE H 56 -6.41 12.26 -3.11
CA ILE H 56 -7.39 12.50 -2.06
C ILE H 56 -7.54 11.28 -1.11
N PHE H 57 -7.38 10.05 -1.63
CA PHE H 57 -7.50 8.83 -0.82
C PHE H 57 -6.14 8.21 -0.49
N ASP H 58 -5.07 8.61 -1.23
CA ASP H 58 -3.70 8.11 -1.13
C ASP H 58 -3.62 6.59 -1.45
N THR H 59 -4.63 6.10 -2.20
CA THR H 59 -4.78 4.71 -2.63
C THR H 59 -4.14 4.55 -4.01
N GLY H 60 -3.18 3.65 -4.08
CA GLY H 60 -2.44 3.38 -5.31
C GLY H 60 -2.66 1.99 -5.88
N ASN H 61 -2.33 1.84 -7.17
CA ASN H 61 -2.43 0.59 -7.93
C ASN H 61 -1.25 0.53 -8.90
N SER H 62 -0.59 -0.63 -8.98
CA SER H 62 0.56 -0.84 -9.86
C SER H 62 0.42 -2.14 -10.65
N ALA H 63 1.08 -2.22 -11.82
CA ALA H 63 1.04 -3.41 -12.68
C ALA H 63 1.90 -4.54 -12.09
N GLN H 64 1.39 -5.78 -12.13
CA GLN H 64 2.08 -6.97 -11.60
C GLN H 64 3.34 -7.32 -12.39
N SER H 65 3.40 -6.93 -13.67
CA SER H 65 4.52 -7.17 -14.59
C SER H 65 5.83 -6.50 -14.14
N PHE H 66 5.73 -5.38 -13.40
CA PHE H 66 6.88 -4.62 -12.91
C PHE H 66 7.56 -5.22 -11.68
N GLN H 67 6.94 -6.24 -11.03
CA GLN H 67 7.43 -6.97 -9.86
C GLN H 67 7.69 -6.07 -8.62
N GLY H 68 6.96 -4.97 -8.51
CA GLY H 68 7.06 -4.02 -7.41
C GLY H 68 8.24 -3.08 -7.46
N ARG H 69 8.72 -2.74 -8.69
CA ARG H 69 9.83 -1.80 -8.89
C ARG H 69 9.31 -0.36 -8.86
N VAL H 70 8.08 -0.16 -9.35
CA VAL H 70 7.40 1.14 -9.42
C VAL H 70 6.86 1.51 -8.04
N THR H 71 7.11 2.77 -7.61
CA THR H 71 6.63 3.31 -6.35
C THR H 71 5.98 4.67 -6.63
N ILE H 72 4.67 4.66 -6.92
CA ILE H 72 3.90 5.87 -7.22
C ILE H 72 3.48 6.56 -5.93
N THR H 73 3.94 7.81 -5.75
CA THR H 73 3.65 8.64 -4.58
C THR H 73 2.99 9.95 -5.03
N ALA H 74 2.34 10.66 -4.08
CA ALA H 74 1.67 11.93 -4.36
C ALA H 74 1.69 12.88 -3.17
N ASP H 75 1.79 14.18 -3.45
CA ASP H 75 1.79 15.25 -2.44
C ASP H 75 0.84 16.36 -2.88
N GLU H 76 -0.28 16.49 -2.15
CA GLU H 76 -1.35 17.46 -2.42
C GLU H 76 -0.92 18.91 -2.24
N SER H 77 -0.08 19.18 -1.22
CA SER H 77 0.44 20.51 -0.89
C SER H 77 1.21 21.12 -2.07
N THR H 78 2.11 20.33 -2.69
CA THR H 78 2.91 20.74 -3.84
C THR H 78 2.17 20.49 -5.16
N SER H 79 1.04 19.73 -5.11
CA SER H 79 0.20 19.33 -6.24
C SER H 79 0.99 18.56 -7.31
N THR H 80 1.97 17.76 -6.85
CA THR H 80 2.88 16.98 -7.70
C THR H 80 2.78 15.48 -7.41
N ALA H 81 2.76 14.67 -8.49
CA ALA H 81 2.71 13.22 -8.44
C ALA H 81 4.08 12.67 -8.86
N TYR H 82 4.59 11.68 -8.11
CA TYR H 82 5.91 11.10 -8.39
C TYR H 82 5.84 9.62 -8.78
N MET H 83 6.78 9.21 -9.64
CA MET H 83 6.94 7.83 -10.12
C MET H 83 8.40 7.46 -9.95
N GLU H 84 8.68 6.49 -9.06
CA GLU H 84 10.05 6.02 -8.82
C GLU H 84 10.24 4.57 -9.28
N LEU H 85 11.06 4.37 -10.32
CA LEU H 85 11.36 3.05 -10.87
C LEU H 85 12.76 2.60 -10.42
N SER H 86 12.80 1.74 -9.39
CA SER H 86 14.01 1.18 -8.81
C SER H 86 14.61 0.07 -9.68
N SER H 87 15.93 -0.19 -9.53
CA SER H 87 16.70 -1.20 -10.27
C SER H 87 16.48 -1.09 -11.78
N LEU H 88 17.02 -0.01 -12.38
CA LEU H 88 16.89 0.28 -13.81
C LEU H 88 17.59 -0.73 -14.71
N ARG H 89 16.94 -1.09 -15.82
CA ARG H 89 17.42 -2.03 -16.82
C ARG H 89 17.54 -1.31 -18.17
N SER H 90 18.29 -1.89 -19.13
CA SER H 90 18.47 -1.33 -20.48
C SER H 90 17.14 -1.25 -21.25
N GLU H 91 16.23 -2.21 -20.99
CA GLU H 91 14.90 -2.28 -21.60
C GLU H 91 13.94 -1.20 -21.07
N ASP H 92 14.24 -0.62 -19.89
CA ASP H 92 13.45 0.44 -19.27
C ASP H 92 13.58 1.81 -19.98
N THR H 93 14.45 1.90 -21.01
CA THR H 93 14.67 3.11 -21.81
C THR H 93 13.38 3.44 -22.57
N ALA H 94 12.60 4.39 -22.02
CA ALA H 94 11.30 4.79 -22.56
C ALA H 94 10.94 6.25 -22.27
N VAL H 95 9.85 6.74 -22.91
CA VAL H 95 9.29 8.07 -22.71
C VAL H 95 8.20 7.87 -21.65
N TYR H 96 8.40 8.45 -20.46
CA TYR H 96 7.49 8.31 -19.33
C TYR H 96 6.46 9.43 -19.27
N TYR H 97 5.18 9.07 -19.42
CA TYR H 97 4.05 9.99 -19.42
C TYR H 97 3.20 9.84 -18.15
N CYS H 98 2.62 10.96 -17.69
CA CYS H 98 1.68 10.99 -16.56
C CYS H 98 0.37 11.55 -17.09
N ALA H 99 -0.77 11.03 -16.62
CA ALA H 99 -2.06 11.51 -17.09
C ALA H 99 -3.07 11.70 -15.96
N ARG H 100 -4.18 12.41 -16.26
CA ARG H 100 -5.24 12.66 -15.28
C ARG H 100 -6.61 12.22 -15.75
N SER H 101 -7.55 12.02 -14.80
CA SER H 101 -8.93 11.63 -15.05
C SER H 101 -9.80 12.02 -13.85
N SER H 102 -10.87 12.78 -14.11
CA SER H 102 -11.82 13.23 -13.09
C SER H 102 -12.81 12.11 -12.71
N ARG H 103 -12.96 11.11 -13.62
CA ARG H 103 -13.87 9.96 -13.48
C ARG H 103 -13.15 8.76 -12.84
N ILE H 104 -13.65 8.29 -11.68
CA ILE H 104 -13.06 7.16 -10.95
C ILE H 104 -14.03 5.96 -10.96
N TYR H 105 -13.69 4.94 -11.75
CA TYR H 105 -14.50 3.72 -11.91
C TYR H 105 -14.17 2.63 -10.90
N ASP H 106 -15.20 1.88 -10.48
CA ASP H 106 -15.17 0.76 -9.53
C ASP H 106 -14.64 1.13 -8.13
N LEU H 107 -15.09 2.28 -7.58
CA LEU H 107 -14.67 2.66 -6.22
C LEU H 107 -15.56 1.89 -5.24
N ASN H 108 -15.05 0.71 -4.85
CA ASN H 108 -15.70 -0.27 -4.00
C ASN H 108 -14.62 -0.92 -3.13
N PRO H 109 -14.87 -1.20 -1.82
CA PRO H 109 -13.83 -1.86 -1.01
C PRO H 109 -13.51 -3.29 -1.47
N SER H 110 -14.42 -3.92 -2.23
CA SER H 110 -14.27 -5.27 -2.76
C SER H 110 -13.84 -5.30 -4.24
N LEU H 111 -13.50 -4.13 -4.81
CA LEU H 111 -13.05 -4.00 -6.20
C LEU H 111 -11.79 -3.14 -6.33
N THR H 112 -10.96 -3.44 -7.35
CA THR H 112 -9.76 -2.68 -7.62
C THR H 112 -10.19 -1.44 -8.42
N ALA H 113 -10.14 -0.26 -7.78
CA ALA H 113 -10.53 1.02 -8.38
C ALA H 113 -9.61 1.39 -9.53
N TYR H 114 -10.18 1.95 -10.61
CA TYR H 114 -9.43 2.35 -11.80
C TYR H 114 -9.99 3.62 -12.47
N TYR H 115 -9.22 4.15 -13.45
CA TYR H 115 -9.58 5.36 -14.20
C TYR H 115 -8.86 5.44 -15.54
N ASP H 116 -9.35 6.31 -16.45
CA ASP H 116 -8.81 6.52 -17.78
C ASP H 116 -7.64 7.52 -17.80
N MET H 117 -7.20 7.93 -19.00
CA MET H 117 -6.11 8.89 -19.21
C MET H 117 -6.62 10.04 -20.08
N ASP H 118 -7.55 10.84 -19.51
CA ASP H 118 -8.23 11.97 -20.15
C ASP H 118 -7.29 13.05 -20.70
N VAL H 119 -6.36 13.56 -19.87
CA VAL H 119 -5.38 14.58 -20.25
C VAL H 119 -3.96 14.09 -19.92
N TRP H 120 -3.09 13.99 -20.95
CA TRP H 120 -1.71 13.49 -20.83
C TRP H 120 -0.67 14.60 -20.65
N GLY H 121 0.45 14.25 -20.01
CA GLY H 121 1.58 15.14 -19.78
C GLY H 121 2.51 15.14 -20.99
N GLN H 122 3.43 16.12 -21.05
CA GLN H 122 4.38 16.30 -22.16
C GLN H 122 5.33 15.09 -22.37
N GLY H 123 5.67 14.39 -21.29
CA GLY H 123 6.56 13.23 -21.32
C GLY H 123 7.94 13.51 -20.77
N THR H 124 8.60 12.46 -20.26
CA THR H 124 9.96 12.52 -19.70
C THR H 124 10.79 11.35 -20.24
N MET H 125 11.79 11.66 -21.09
CA MET H 125 12.66 10.65 -21.69
C MET H 125 13.70 10.15 -20.68
N VAL H 126 13.57 8.88 -20.30
CA VAL H 126 14.50 8.24 -19.36
C VAL H 126 15.35 7.26 -20.16
N THR H 127 16.64 7.58 -20.31
CA THR H 127 17.59 6.78 -21.07
C THR H 127 18.50 5.99 -20.12
N VAL H 128 18.61 4.66 -20.35
CA VAL H 128 19.44 3.80 -19.50
C VAL H 128 20.70 3.37 -20.26
N SER H 129 21.87 3.77 -19.73
CA SER H 129 23.19 3.50 -20.30
C SER H 129 23.58 2.02 -20.19
N SER H 130 24.44 1.54 -21.13
CA SER H 130 25.03 0.19 -21.14
C SER H 130 26.19 0.11 -22.13
N GLN I 3 57.87 -6.54 -15.82
CA GLN I 3 56.76 -6.74 -16.75
C GLN I 3 55.41 -6.43 -16.10
N SER I 4 54.51 -5.75 -16.85
CA SER I 4 53.17 -5.36 -16.39
C SER I 4 52.25 -6.57 -16.19
N VAL I 5 51.34 -6.47 -15.21
CA VAL I 5 50.36 -7.51 -14.87
C VAL I 5 49.29 -7.62 -15.97
N LEU I 6 48.74 -6.46 -16.39
CA LEU I 6 47.72 -6.38 -17.43
C LEU I 6 48.37 -6.28 -18.80
N THR I 7 47.99 -7.17 -19.73
CA THR I 7 48.55 -7.23 -21.08
C THR I 7 47.80 -6.32 -22.06
N GLN I 8 48.54 -5.35 -22.63
CA GLN I 8 48.06 -4.36 -23.60
C GLN I 8 48.92 -4.38 -24.87
N PRO I 9 48.35 -4.13 -26.08
CA PRO I 9 49.20 -4.11 -27.29
C PRO I 9 50.19 -2.93 -27.27
N PRO I 10 51.43 -3.10 -27.80
CA PRO I 10 52.41 -2.00 -27.74
C PRO I 10 52.02 -0.75 -28.54
N SER I 11 51.51 -0.94 -29.78
CA SER I 11 51.10 0.16 -30.65
C SER I 11 49.86 -0.19 -31.47
N VAL I 12 49.02 0.83 -31.75
CA VAL I 12 47.79 0.74 -32.54
C VAL I 12 47.71 1.92 -33.52
N SER I 13 47.46 1.64 -34.82
CA SER I 13 47.35 2.65 -35.88
C SER I 13 45.99 2.62 -36.55
N ALA I 14 45.42 3.81 -36.84
CA ALA I 14 44.12 3.97 -37.50
C ALA I 14 44.00 5.30 -38.28
N ALA I 15 43.10 5.32 -39.28
CA ALA I 15 42.84 6.48 -40.12
C ALA I 15 41.83 7.44 -39.44
N PRO I 16 41.88 8.78 -39.70
CA PRO I 16 40.93 9.69 -39.04
C PRO I 16 39.45 9.40 -39.37
N GLY I 17 38.59 9.60 -38.36
CA GLY I 17 37.16 9.38 -38.47
C GLY I 17 36.77 7.92 -38.55
N GLN I 18 37.49 7.05 -37.80
CA GLN I 18 37.26 5.61 -37.79
C GLN I 18 37.27 5.03 -36.37
N LYS I 19 36.47 3.96 -36.16
CA LYS I 19 36.37 3.26 -34.88
C LYS I 19 37.62 2.40 -34.68
N VAL I 20 38.24 2.49 -33.50
CA VAL I 20 39.45 1.74 -33.16
C VAL I 20 39.31 1.09 -31.77
N THR I 21 39.91 -0.10 -31.60
CA THR I 21 39.83 -0.85 -30.33
C THR I 21 41.19 -1.18 -29.72
N ILE I 22 41.29 -1.03 -28.39
CA ILE I 22 42.47 -1.35 -27.58
C ILE I 22 42.06 -2.43 -26.58
N SER I 23 42.74 -3.58 -26.61
CA SER I 23 42.46 -4.73 -25.75
C SER I 23 43.22 -4.70 -24.41
N CYS I 24 42.69 -5.45 -23.43
CA CYS I 24 43.26 -5.59 -22.09
C CYS I 24 43.10 -7.02 -21.60
N SER I 25 44.20 -7.64 -21.17
CA SER I 25 44.17 -9.02 -20.68
C SER I 25 44.58 -9.10 -19.22
N GLY I 26 43.87 -9.94 -18.48
CA GLY I 26 44.12 -10.15 -17.06
C GLY I 26 43.76 -11.53 -16.58
N SER I 27 43.63 -11.67 -15.26
CA SER I 27 43.28 -12.92 -14.60
C SER I 27 42.05 -12.75 -13.71
N SER I 28 41.66 -13.84 -13.01
CA SER I 28 40.54 -13.87 -12.06
C SER I 28 40.84 -12.98 -10.84
N SER I 29 42.14 -12.77 -10.56
CA SER I 29 42.67 -11.96 -9.47
C SER I 29 42.36 -10.47 -9.67
N ASN I 30 42.23 -10.01 -10.93
CA ASN I 30 41.95 -8.63 -11.27
C ASN I 30 40.64 -8.47 -12.08
N ILE I 31 40.71 -8.25 -13.42
CA ILE I 31 39.59 -8.06 -14.36
C ILE I 31 38.45 -9.07 -14.15
N GLY I 32 38.82 -10.32 -13.89
CA GLY I 32 37.89 -11.43 -13.63
C GLY I 32 36.91 -11.19 -12.49
N ASN I 33 37.36 -10.48 -11.44
CA ASN I 33 36.53 -10.17 -10.28
C ASN I 33 36.62 -8.69 -9.83
N ASN I 34 36.77 -7.76 -10.80
CA ASN I 34 36.85 -6.32 -10.52
C ASN I 34 36.25 -5.45 -11.64
N TYR I 35 36.70 -4.18 -11.73
CA TYR I 35 36.23 -3.21 -12.73
C TYR I 35 37.40 -2.51 -13.40
N VAL I 36 37.36 -2.43 -14.74
CA VAL I 36 38.41 -1.85 -15.58
C VAL I 36 38.20 -0.36 -15.81
N SER I 37 39.30 0.40 -15.73
CA SER I 37 39.38 1.83 -15.93
C SER I 37 40.44 2.16 -16.98
N TRP I 38 40.14 3.12 -17.87
CA TRP I 38 41.01 3.54 -18.96
C TRP I 38 41.55 4.95 -18.76
N TYR I 39 42.83 5.16 -19.10
CA TYR I 39 43.52 6.44 -18.93
C TYR I 39 44.15 6.94 -20.22
N GLN I 40 44.02 8.26 -20.51
CA GLN I 40 44.59 8.91 -21.68
C GLN I 40 45.79 9.76 -21.26
N GLN I 41 46.97 9.47 -21.82
CA GLN I 41 48.19 10.21 -21.51
C GLN I 41 48.79 10.86 -22.75
N LEU I 42 48.53 12.16 -22.93
CA LEU I 42 49.04 12.96 -24.05
C LEU I 42 50.55 13.23 -23.88
N PRO I 43 51.33 13.43 -24.98
CA PRO I 43 52.78 13.66 -24.81
C PRO I 43 53.10 14.90 -23.98
N GLY I 44 53.86 14.68 -22.91
CA GLY I 44 54.25 15.72 -21.96
C GLY I 44 53.11 16.18 -21.09
N THR I 45 52.11 15.31 -20.87
CA THR I 45 50.92 15.58 -20.06
C THR I 45 50.67 14.44 -19.07
N ALA I 46 49.99 14.75 -17.95
CA ALA I 46 49.60 13.80 -16.91
C ALA I 46 48.44 12.92 -17.41
N PRO I 47 48.29 11.65 -16.94
CA PRO I 47 47.16 10.84 -17.39
C PRO I 47 45.79 11.42 -17.01
N LYS I 48 44.76 11.10 -17.81
CA LYS I 48 43.39 11.60 -17.62
C LYS I 48 42.41 10.42 -17.60
N LEU I 49 41.50 10.39 -16.60
CA LEU I 49 40.50 9.33 -16.47
C LEU I 49 39.49 9.42 -17.63
N LEU I 50 39.47 8.35 -18.46
CA LEU I 50 38.63 8.25 -19.65
C LEU I 50 37.39 7.40 -19.38
N ILE I 51 37.58 6.17 -18.85
CA ILE I 51 36.52 5.21 -18.53
C ILE I 51 36.74 4.69 -17.10
N TYR I 52 35.64 4.37 -16.39
CA TYR I 52 35.62 3.80 -15.04
C TYR I 52 34.44 2.83 -14.92
N ASP I 53 34.55 1.81 -14.04
CA ASP I 53 33.54 0.77 -13.81
C ASP I 53 33.12 0.07 -15.12
N ASN I 54 34.12 -0.32 -15.94
CA ASN I 54 34.03 -1.01 -17.23
C ASN I 54 33.45 -0.18 -18.37
N ASN I 55 32.26 0.43 -18.18
CA ASN I 55 31.56 1.17 -19.24
C ASN I 55 31.38 2.68 -19.01
N LYS I 56 31.17 3.10 -17.74
CA LYS I 56 30.92 4.50 -17.36
C LYS I 56 32.07 5.46 -17.70
N ARG I 57 31.73 6.70 -18.05
CA ARG I 57 32.68 7.76 -18.39
C ARG I 57 32.39 9.06 -17.60
N PRO I 58 33.42 9.74 -17.04
CA PRO I 58 33.15 10.97 -16.27
C PRO I 58 32.79 12.18 -17.14
N SER I 59 32.35 13.28 -16.49
CA SER I 59 31.96 14.53 -17.14
C SER I 59 33.15 15.15 -17.89
N GLY I 60 32.87 15.67 -19.09
CA GLY I 60 33.87 16.26 -19.96
C GLY I 60 34.32 15.33 -21.08
N ILE I 61 34.31 14.01 -20.79
CA ILE I 61 34.68 12.95 -21.74
C ILE I 61 33.55 12.78 -22.76
N PRO I 62 33.83 12.89 -24.08
CA PRO I 62 32.75 12.75 -25.07
C PRO I 62 32.21 11.33 -25.24
N ASP I 63 31.03 11.20 -25.90
CA ASP I 63 30.36 9.93 -26.17
C ASP I 63 31.17 9.03 -27.14
N ARG I 64 32.19 9.63 -27.78
CA ARG I 64 33.13 8.99 -28.73
C ARG I 64 33.93 7.84 -28.10
N PHE I 65 34.18 7.94 -26.78
CA PHE I 65 34.92 6.94 -26.03
C PHE I 65 33.98 5.92 -25.39
N SER I 66 34.23 4.62 -25.65
CA SER I 66 33.43 3.49 -25.18
C SER I 66 34.30 2.47 -24.43
N GLY I 67 33.64 1.71 -23.55
CA GLY I 67 34.27 0.67 -22.74
C GLY I 67 33.37 -0.54 -22.56
N SER I 68 33.97 -1.74 -22.62
CA SER I 68 33.27 -3.02 -22.47
C SER I 68 34.16 -4.07 -21.83
N LYS I 69 33.59 -4.92 -20.95
CA LYS I 69 34.31 -5.99 -20.25
C LYS I 69 33.63 -7.35 -20.48
N SER I 70 34.46 -8.40 -20.70
CA SER I 70 34.01 -9.77 -20.90
C SER I 70 35.02 -10.73 -20.27
N GLY I 71 34.64 -11.28 -19.11
CA GLY I 71 35.46 -12.23 -18.35
C GLY I 71 36.73 -11.61 -17.82
N THR I 72 37.89 -12.16 -18.24
CA THR I 72 39.22 -11.68 -17.84
C THR I 72 39.80 -10.69 -18.86
N SER I 73 38.97 -10.24 -19.82
CA SER I 73 39.35 -9.29 -20.87
C SER I 73 38.44 -8.06 -20.94
N ALA I 74 39.02 -6.92 -21.34
CA ALA I 74 38.32 -5.64 -21.49
C ALA I 74 38.78 -4.91 -22.76
N THR I 75 37.88 -4.09 -23.35
CA THR I 75 38.17 -3.35 -24.59
C THR I 75 37.72 -1.88 -24.53
N LEU I 76 38.52 -0.99 -25.15
CA LEU I 76 38.27 0.45 -25.26
C LEU I 76 37.95 0.77 -26.72
N GLY I 77 36.93 1.59 -26.94
CA GLY I 77 36.50 1.97 -28.28
C GLY I 77 36.49 3.46 -28.56
N ILE I 78 37.31 3.90 -29.52
CA ILE I 78 37.41 5.32 -29.90
C ILE I 78 36.79 5.54 -31.30
N THR I 79 35.55 6.09 -31.34
CA THR I 79 34.81 6.37 -32.57
C THR I 79 35.05 7.82 -33.01
N GLY I 80 35.00 8.06 -34.33
CA GLY I 80 35.19 9.38 -34.93
C GLY I 80 36.55 9.97 -34.60
N LEU I 81 37.62 9.23 -34.93
CA LEU I 81 39.02 9.55 -34.68
C LEU I 81 39.47 10.92 -35.20
N GLN I 82 40.37 11.58 -34.46
CA GLN I 82 40.94 12.89 -34.78
C GLN I 82 42.42 12.99 -34.37
N THR I 83 43.11 14.07 -34.82
CA THR I 83 44.52 14.34 -34.54
C THR I 83 44.82 14.44 -33.03
N GLY I 84 43.89 15.05 -32.29
CA GLY I 84 43.99 15.25 -30.85
C GLY I 84 44.00 13.98 -30.02
N ASP I 85 43.43 12.87 -30.56
CA ASP I 85 43.36 11.57 -29.91
C ASP I 85 44.72 10.86 -29.79
N GLU I 86 45.71 11.25 -30.63
CA GLU I 86 47.07 10.71 -30.67
C GLU I 86 47.75 10.83 -29.29
N ALA I 87 47.65 9.74 -28.49
CA ALA I 87 48.20 9.65 -27.13
C ALA I 87 48.40 8.18 -26.69
N ASP I 88 49.08 7.97 -25.54
CA ASP I 88 49.31 6.64 -24.95
C ASP I 88 48.12 6.28 -24.05
N TYR I 89 47.54 5.09 -24.27
CA TYR I 89 46.37 4.61 -23.51
C TYR I 89 46.73 3.48 -22.56
N TYR I 90 46.37 3.64 -21.28
CA TYR I 90 46.68 2.69 -20.21
C TYR I 90 45.46 2.00 -19.61
N CYS I 91 45.69 0.80 -19.04
CA CYS I 91 44.71 -0.04 -18.36
C CYS I 91 44.84 0.14 -16.86
N GLY I 92 43.78 -0.16 -16.13
CA GLY I 92 43.78 -0.04 -14.68
C GLY I 92 42.64 -0.74 -13.98
N THR I 93 42.98 -1.60 -13.01
CA THR I 93 42.02 -2.35 -12.20
C THR I 93 42.64 -2.71 -10.84
N TRP I 94 41.80 -3.17 -9.91
CA TRP I 94 42.24 -3.59 -8.59
C TRP I 94 42.52 -5.10 -8.59
N ASP I 95 43.67 -5.50 -8.03
CA ASP I 95 44.02 -6.91 -7.93
C ASP I 95 43.83 -7.34 -6.48
N SER I 96 42.81 -8.17 -6.24
CA SER I 96 42.42 -8.67 -4.92
C SER I 96 43.50 -9.48 -4.20
N SER I 97 44.21 -10.36 -4.94
CA SER I 97 45.27 -11.21 -4.38
C SER I 97 46.53 -10.40 -4.03
N LEU I 98 46.90 -9.44 -4.90
CA LEU I 98 48.08 -8.59 -4.70
C LEU I 98 47.78 -7.42 -3.75
N SER I 99 46.48 -7.11 -3.52
CA SER I 99 45.98 -6.01 -2.69
C SER I 99 46.60 -4.68 -3.13
N ALA I 100 46.68 -4.49 -4.46
CA ALA I 100 47.26 -3.32 -5.12
C ALA I 100 46.60 -3.05 -6.47
N TRP I 101 46.61 -1.78 -6.91
CA TRP I 101 46.04 -1.36 -8.19
C TRP I 101 47.05 -1.72 -9.28
N VAL I 102 46.63 -2.50 -10.27
CA VAL I 102 47.52 -2.95 -11.36
C VAL I 102 47.23 -2.22 -12.67
N PHE I 103 48.31 -1.78 -13.34
CA PHE I 103 48.25 -1.06 -14.61
C PHE I 103 48.71 -1.92 -15.79
N GLY I 104 48.32 -1.49 -16.99
CA GLY I 104 48.69 -2.13 -18.24
C GLY I 104 49.97 -1.56 -18.79
N GLY I 105 50.51 -2.23 -19.82
CA GLY I 105 51.76 -1.85 -20.48
C GLY I 105 51.73 -0.49 -21.15
N GLY I 106 50.64 -0.21 -21.87
CA GLY I 106 50.45 1.04 -22.59
C GLY I 106 50.33 0.82 -24.08
N THR I 107 49.37 1.53 -24.72
CA THR I 107 49.11 1.42 -26.14
C THR I 107 49.29 2.76 -26.86
N LYS I 108 50.26 2.85 -27.77
CA LYS I 108 50.56 4.05 -28.53
C LYS I 108 49.59 4.17 -29.71
N LEU I 109 48.67 5.16 -29.63
CA LEU I 109 47.71 5.42 -30.70
C LEU I 109 48.30 6.42 -31.67
N THR I 110 48.35 6.05 -32.96
CA THR I 110 48.86 6.91 -34.02
C THR I 110 47.80 7.11 -35.10
N VAL I 111 47.44 8.38 -35.37
CA VAL I 111 46.46 8.76 -36.38
C VAL I 111 47.12 8.70 -37.77
N LEU I 112 46.32 8.46 -38.84
CA LEU I 112 46.73 8.34 -40.24
C LEU I 112 47.62 7.09 -40.44
N GLN J 3 7.90 -2.27 30.74
CA GLN J 3 7.63 -0.85 31.00
C GLN J 3 6.47 -0.34 30.12
N VAL J 4 6.62 -0.51 28.80
CA VAL J 4 5.63 -0.09 27.79
C VAL J 4 4.61 -1.24 27.61
N GLN J 5 3.31 -0.94 27.70
CA GLN J 5 2.26 -1.94 27.54
C GLN J 5 1.27 -1.54 26.44
N LEU J 6 0.75 -2.54 25.71
CA LEU J 6 -0.17 -2.36 24.58
C LEU J 6 -1.63 -2.55 25.00
N VAL J 7 -2.38 -1.43 25.01
CA VAL J 7 -3.79 -1.37 25.40
C VAL J 7 -4.67 -1.49 24.14
N GLN J 8 -5.53 -2.51 24.12
CA GLN J 8 -6.44 -2.77 23.01
C GLN J 8 -7.85 -2.23 23.24
N SER J 9 -8.68 -2.23 22.17
CA SER J 9 -10.07 -1.79 22.23
C SER J 9 -10.93 -2.87 22.87
N GLY J 10 -12.14 -2.49 23.28
CA GLY J 10 -13.10 -3.38 23.92
C GLY J 10 -13.65 -4.44 22.97
N ALA J 11 -14.04 -5.60 23.55
CA ALA J 11 -14.61 -6.73 22.83
C ALA J 11 -15.94 -6.34 22.17
N GLU J 12 -16.15 -6.76 20.91
CA GLU J 12 -17.35 -6.42 20.15
C GLU J 12 -18.05 -7.64 19.54
N VAL J 13 -19.37 -7.51 19.31
CA VAL J 13 -20.22 -8.51 18.68
C VAL J 13 -20.79 -7.85 17.41
N LYS J 14 -20.40 -8.37 16.23
CA LYS J 14 -20.86 -7.81 14.95
C LYS J 14 -21.61 -8.81 14.08
N LYS J 15 -22.44 -8.29 13.17
CA LYS J 15 -23.24 -9.03 12.21
C LYS J 15 -22.40 -9.41 10.97
N PRO J 16 -22.71 -10.52 10.24
CA PRO J 16 -21.90 -10.86 9.05
C PRO J 16 -22.02 -9.85 7.92
N GLY J 17 -20.88 -9.51 7.33
CA GLY J 17 -20.78 -8.53 6.25
C GLY J 17 -20.22 -7.20 6.71
N SER J 18 -20.29 -6.93 8.03
CA SER J 18 -19.80 -5.69 8.66
C SER J 18 -18.26 -5.62 8.70
N SER J 19 -17.72 -4.50 9.20
CA SER J 19 -16.29 -4.27 9.32
C SER J 19 -15.96 -3.81 10.75
N VAL J 20 -15.08 -4.56 11.43
CA VAL J 20 -14.67 -4.25 12.81
C VAL J 20 -13.26 -3.63 12.84
N LYS J 21 -13.13 -2.49 13.53
CA LYS J 21 -11.85 -1.78 13.67
C LYS J 21 -11.35 -1.91 15.11
N VAL J 22 -10.27 -2.68 15.29
CA VAL J 22 -9.65 -2.96 16.58
C VAL J 22 -8.52 -1.96 16.85
N SER J 23 -8.55 -1.32 18.03
CA SER J 23 -7.54 -0.35 18.46
C SER J 23 -6.40 -1.06 19.21
N CYS J 24 -5.21 -0.43 19.23
CA CYS J 24 -4.00 -0.92 19.89
C CYS J 24 -3.06 0.27 20.18
N LYS J 25 -3.25 0.93 21.33
CA LYS J 25 -2.44 2.07 21.74
C LYS J 25 -1.25 1.63 22.58
N ALA J 26 -0.05 2.14 22.24
CA ALA J 26 1.18 1.85 22.97
C ALA J 26 1.45 2.98 23.96
N SER J 27 1.08 2.73 25.23
CA SER J 27 1.27 3.72 26.29
C SER J 27 2.70 3.74 26.78
N GLY J 28 3.21 4.96 26.93
CA GLY J 28 4.58 5.24 27.33
C GLY J 28 5.24 6.13 26.30
N GLY J 29 6.02 5.52 25.42
CA GLY J 29 6.72 6.23 24.35
C GLY J 29 7.42 5.31 23.36
N THR J 30 8.12 5.93 22.39
CA THR J 30 8.89 5.30 21.31
C THR J 30 8.03 4.36 20.44
N PHE J 31 6.77 4.77 20.15
CA PHE J 31 5.80 4.01 19.35
C PHE J 31 6.27 3.78 17.92
N SER J 32 6.90 4.80 17.30
CA SER J 32 7.43 4.75 15.93
C SER J 32 8.61 3.78 15.78
N THR J 33 9.40 3.59 16.87
CA THR J 33 10.54 2.69 16.95
C THR J 33 10.11 1.22 16.74
N TYR J 34 8.95 0.83 17.31
CA TYR J 34 8.40 -0.53 17.23
C TYR J 34 7.81 -0.90 15.88
N GLY J 35 7.67 -2.20 15.67
CA GLY J 35 7.08 -2.82 14.49
C GLY J 35 5.87 -3.61 14.95
N ILE J 36 4.70 -2.95 14.92
CA ILE J 36 3.40 -3.49 15.37
C ILE J 36 2.92 -4.65 14.50
N SER J 37 2.49 -5.75 15.14
CA SER J 37 1.98 -6.98 14.51
C SER J 37 0.54 -7.29 14.94
N TRP J 38 -0.17 -8.11 14.15
CA TRP J 38 -1.56 -8.53 14.41
C TRP J 38 -1.73 -10.03 14.20
N VAL J 39 -2.09 -10.74 15.29
CA VAL J 39 -2.29 -12.20 15.29
C VAL J 39 -3.67 -12.51 15.92
N ARG J 40 -4.50 -13.32 15.23
CA ARG J 40 -5.82 -13.73 15.72
C ARG J 40 -5.83 -15.19 16.19
N GLN J 41 -6.73 -15.52 17.12
CA GLN J 41 -6.85 -16.88 17.67
C GLN J 41 -8.30 -17.25 17.95
N ALA J 42 -8.85 -18.19 17.14
CA ALA J 42 -10.22 -18.69 17.29
C ALA J 42 -10.35 -19.49 18.59
N PRO J 43 -11.53 -19.48 19.29
CA PRO J 43 -11.63 -20.22 20.57
C PRO J 43 -11.29 -21.71 20.45
N GLY J 44 -10.29 -22.11 21.24
CA GLY J 44 -9.78 -23.48 21.27
C GLY J 44 -9.04 -23.90 20.01
N GLN J 45 -8.43 -22.92 19.32
CA GLN J 45 -7.69 -23.13 18.07
C GLN J 45 -6.29 -22.49 18.13
N GLY J 46 -5.50 -22.69 17.08
CA GLY J 46 -4.15 -22.16 16.97
C GLY J 46 -4.09 -20.68 16.62
N LEU J 47 -2.86 -20.13 16.55
CA LEU J 47 -2.62 -18.72 16.22
C LEU J 47 -2.50 -18.51 14.72
N GLU J 48 -3.15 -17.45 14.20
CA GLU J 48 -3.15 -17.09 12.79
C GLU J 48 -2.64 -15.65 12.62
N TRP J 49 -1.51 -15.51 11.91
CA TRP J 49 -0.88 -14.21 11.63
C TRP J 49 -1.70 -13.47 10.57
N MET J 50 -1.98 -12.19 10.83
CA MET J 50 -2.78 -11.36 9.93
C MET J 50 -1.90 -10.39 9.14
N GLY J 51 -1.05 -9.66 9.86
CA GLY J 51 -0.15 -8.68 9.27
C GLY J 51 0.56 -7.79 10.26
N GLY J 52 1.00 -6.64 9.78
CA GLY J 52 1.70 -5.65 10.59
C GLY J 52 2.03 -4.35 9.87
N ILE J 53 2.47 -3.33 10.65
CA ILE J 53 2.85 -2.01 10.14
C ILE J 53 3.94 -1.35 11.01
N ILE J 54 4.85 -0.60 10.36
CA ILE J 54 5.90 0.17 11.04
C ILE J 54 5.41 1.63 10.97
N PRO J 55 5.06 2.26 12.12
CA PRO J 55 4.52 3.64 12.06
C PRO J 55 5.47 4.70 11.52
N ILE J 56 6.79 4.55 11.75
CA ILE J 56 7.81 5.51 11.31
C ILE J 56 7.94 5.54 9.76
N PHE J 57 7.74 4.41 9.08
CA PHE J 57 7.84 4.33 7.62
C PHE J 57 6.47 4.27 6.93
N ASP J 58 5.40 3.95 7.71
CA ASP J 58 4.02 3.78 7.26
C ASP J 58 3.90 2.63 6.24
N THR J 59 4.88 1.70 6.27
CA THR J 59 4.98 0.54 5.40
C THR J 59 4.30 -0.65 6.09
N GLY J 60 3.31 -1.21 5.42
CA GLY J 60 2.54 -2.34 5.92
C GLY J 60 2.71 -3.62 5.13
N ASN J 61 2.37 -4.74 5.77
CA ASN J 61 2.41 -6.08 5.20
C ASN J 61 1.21 -6.87 5.73
N SER J 62 0.52 -7.58 4.84
CA SER J 62 -0.66 -8.38 5.18
C SER J 62 -0.56 -9.79 4.59
N ALA J 63 -1.26 -10.76 5.21
CA ALA J 63 -1.27 -12.15 4.76
C ALA J 63 -2.15 -12.31 3.50
N GLN J 64 -1.66 -13.09 2.53
CA GLN J 64 -2.34 -13.35 1.25
C GLN J 64 -3.65 -14.13 1.42
N SER J 65 -3.75 -14.94 2.49
CA SER J 65 -4.91 -15.77 2.83
C SER J 65 -6.18 -14.96 3.11
N PHE J 66 -6.03 -13.71 3.58
CA PHE J 66 -7.14 -12.82 3.91
C PHE J 66 -7.79 -12.14 2.70
N GLN J 67 -7.17 -12.25 1.50
CA GLN J 67 -7.63 -11.69 0.22
C GLN J 67 -7.85 -10.15 0.23
N GLY J 68 -7.09 -9.45 1.07
CA GLY J 68 -7.14 -8.00 1.19
C GLY J 68 -8.31 -7.45 1.99
N ARG J 69 -8.81 -8.23 2.98
CA ARG J 69 -9.91 -7.81 3.85
C ARG J 69 -9.36 -6.97 5.01
N VAL J 70 -8.13 -7.29 5.45
CA VAL J 70 -7.44 -6.61 6.54
C VAL J 70 -6.83 -5.29 6.05
N THR J 71 -7.05 -4.21 6.81
CA THR J 71 -6.52 -2.89 6.51
C THR J 71 -5.85 -2.34 7.79
N ILE J 72 -4.54 -2.63 7.94
CA ILE J 72 -3.75 -2.19 9.11
C ILE J 72 -3.28 -0.76 8.91
N THR J 73 -3.72 0.13 9.81
CA THR J 73 -3.37 1.55 9.81
C THR J 73 -2.69 1.95 11.12
N ALA J 74 -2.00 3.10 11.15
CA ALA J 74 -1.31 3.61 12.33
C ALA J 74 -1.28 5.14 12.38
N ASP J 75 -1.36 5.70 13.60
CA ASP J 75 -1.30 7.13 13.85
C ASP J 75 -0.32 7.42 14.99
N GLU J 76 0.82 8.03 14.65
CA GLU J 76 1.91 8.37 15.56
C GLU J 76 1.53 9.39 16.63
N SER J 77 0.72 10.41 16.24
CA SER J 77 0.24 11.48 17.12
C SER J 77 -0.53 10.92 18.33
N THR J 78 -1.46 9.99 18.06
CA THR J 78 -2.27 9.33 19.09
C THR J 78 -1.57 8.10 19.67
N SER J 79 -0.47 7.65 19.01
CA SER J 79 0.35 6.48 19.37
C SER J 79 -0.48 5.18 19.39
N THR J 80 -1.44 5.09 18.45
CA THR J 80 -2.38 3.97 18.32
C THR J 80 -2.27 3.30 16.94
N ALA J 81 -2.42 1.96 16.93
CA ALA J 81 -2.42 1.12 15.73
C ALA J 81 -3.80 0.50 15.56
N TYR J 82 -4.33 0.51 14.32
CA TYR J 82 -5.66 -0.02 14.03
C TYR J 82 -5.66 -1.19 13.06
N MET J 83 -6.63 -2.10 13.23
CA MET J 83 -6.84 -3.28 12.39
C MET J 83 -8.31 -3.32 11.98
N GLU J 84 -8.58 -3.16 10.68
CA GLU J 84 -9.95 -3.19 10.15
C GLU J 84 -10.18 -4.40 9.25
N LEU J 85 -11.05 -5.33 9.70
CA LEU J 85 -11.40 -6.54 8.95
C LEU J 85 -12.79 -6.40 8.33
N SER J 86 -12.82 -6.07 7.03
CA SER J 86 -14.04 -5.87 6.23
C SER J 86 -14.67 -7.20 5.84
N SER J 87 -16.00 -7.19 5.56
CA SER J 87 -16.81 -8.35 5.17
C SER J 87 -16.63 -9.52 6.14
N LEU J 88 -17.15 -9.37 7.36
CA LEU J 88 -17.05 -10.36 8.44
C LEU J 88 -17.80 -11.65 8.14
N ARG J 89 -17.18 -12.79 8.49
CA ARG J 89 -17.71 -14.14 8.30
C ARG J 89 -17.85 -14.82 9.66
N SER J 90 -18.63 -15.92 9.74
CA SER J 90 -18.84 -16.69 10.98
C SER J 90 -17.54 -17.30 11.50
N GLU J 91 -16.62 -17.67 10.58
CA GLU J 91 -15.31 -18.24 10.87
C GLU J 91 -14.33 -17.21 11.46
N ASP J 92 -14.59 -15.90 11.24
CA ASP J 92 -13.76 -14.80 11.74
C ASP J 92 -13.90 -14.58 13.26
N THR J 93 -14.78 -15.34 13.93
CA THR J 93 -15.00 -15.27 15.38
C THR J 93 -13.72 -15.73 16.10
N ALA J 94 -12.91 -14.75 16.54
CA ALA J 94 -11.61 -15.01 17.19
C ALA J 94 -11.22 -13.93 18.21
N VAL J 95 -10.14 -14.20 18.97
CA VAL J 95 -9.53 -13.28 19.94
C VAL J 95 -8.43 -12.57 19.16
N TYR J 96 -8.58 -11.26 18.93
CA TYR J 96 -7.63 -10.46 18.17
C TYR J 96 -6.58 -9.80 19.04
N TYR J 97 -5.32 -10.18 18.82
CA TYR J 97 -4.16 -9.67 19.57
C TYR J 97 -3.28 -8.77 18.70
N CYS J 98 -2.67 -7.77 19.33
CA CYS J 98 -1.70 -6.87 18.70
C CYS J 98 -0.39 -7.01 19.46
N ALA J 99 0.74 -6.97 18.76
CA ALA J 99 2.05 -7.11 19.41
C ALA J 99 3.08 -6.10 18.92
N ARG J 100 4.20 -5.93 19.66
CA ARG J 100 5.28 -4.99 19.30
C ARG J 100 6.68 -5.63 19.34
N SER J 101 7.64 -5.02 18.60
CA SER J 101 9.05 -5.46 18.51
C SER J 101 9.94 -4.32 18.04
N SER J 102 11.07 -4.11 18.75
CA SER J 102 12.05 -3.06 18.45
C SER J 102 13.00 -3.48 17.30
N ARG J 103 13.09 -4.79 17.02
CA ARG J 103 13.95 -5.37 15.99
C ARG J 103 13.22 -5.51 14.65
N ILE J 104 13.77 -4.89 13.59
CA ILE J 104 13.20 -4.93 12.23
C ILE J 104 14.18 -5.65 11.29
N TYR J 105 13.85 -6.91 10.94
CA TYR J 105 14.66 -7.75 10.08
C TYR J 105 14.36 -7.58 8.59
N ASP J 106 15.40 -7.71 7.75
CA ASP J 106 15.38 -7.62 6.28
C ASP J 106 14.83 -6.29 5.74
N LEU J 107 15.27 -5.15 6.31
CA LEU J 107 14.87 -3.84 5.82
C LEU J 107 15.74 -3.51 4.61
N ASN J 108 15.21 -3.86 3.44
CA ASN J 108 15.84 -3.74 2.13
C ASN J 108 14.75 -3.39 1.11
N PRO J 109 15.00 -2.50 0.12
CA PRO J 109 13.94 -2.19 -0.87
C PRO J 109 13.55 -3.39 -1.74
N SER J 110 14.43 -4.41 -1.84
CA SER J 110 14.23 -5.63 -2.61
C SER J 110 13.78 -6.83 -1.76
N LEU J 111 13.49 -6.60 -0.47
CA LEU J 111 13.04 -7.65 0.46
C LEU J 111 11.82 -7.21 1.28
N THR J 112 10.98 -8.18 1.66
CA THR J 112 9.82 -7.92 2.50
C THR J 112 10.30 -7.87 3.96
N ALA J 113 10.26 -6.66 4.57
CA ALA J 113 10.70 -6.43 5.95
C ALA J 113 9.76 -7.11 6.95
N TYR J 114 10.34 -7.81 7.94
CA TYR J 114 9.59 -8.53 8.97
C TYR J 114 10.10 -8.27 10.39
N TYR J 115 9.29 -8.67 11.39
CA TYR J 115 9.57 -8.50 12.83
C TYR J 115 8.83 -9.54 13.67
N ASP J 116 9.36 -9.84 14.86
CA ASP J 116 8.80 -10.81 15.81
C ASP J 116 7.66 -10.20 16.65
N MET J 117 7.15 -10.97 17.63
CA MET J 117 6.07 -10.54 18.53
C MET J 117 6.61 -10.57 19.97
N ASP J 118 7.47 -9.60 20.31
CA ASP J 118 8.12 -9.50 21.63
C ASP J 118 7.13 -9.30 22.79
N VAL J 119 6.29 -8.25 22.72
CA VAL J 119 5.32 -7.92 23.76
C VAL J 119 3.90 -7.93 23.15
N TRP J 120 3.01 -8.80 23.69
CA TRP J 120 1.64 -8.96 23.23
C TRP J 120 0.62 -8.13 24.03
N GLY J 121 -0.49 -7.79 23.37
CA GLY J 121 -1.60 -7.04 23.95
C GLY J 121 -2.56 -7.99 24.66
N GLN J 122 -3.45 -7.42 25.49
CA GLN J 122 -4.43 -8.18 26.27
C GLN J 122 -5.41 -9.04 25.43
N GLY J 123 -5.74 -8.55 24.22
CA GLY J 123 -6.65 -9.22 23.31
C GLY J 123 -8.02 -8.58 23.21
N THR J 124 -8.69 -8.75 22.07
CA THR J 124 -10.03 -8.22 21.79
C THR J 124 -10.90 -9.30 21.16
N MET J 125 -11.92 -9.77 21.90
CA MET J 125 -12.82 -10.82 21.43
C MET J 125 -13.86 -10.28 20.44
N VAL J 126 -13.83 -10.80 19.21
CA VAL J 126 -14.76 -10.41 18.15
C VAL J 126 -15.65 -11.63 17.84
N THR J 127 -16.98 -11.47 17.98
CA THR J 127 -17.95 -12.53 17.75
C THR J 127 -18.90 -12.19 16.60
N VAL J 128 -19.02 -13.10 15.62
CA VAL J 128 -19.89 -12.93 14.43
C VAL J 128 -21.11 -13.86 14.54
N SER J 129 -22.23 -13.32 15.05
CA SER J 129 -23.49 -14.04 15.24
C SER J 129 -24.18 -14.38 13.93
N SER J 130 -24.60 -15.64 13.77
CA SER J 130 -25.30 -16.15 12.58
C SER J 130 -26.60 -16.84 12.97
N GLN K 3 -5.18 -26.18 8.14
CA GLN K 3 -4.05 -26.87 8.74
C GLN K 3 -2.81 -25.97 8.83
N SER K 4 -2.10 -26.04 9.98
CA SER K 4 -0.90 -25.24 10.24
C SER K 4 0.28 -25.66 9.37
N VAL K 5 1.14 -24.69 9.00
CA VAL K 5 2.33 -24.88 8.16
C VAL K 5 3.40 -25.64 8.96
N LEU K 6 3.68 -25.19 10.19
CA LEU K 6 4.67 -25.80 11.09
C LEU K 6 4.02 -26.93 11.90
N THR K 7 4.62 -28.13 11.85
CA THR K 7 4.12 -29.32 12.54
C THR K 7 4.62 -29.41 13.97
N GLN K 8 3.68 -29.42 14.92
CA GLN K 8 3.92 -29.52 16.37
C GLN K 8 3.09 -30.66 16.98
N PRO K 9 3.59 -31.37 18.02
CA PRO K 9 2.78 -32.44 18.62
C PRO K 9 1.53 -31.89 19.31
N PRO K 10 0.37 -32.61 19.28
CA PRO K 10 -0.85 -32.06 19.90
C PRO K 10 -0.78 -31.89 21.42
N SER K 11 -0.22 -32.89 22.13
CA SER K 11 -0.09 -32.86 23.59
C SER K 11 1.20 -33.52 24.07
N VAL K 12 1.76 -33.00 25.18
CA VAL K 12 2.98 -33.49 25.82
C VAL K 12 2.78 -33.54 27.34
N SER K 13 3.09 -34.70 27.97
CA SER K 13 2.96 -34.92 29.41
C SER K 13 4.29 -35.25 30.07
N ALA K 14 4.54 -34.67 31.27
CA ALA K 14 5.77 -34.87 32.04
C ALA K 14 5.56 -34.69 33.55
N ALA K 15 6.43 -35.32 34.36
CA ALA K 15 6.42 -35.25 35.82
C ALA K 15 7.16 -33.99 36.32
N PRO K 16 6.78 -33.40 37.49
CA PRO K 16 7.48 -32.19 37.97
C PRO K 16 8.97 -32.39 38.23
N GLY K 17 9.75 -31.35 37.93
CA GLY K 17 11.20 -31.33 38.09
C GLY K 17 11.93 -32.21 37.09
N GLN K 18 11.44 -32.24 35.84
CA GLN K 18 12.03 -33.06 34.76
C GLN K 18 12.16 -32.28 33.46
N LYS K 19 13.21 -32.61 32.66
CA LYS K 19 13.46 -32.02 31.36
C LYS K 19 12.45 -32.57 30.35
N VAL K 20 11.83 -31.67 29.57
CA VAL K 20 10.83 -32.04 28.56
C VAL K 20 11.12 -31.31 27.22
N THR K 21 10.83 -31.97 26.09
CA THR K 21 11.08 -31.42 24.77
C THR K 21 9.85 -31.35 23.88
N ILE K 22 9.71 -30.22 23.14
CA ILE K 22 8.64 -29.96 22.19
C ILE K 22 9.29 -29.75 20.81
N SER K 23 8.91 -30.58 19.83
CA SER K 23 9.45 -30.54 18.47
C SER K 23 8.70 -29.59 17.53
N CYS K 24 9.39 -29.17 16.44
CA CYS K 24 8.85 -28.30 15.41
C CYS K 24 9.35 -28.77 14.04
N SER K 25 8.43 -29.01 13.10
CA SER K 25 8.78 -29.49 11.75
C SER K 25 8.34 -28.51 10.66
N GLY K 26 9.27 -28.19 9.76
CA GLY K 26 9.03 -27.29 8.64
C GLY K 26 9.76 -27.67 7.38
N SER K 27 9.93 -26.70 6.46
CA SER K 27 10.61 -26.89 5.18
C SER K 27 11.74 -25.88 4.97
N SER K 28 12.36 -25.87 3.77
CA SER K 28 13.44 -24.96 3.39
C SER K 28 12.94 -23.51 3.26
N SER K 29 11.62 -23.35 2.97
CA SER K 29 10.95 -22.06 2.82
C SER K 29 10.87 -21.28 4.14
N ASN K 30 10.77 -22.01 5.27
CA ASN K 30 10.66 -21.41 6.60
C ASN K 30 11.90 -21.72 7.48
N ILE K 31 11.78 -22.66 8.47
CA ILE K 31 12.81 -23.07 9.45
C ILE K 31 14.22 -23.25 8.83
N GLY K 32 14.30 -23.94 7.69
CA GLY K 32 15.54 -24.22 6.98
C GLY K 32 16.40 -23.01 6.66
N ASN K 33 15.76 -21.89 6.27
CA ASN K 33 16.45 -20.64 5.92
C ASN K 33 15.96 -19.43 6.75
N ASN K 34 15.55 -19.66 8.02
CA ASN K 34 15.08 -18.61 8.93
C ASN K 34 15.40 -18.93 10.41
N TYR K 35 14.77 -18.20 11.36
CA TYR K 35 14.99 -18.34 12.80
C TYR K 35 13.68 -18.64 13.53
N VAL K 36 13.72 -19.66 14.41
CA VAL K 36 12.57 -20.15 15.17
C VAL K 36 12.40 -19.41 16.50
N SER K 37 11.14 -19.08 16.82
CA SER K 37 10.72 -18.39 18.04
C SER K 37 9.61 -19.20 18.73
N TRP K 38 9.69 -19.28 20.07
CA TRP K 38 8.74 -20.03 20.89
C TRP K 38 7.87 -19.11 21.75
N TYR K 39 6.58 -19.46 21.89
CA TYR K 39 5.60 -18.68 22.63
C TYR K 39 4.87 -19.51 23.68
N GLN K 40 4.69 -18.93 24.88
CA GLN K 40 3.98 -19.56 26.01
C GLN K 40 2.61 -18.90 26.17
N GLN K 41 1.53 -19.70 26.06
CA GLN K 41 0.16 -19.21 26.20
C GLN K 41 -0.57 -19.91 27.34
N LEU K 42 -0.66 -19.23 28.49
CA LEU K 42 -1.34 -19.73 29.69
C LEU K 42 -2.87 -19.68 29.50
N PRO K 43 -3.68 -20.57 30.15
CA PRO K 43 -5.14 -20.53 29.93
C PRO K 43 -5.77 -19.20 30.31
N GLY K 44 -6.47 -18.59 29.34
CA GLY K 44 -7.11 -17.30 29.48
C GLY K 44 -6.14 -16.14 29.53
N THR K 45 -4.94 -16.33 28.94
CA THR K 45 -3.87 -15.34 28.90
C THR K 45 -3.32 -15.18 27.47
N ALA K 46 -2.74 -14.01 27.17
CA ALA K 46 -2.14 -13.67 25.89
C ALA K 46 -0.78 -14.40 25.74
N PRO K 47 -0.33 -14.76 24.51
CA PRO K 47 0.99 -15.42 24.37
C PRO K 47 2.16 -14.57 24.85
N LYS K 48 3.24 -15.23 25.29
CA LYS K 48 4.44 -14.57 25.80
C LYS K 48 5.69 -15.09 25.08
N LEU K 49 6.56 -14.18 24.60
CA LEU K 49 7.80 -14.54 23.90
C LEU K 49 8.75 -15.25 24.87
N LEU K 50 9.05 -16.52 24.56
CA LEU K 50 9.90 -17.39 25.37
C LEU K 50 11.31 -17.47 24.79
N ILE K 51 11.42 -17.83 23.50
CA ILE K 51 12.68 -17.97 22.76
C ILE K 51 12.58 -17.20 21.43
N TYR K 52 13.72 -16.64 20.96
CA TYR K 52 13.86 -15.91 19.70
C TYR K 52 15.25 -16.20 19.10
N ASP K 53 15.38 -16.13 17.76
CA ASP K 53 16.62 -16.41 17.02
C ASP K 53 17.21 -17.80 17.37
N ASN K 54 16.34 -18.82 17.37
CA ASN K 54 16.61 -20.25 17.65
C ASN K 54 16.98 -20.56 19.12
N ASN K 55 17.99 -19.86 19.68
CA ASN K 55 18.49 -20.14 21.04
C ASN K 55 18.29 -19.03 22.08
N LYS K 56 18.37 -17.75 21.66
CA LYS K 56 18.27 -16.57 22.55
C LYS K 56 16.93 -16.45 23.27
N ARG K 57 16.96 -15.93 24.51
CA ARG K 57 15.77 -15.73 25.35
C ARG K 57 15.73 -14.29 25.90
N PRO K 58 14.56 -13.61 25.89
CA PRO K 58 14.51 -12.22 26.41
C PRO K 58 14.58 -12.13 27.93
N SER K 59 14.73 -10.89 28.46
CA SER K 59 14.82 -10.60 29.89
C SER K 59 13.52 -11.01 30.61
N GLY K 60 13.67 -11.60 31.79
CA GLY K 60 12.56 -12.09 32.59
C GLY K 60 12.37 -13.59 32.48
N ILE K 61 12.69 -14.16 31.29
CA ILE K 61 12.59 -15.59 31.00
C ILE K 61 13.75 -16.31 31.71
N PRO K 62 13.46 -17.33 32.56
CA PRO K 62 14.54 -18.04 33.28
C PRO K 62 15.42 -18.92 32.38
N ASP K 63 16.59 -19.32 32.91
CA ASP K 63 17.58 -20.19 32.24
C ASP K 63 17.04 -21.60 31.99
N ARG K 64 15.92 -21.95 32.66
CA ARG K 64 15.23 -23.24 32.57
C ARG K 64 14.73 -23.54 31.15
N PHE K 65 14.36 -22.48 30.39
CA PHE K 65 13.88 -22.60 29.01
C PHE K 65 15.03 -22.54 28.02
N SER K 66 15.11 -23.56 27.13
CA SER K 66 16.16 -23.74 26.13
C SER K 66 15.58 -23.89 24.72
N GLY K 67 16.38 -23.55 23.72
CA GLY K 67 16.03 -23.62 22.30
C GLY K 67 17.19 -24.05 21.43
N SER K 68 16.91 -24.92 20.43
CA SER K 68 17.90 -25.44 19.49
C SER K 68 17.28 -25.72 18.12
N LYS K 69 18.04 -25.43 17.04
CA LYS K 69 17.60 -25.65 15.66
C LYS K 69 18.57 -26.53 14.89
N SER K 70 18.04 -27.45 14.08
CA SER K 70 18.81 -28.38 13.24
C SER K 70 18.07 -28.62 11.92
N GLY K 71 18.56 -27.99 10.85
CA GLY K 71 18.00 -28.07 9.51
C GLY K 71 16.61 -27.48 9.41
N THR K 72 15.63 -28.31 9.03
CA THR K 72 14.22 -27.93 8.88
C THR K 72 13.41 -28.21 10.17
N SER K 73 14.12 -28.57 11.27
CA SER K 73 13.52 -28.88 12.56
C SER K 73 14.09 -28.06 13.71
N ALA K 74 13.26 -27.80 14.73
CA ALA K 74 13.63 -27.04 15.94
C ALA K 74 13.03 -27.69 17.19
N THR K 75 13.71 -27.53 18.35
CA THR K 75 13.26 -28.11 19.62
C THR K 75 13.34 -27.11 20.80
N LEU K 76 12.34 -27.20 21.70
CA LEU K 76 12.23 -26.39 22.92
C LEU K 76 12.48 -27.30 24.13
N GLY K 77 13.27 -26.82 25.10
CA GLY K 77 13.61 -27.58 26.29
C GLY K 77 13.25 -26.92 27.60
N ILE K 78 12.35 -27.54 28.38
CA ILE K 78 11.91 -27.02 29.67
C ILE K 78 12.47 -27.90 30.82
N THR K 79 13.52 -27.40 31.49
CA THR K 79 14.17 -28.09 32.62
C THR K 79 13.59 -27.62 33.95
N GLY K 80 13.59 -28.50 34.95
CA GLY K 80 13.07 -28.23 36.29
C GLY K 80 11.61 -27.83 36.28
N LEU K 81 10.76 -28.71 35.71
CA LEU K 81 9.32 -28.54 35.54
C LEU K 81 8.55 -28.21 36.82
N GLN K 82 7.51 -27.38 36.69
CA GLN K 82 6.63 -26.95 37.79
C GLN K 82 5.17 -26.81 37.34
N THR K 83 4.24 -26.61 38.31
CA THR K 83 2.79 -26.47 38.08
C THR K 83 2.46 -25.26 37.18
N GLY K 84 3.21 -24.17 37.36
CA GLY K 84 3.06 -22.93 36.60
C GLY K 84 3.34 -23.03 35.12
N ASP K 85 4.18 -24.02 34.72
CA ASP K 85 4.57 -24.27 33.33
C ASP K 85 3.43 -24.80 32.46
N GLU K 86 2.38 -25.40 33.09
CA GLU K 86 1.20 -25.97 32.43
C GLU K 86 0.50 -24.92 31.55
N ALA K 87 0.85 -24.92 30.24
CA ALA K 87 0.34 -23.99 29.23
C ALA K 87 0.50 -24.55 27.80
N ASP K 88 -0.10 -23.87 26.80
CA ASP K 88 -0.01 -24.23 25.38
C ASP K 88 1.23 -23.55 24.78
N TYR K 89 2.09 -24.34 24.12
CA TYR K 89 3.32 -23.84 23.51
C TYR K 89 3.24 -23.82 21.98
N TYR K 90 3.55 -22.65 21.39
CA TYR K 90 3.47 -22.43 19.94
C TYR K 90 4.83 -22.17 19.27
N CYS K 91 4.89 -22.47 17.96
CA CYS K 91 6.04 -22.28 17.08
C CYS K 91 5.84 -21.00 16.27
N GLY K 92 6.95 -20.43 15.79
CA GLY K 92 6.90 -19.21 14.99
C GLY K 92 8.17 -18.90 14.25
N THR K 93 8.06 -18.70 12.92
CA THR K 93 9.18 -18.37 12.03
C THR K 93 8.68 -17.63 10.78
N TRP K 94 9.59 -16.94 10.07
CA TRP K 94 9.24 -16.20 8.86
C TRP K 94 9.38 -17.08 7.62
N ASP K 95 8.29 -17.18 6.84
CA ASP K 95 8.27 -17.96 5.60
C ASP K 95 8.56 -17.03 4.42
N SER K 96 9.68 -17.27 3.73
CA SER K 96 10.16 -16.46 2.60
C SER K 96 9.27 -16.56 1.35
N SER K 97 8.80 -17.79 1.02
CA SER K 97 7.97 -18.03 -0.16
C SER K 97 6.55 -17.47 0.00
N LEU K 98 5.96 -17.63 1.21
CA LEU K 98 4.62 -17.15 1.51
C LEU K 98 4.61 -15.66 1.87
N SER K 99 5.80 -15.09 2.19
CA SER K 99 6.01 -13.70 2.61
C SER K 99 5.11 -13.33 3.80
N ALA K 100 5.00 -14.28 4.75
CA ALA K 100 4.17 -14.20 5.95
C ALA K 100 4.78 -15.00 7.11
N TRP K 101 4.48 -14.58 8.35
CA TRP K 101 4.95 -15.26 9.56
C TRP K 101 4.07 -16.49 9.79
N VAL K 102 4.69 -17.68 9.87
CA VAL K 102 3.95 -18.93 10.04
C VAL K 102 4.06 -19.49 11.45
N PHE K 103 2.91 -19.93 12.00
CA PHE K 103 2.79 -20.50 13.34
C PHE K 103 2.58 -22.01 13.32
N GLY K 104 2.85 -22.66 14.45
CA GLY K 104 2.68 -24.11 14.62
C GLY K 104 1.25 -24.52 14.91
N GLY K 105 1.09 -25.78 15.32
CA GLY K 105 -0.21 -26.35 15.67
C GLY K 105 -0.61 -26.11 17.11
N GLY K 106 0.40 -26.09 17.99
CA GLY K 106 0.24 -25.89 19.43
C GLY K 106 0.44 -27.16 20.21
N THR K 107 1.19 -27.09 21.31
CA THR K 107 1.48 -28.25 22.16
C THR K 107 0.99 -28.03 23.59
N LYS K 108 0.02 -28.86 24.02
CA LYS K 108 -0.55 -28.80 25.36
C LYS K 108 0.37 -29.50 26.37
N LEU K 109 1.01 -28.70 27.25
CA LEU K 109 1.89 -29.24 28.29
C LEU K 109 1.05 -29.51 29.53
N THR K 110 1.01 -30.80 29.96
CA THR K 110 0.24 -31.24 31.12
C THR K 110 1.14 -31.81 32.22
N VAL K 111 0.99 -31.29 33.45
CA VAL K 111 1.78 -31.68 34.63
C VAL K 111 0.85 -32.28 35.72
N LEU K 112 1.26 -33.41 36.32
CA LEU K 112 0.49 -34.07 37.38
C LEU K 112 0.84 -33.49 38.75
N GLN L 3 4.25 -8.79 -26.59
CA GLN L 3 3.02 -8.74 -27.39
C GLN L 3 1.87 -8.09 -26.61
N SER L 4 1.09 -7.24 -27.30
CA SER L 4 -0.06 -6.52 -26.72
C SER L 4 -1.26 -7.43 -26.45
N VAL L 5 -1.95 -7.20 -25.31
CA VAL L 5 -3.14 -7.96 -24.89
C VAL L 5 -4.28 -7.72 -25.90
N LEU L 6 -4.52 -6.45 -26.26
CA LEU L 6 -5.55 -6.04 -27.22
C LEU L 6 -4.96 -6.07 -28.64
N THR L 7 -5.62 -6.79 -29.56
CA THR L 7 -5.18 -6.95 -30.94
C THR L 7 -5.67 -5.81 -31.84
N GLN L 8 -4.71 -5.08 -32.43
CA GLN L 8 -4.96 -3.96 -33.35
C GLN L 8 -4.18 -4.16 -34.66
N PRO L 9 -4.71 -3.72 -35.83
CA PRO L 9 -3.95 -3.87 -37.08
C PRO L 9 -2.66 -3.03 -37.09
N PRO L 10 -1.55 -3.51 -37.69
CA PRO L 10 -0.30 -2.73 -37.66
C PRO L 10 -0.35 -1.39 -38.41
N SER L 11 -0.95 -1.38 -39.60
CA SER L 11 -1.08 -0.17 -40.42
C SER L 11 -2.40 -0.14 -41.19
N VAL L 12 -2.93 1.08 -41.40
CA VAL L 12 -4.17 1.36 -42.11
C VAL L 12 -3.96 2.56 -43.05
N SER L 13 -4.34 2.41 -44.35
CA SER L 13 -4.21 3.44 -45.37
C SER L 13 -5.55 3.82 -45.98
N ALA L 14 -5.77 5.14 -46.21
CA ALA L 14 -7.00 5.69 -46.78
C ALA L 14 -6.78 7.02 -47.51
N ALA L 15 -7.68 7.33 -48.47
CA ALA L 15 -7.65 8.56 -49.27
C ALA L 15 -8.33 9.73 -48.51
N PRO L 16 -7.91 11.01 -48.72
CA PRO L 16 -8.54 12.13 -47.99
C PRO L 16 -10.04 12.27 -48.24
N GLY L 17 -10.77 12.66 -47.19
CA GLY L 17 -12.21 12.86 -47.22
C GLY L 17 -13.00 11.57 -47.32
N GLN L 18 -12.52 10.51 -46.64
CA GLN L 18 -13.14 9.19 -46.64
C GLN L 18 -13.24 8.58 -45.25
N LYS L 19 -14.30 7.78 -45.01
CA LYS L 19 -14.53 7.07 -43.75
C LYS L 19 -13.56 5.90 -43.65
N VAL L 20 -12.88 5.78 -42.49
CA VAL L 20 -11.92 4.71 -42.24
C VAL L 20 -12.17 4.06 -40.87
N THR L 21 -11.92 2.74 -40.75
CA THR L 21 -12.15 1.99 -39.52
C THR L 21 -10.91 1.27 -38.99
N ILE L 22 -10.72 1.33 -37.66
CA ILE L 22 -9.64 0.67 -36.93
C ILE L 22 -10.29 -0.31 -35.94
N SER L 23 -9.96 -1.60 -36.05
CA SER L 23 -10.51 -2.66 -35.20
C SER L 23 -9.72 -2.90 -33.91
N CYS L 24 -10.40 -3.51 -32.91
CA CYS L 24 -9.82 -3.85 -31.61
C CYS L 24 -10.36 -5.21 -31.17
N SER L 25 -9.47 -6.16 -30.87
CA SER L 25 -9.87 -7.49 -30.44
C SER L 25 -9.44 -7.79 -29.02
N GLY L 26 -10.43 -7.97 -28.16
CA GLY L 26 -10.22 -8.27 -26.76
C GLY L 26 -10.80 -9.61 -26.35
N SER L 27 -10.91 -9.82 -25.04
CA SER L 27 -11.45 -11.05 -24.46
C SER L 27 -12.58 -10.72 -23.51
N SER L 28 -13.16 -11.77 -22.88
CA SER L 28 -14.21 -11.67 -21.87
C SER L 28 -13.68 -10.93 -20.63
N SER L 29 -12.36 -11.06 -20.37
CA SER L 29 -11.65 -10.45 -19.26
C SER L 29 -11.57 -8.92 -19.38
N ASN L 30 -11.50 -8.37 -20.60
CA ASN L 30 -11.39 -6.93 -20.81
C ASN L 30 -12.61 -6.37 -21.59
N ILE L 31 -12.43 -5.94 -22.87
CA ILE L 31 -13.43 -5.35 -23.79
C ILE L 31 -14.86 -5.90 -23.58
N GLY L 32 -15.00 -7.22 -23.58
CA GLY L 32 -16.28 -7.92 -23.41
C GLY L 32 -17.06 -7.48 -22.19
N ASN L 33 -16.38 -7.36 -21.04
CA ASN L 33 -17.01 -6.94 -19.78
C ASN L 33 -16.52 -5.56 -19.28
N ASN L 34 -16.07 -4.70 -20.20
CA ASN L 34 -15.60 -3.35 -19.86
C ASN L 34 -15.94 -2.31 -20.94
N TYR L 35 -15.24 -1.16 -20.92
CA TYR L 35 -15.46 -0.04 -21.84
C TYR L 35 -14.16 0.33 -22.54
N VAL L 36 -14.24 0.48 -23.88
CA VAL L 36 -13.11 0.78 -24.76
C VAL L 36 -12.90 2.29 -24.93
N SER L 37 -11.63 2.71 -24.88
CA SER L 37 -11.17 4.08 -25.05
C SER L 37 -10.12 4.15 -26.15
N TRP L 38 -10.19 5.19 -27.00
CA TRP L 38 -9.27 5.39 -28.12
C TRP L 38 -8.36 6.60 -27.91
N TYR L 39 -7.08 6.45 -28.32
CA TYR L 39 -6.06 7.49 -28.15
C TYR L 39 -5.36 7.85 -29.46
N GLN L 40 -5.15 9.16 -29.70
CA GLN L 40 -4.47 9.67 -30.89
C GLN L 40 -3.07 10.14 -30.51
N GLN L 41 -2.03 9.55 -31.14
CA GLN L 41 -0.64 9.92 -30.87
C GLN L 41 0.06 10.41 -32.13
N LEU L 42 0.18 11.75 -32.25
CA LEU L 42 0.85 12.40 -33.38
C LEU L 42 2.38 12.23 -33.27
N PRO L 43 3.14 12.22 -34.40
CA PRO L 43 4.60 12.04 -34.29
C PRO L 43 5.30 13.09 -33.45
N GLY L 44 6.01 12.63 -32.42
CA GLY L 44 6.72 13.48 -31.47
C GLY L 44 5.79 14.23 -30.53
N THR L 45 4.58 13.67 -30.29
CA THR L 45 3.55 14.24 -29.43
C THR L 45 3.02 13.18 -28.46
N ALA L 46 2.51 13.63 -27.30
CA ALA L 46 1.91 12.80 -26.26
C ALA L 46 0.53 12.29 -26.72
N PRO L 47 0.05 11.10 -26.28
CA PRO L 47 -1.29 10.64 -26.69
C PRO L 47 -2.42 11.57 -26.24
N LYS L 48 -3.53 11.58 -26.99
CA LYS L 48 -4.70 12.42 -26.70
C LYS L 48 -5.96 11.56 -26.66
N LEU L 49 -6.80 11.74 -25.62
CA LEU L 49 -8.05 10.99 -25.45
C LEU L 49 -9.03 11.40 -26.55
N LEU L 50 -9.40 10.43 -27.40
CA LEU L 50 -10.29 10.60 -28.53
C LEU L 50 -11.70 10.12 -28.22
N ILE L 51 -11.83 8.86 -27.74
CA ILE L 51 -13.10 8.22 -27.38
C ILE L 51 -12.98 7.59 -25.98
N TYR L 52 -14.08 7.57 -25.22
CA TYR L 52 -14.20 6.96 -23.89
C TYR L 52 -15.60 6.34 -23.73
N ASP L 53 -15.72 5.30 -22.89
CA ASP L 53 -16.98 4.56 -22.64
C ASP L 53 -17.63 4.07 -23.95
N ASN L 54 -16.81 3.45 -24.82
CA ASN L 54 -17.15 2.87 -26.13
C ASN L 54 -17.53 3.89 -27.22
N ASN L 55 -18.50 4.79 -26.94
CA ASN L 55 -19.01 5.75 -27.93
C ASN L 55 -18.76 7.23 -27.64
N LYS L 56 -18.78 7.63 -26.35
CA LYS L 56 -18.62 9.03 -25.91
C LYS L 56 -17.27 9.65 -26.29
N ARG L 57 -17.27 10.96 -26.58
CA ARG L 57 -16.07 11.72 -26.95
C ARG L 57 -15.96 13.01 -26.10
N PRO L 58 -14.75 13.36 -25.58
CA PRO L 58 -14.63 14.58 -24.77
C PRO L 58 -14.71 15.87 -25.58
N SER L 59 -14.80 17.02 -24.88
CA SER L 59 -14.87 18.36 -25.49
C SER L 59 -13.60 18.67 -26.28
N GLY L 60 -13.78 19.28 -27.44
CA GLY L 60 -12.68 19.62 -28.35
C GLY L 60 -12.54 18.65 -29.50
N ILE L 61 -12.90 17.37 -29.26
CA ILE L 61 -12.86 16.30 -30.25
C ILE L 61 -14.05 16.49 -31.22
N PRO L 62 -13.81 16.58 -32.55
CA PRO L 62 -14.93 16.78 -33.49
C PRO L 62 -15.85 15.57 -33.66
N ASP L 63 -17.04 15.80 -34.25
CA ASP L 63 -18.06 14.78 -34.52
C ASP L 63 -17.59 13.73 -35.55
N ARG L 64 -16.49 14.04 -36.25
CA ARG L 64 -15.82 13.21 -37.26
C ARG L 64 -15.32 11.88 -36.70
N PHE L 65 -14.97 11.84 -35.41
CA PHE L 65 -14.49 10.64 -34.73
C PHE L 65 -15.64 9.90 -34.06
N SER L 66 -15.78 8.61 -34.38
CA SER L 66 -16.83 7.71 -33.90
C SER L 66 -16.26 6.47 -33.22
N GLY L 67 -17.06 5.88 -32.33
CA GLY L 67 -16.71 4.68 -31.58
C GLY L 67 -17.91 3.75 -31.39
N SER L 68 -17.67 2.44 -31.53
CA SER L 68 -18.69 1.40 -31.38
C SER L 68 -18.09 0.11 -30.81
N LYS L 69 -18.84 -0.58 -29.95
CA LYS L 69 -18.38 -1.84 -29.35
C LYS L 69 -19.45 -2.93 -29.47
N SER L 70 -19.04 -4.12 -29.94
CA SER L 70 -19.91 -5.29 -30.08
C SER L 70 -19.19 -6.53 -29.53
N GLY L 71 -19.55 -6.91 -28.30
CA GLY L 71 -18.98 -8.04 -27.60
C GLY L 71 -17.54 -7.82 -27.20
N THR L 72 -16.65 -8.74 -27.61
CA THR L 72 -15.21 -8.69 -27.32
C THR L 72 -14.43 -7.90 -28.39
N SER L 73 -15.16 -7.14 -29.24
CA SER L 73 -14.54 -6.36 -30.31
C SER L 73 -15.12 -4.95 -30.43
N ALA L 74 -14.23 -3.95 -30.61
CA ALA L 74 -14.59 -2.55 -30.76
C ALA L 74 -13.98 -1.93 -32.02
N THR L 75 -14.62 -0.88 -32.55
CA THR L 75 -14.19 -0.20 -33.78
C THR L 75 -14.21 1.34 -33.65
N LEU L 76 -13.21 1.99 -34.27
CA LEU L 76 -13.06 3.46 -34.33
C LEU L 76 -13.35 3.92 -35.76
N GLY L 77 -14.10 5.00 -35.91
CA GLY L 77 -14.47 5.54 -37.21
C GLY L 77 -14.07 6.98 -37.44
N ILE L 78 -13.20 7.23 -38.43
CA ILE L 78 -12.73 8.56 -38.78
C ILE L 78 -13.33 9.00 -40.13
N THR L 79 -14.36 9.87 -40.09
CA THR L 79 -15.03 10.41 -41.27
C THR L 79 -14.42 11.75 -41.69
N GLY L 80 -14.46 12.04 -42.99
CA GLY L 80 -13.92 13.28 -43.57
C GLY L 80 -12.44 13.45 -43.31
N LEU L 81 -11.65 12.44 -43.72
CA LEU L 81 -10.20 12.35 -43.53
C LEU L 81 -9.41 13.56 -44.06
N GLN L 82 -8.31 13.91 -43.35
CA GLN L 82 -7.42 15.02 -43.68
C GLN L 82 -5.95 14.68 -43.35
N THR L 83 -5.00 15.54 -43.80
CA THR L 83 -3.56 15.39 -43.60
C THR L 83 -3.17 15.36 -42.11
N GLY L 84 -3.86 16.16 -41.30
CA GLY L 84 -3.64 16.28 -39.86
C GLY L 84 -3.95 15.02 -39.06
N ASP L 85 -4.84 14.15 -39.60
CA ASP L 85 -5.25 12.89 -38.97
C ASP L 85 -4.14 11.83 -38.94
N GLU L 86 -3.12 11.96 -39.82
CA GLU L 86 -1.97 11.05 -39.95
C GLU L 86 -1.21 10.92 -38.61
N ALA L 87 -1.58 9.88 -37.83
CA ALA L 87 -1.02 9.59 -36.50
C ALA L 87 -1.22 8.11 -36.11
N ASP L 88 -0.59 7.67 -35.01
CA ASP L 88 -0.72 6.32 -34.46
C ASP L 88 -1.91 6.26 -33.52
N TYR L 89 -2.82 5.29 -33.74
CA TYR L 89 -4.03 5.12 -32.93
C TYR L 89 -3.96 3.89 -32.03
N TYR L 90 -4.21 4.10 -30.72
CA TYR L 90 -4.13 3.06 -29.71
C TYR L 90 -5.48 2.71 -29.05
N CYS L 91 -5.56 1.47 -28.54
CA CYS L 91 -6.70 0.91 -27.82
C CYS L 91 -6.45 0.98 -26.32
N GLY L 92 -7.51 0.96 -25.54
CA GLY L 92 -7.42 1.03 -24.08
C GLY L 92 -8.67 0.65 -23.34
N THR L 93 -8.52 -0.29 -22.40
CA THR L 93 -9.60 -0.79 -21.53
C THR L 93 -8.99 -1.37 -20.25
N TRP L 94 -9.84 -1.87 -19.34
CA TRP L 94 -9.43 -2.43 -18.06
C TRP L 94 -9.54 -3.96 -18.08
N ASP L 95 -8.42 -4.66 -17.76
CA ASP L 95 -8.39 -6.12 -17.70
C ASP L 95 -8.65 -6.56 -16.26
N SER L 96 -9.83 -7.16 -16.01
CA SER L 96 -10.29 -7.62 -14.69
C SER L 96 -9.40 -8.68 -14.04
N SER L 97 -8.93 -9.67 -14.83
CA SER L 97 -8.09 -10.76 -14.33
C SER L 97 -6.67 -10.29 -14.01
N LEU L 98 -6.11 -9.42 -14.87
CA LEU L 98 -4.76 -8.87 -14.70
C LEU L 98 -4.73 -7.71 -13.70
N SER L 99 -5.92 -7.11 -13.42
CA SER L 99 -6.12 -5.95 -12.52
C SER L 99 -5.20 -4.78 -12.95
N ALA L 100 -5.18 -4.53 -14.27
CA ALA L 100 -4.36 -3.51 -14.90
C ALA L 100 -5.01 -3.02 -16.21
N TRP L 101 -4.78 -1.74 -16.55
CA TRP L 101 -5.28 -1.13 -17.78
C TRP L 101 -4.46 -1.68 -18.93
N VAL L 102 -5.12 -2.30 -19.91
CA VAL L 102 -4.45 -2.91 -21.06
C VAL L 102 -4.58 -2.07 -22.33
N PHE L 103 -3.48 -1.94 -23.06
CA PHE L 103 -3.39 -1.18 -24.30
C PHE L 103 -3.26 -2.09 -25.53
N GLY L 104 -3.58 -1.53 -26.69
CA GLY L 104 -3.47 -2.20 -27.98
C GLY L 104 -2.09 -2.05 -28.58
N GLY L 105 -1.86 -2.75 -29.68
CA GLY L 105 -0.59 -2.73 -30.40
C GLY L 105 -0.23 -1.38 -31.02
N GLY L 106 -1.22 -0.76 -31.65
CA GLY L 106 -1.08 0.53 -32.33
C GLY L 106 -1.34 0.41 -33.81
N THR L 107 -2.08 1.38 -34.37
CA THR L 107 -2.42 1.40 -35.79
C THR L 107 -1.91 2.68 -36.47
N LYS L 108 -0.99 2.52 -37.43
CA LYS L 108 -0.40 3.62 -38.18
C LYS L 108 -1.35 4.06 -39.30
N LEU L 109 -1.95 5.25 -39.15
CA LEU L 109 -2.85 5.81 -40.16
C LEU L 109 -2.03 6.63 -41.14
N THR L 110 -2.05 6.24 -42.43
CA THR L 110 -1.29 6.88 -43.50
C THR L 110 -2.23 7.46 -44.57
N VAL L 111 -2.04 8.76 -44.89
CA VAL L 111 -2.85 9.51 -45.85
C VAL L 111 -1.94 10.00 -47.01
N LEU L 112 -2.41 9.82 -48.27
CA LEU L 112 -1.67 10.25 -49.46
C LEU L 112 -1.99 11.71 -49.80
#